data_7OU0
#
_entry.id   7OU0
#
_cell.length_a   1.00
_cell.length_b   1.00
_cell.length_c   1.00
_cell.angle_alpha   90.00
_cell.angle_beta   90.00
_cell.angle_gamma   90.00
#
_symmetry.space_group_name_H-M   'P 1'
#
loop_
_entity.id
_entity.type
_entity.pdbx_description
1 polymer 'DNA mismatch repair protein MutS'
2 non-polymer 'MAGNESIUM ION'
3 non-polymer "ADENOSINE-5'-DIPHOSPHATE"
4 non-polymer 'VANADATE ION'
#
_entity_poly.entity_id   1
_entity_poly.type   'polypeptide(L)'
_entity_poly.pdbx_seq_one_letter_code
;HHHHHHMSAIENFDAHTPMMQQYLRLKAQHPEILLFYRMGDFYELFYDDAKRASQLLDISLTKRGASAGEPIPMAGIPYH
AVENYLAKLVNQGESVAICEQIGDPATSKGPVERKVVRIVTPGTISDEALLQERQDNLLAAIWQDSKGFGYATLDISSGR
FRLSEPADRETMAAELQRTNPAELLYAEDFAEMSLIEGRRGLRRRPLWEFEIDTARQQLNLQFGTRDLVGFGVENAPRGL
CAAGCLLQYAKDTQRTTLPHIRSITMEREQDSIIMDAATRRNLEITQNLAGGAENTLASVLDCTVTPMGSRMLKRWLHMP
VRDTRVLLERQQTIGALQDFTAGLQPVLRQVGDLERILARLALRTARPRDLARMRHAFQQLPELRAQLETVDSAPVQALR
EKMGEFAELRDLLERAIIDTPPVLVRDGGVIASGYNEELDEWRALADGATDYLERLEVRERERTGLDTLKVGFNAVHGYY
IQISRGQSHLAPINYMRRQTLKNAERYIIPELKEYEDKVLTSKGKALALEKQLYEELFDLLLPHLEALQQSASALAELDV
LVNLAERAYTLNYTCPTFIDKPGIRITEGRHPVVEQVLNEPFIANPLNLSPQRRMLIITGPNMGGKSTYMRQTALIALMA
YIGSYVPAQKVEIGPIDRIFTRVGAADDLASGRSTFMVEMTETANILHNATEYSLVLMDEIGRGTSTYDGLSLAWACAEN
LANKIKALTLFATHYFELTQLPEKMEGVANVHLDALEHGDTIAFMHSVQDGAASKSYGLAVAALAGVPKEVIKRARQKLR
ELESIS
;
_entity_poly.pdbx_strand_id   B,A
#
# COMPACT_ATOMS: atom_id res chain seq x y z
N ASP A 136 -43.90 -1.79 -22.20
CA ASP A 136 -42.42 -1.79 -21.99
C ASP A 136 -41.92 -0.34 -21.87
N ASN A 137 -42.37 0.54 -22.78
CA ASN A 137 -42.03 1.99 -22.70
C ASN A 137 -40.53 2.16 -22.48
N LEU A 138 -39.69 1.37 -23.17
CA LEU A 138 -38.22 1.41 -22.89
C LEU A 138 -37.43 1.95 -24.07
N LEU A 139 -36.69 3.04 -23.87
CA LEU A 139 -35.80 3.60 -24.93
C LEU A 139 -34.41 3.06 -24.60
N ALA A 140 -33.62 2.63 -25.59
CA ALA A 140 -32.31 2.01 -25.32
C ALA A 140 -31.23 2.57 -26.24
N ALA A 141 -29.96 2.39 -25.88
CA ALA A 141 -28.83 2.83 -26.73
C ALA A 141 -27.75 1.75 -26.64
N ILE A 142 -26.95 1.59 -27.70
CA ILE A 142 -25.87 0.56 -27.72
C ILE A 142 -24.61 1.18 -28.32
N TRP A 143 -23.43 0.72 -27.89
CA TRP A 143 -22.15 1.29 -28.38
C TRP A 143 -21.13 0.16 -28.51
N GLN A 144 -20.14 0.31 -29.40
CA GLN A 144 -19.06 -0.69 -29.56
C GLN A 144 -17.73 0.04 -29.66
N ASP A 145 -16.64 -0.54 -29.12
CA ASP A 145 -15.27 0.05 -29.24
C ASP A 145 -14.28 -1.08 -28.99
N SER A 146 -12.98 -0.79 -29.02
CA SER A 146 -11.93 -1.81 -28.74
C SER A 146 -12.07 -2.36 -27.33
N LYS A 147 -12.37 -1.51 -26.35
CA LYS A 147 -12.45 -1.93 -24.92
C LYS A 147 -13.56 -2.98 -24.72
N GLY A 148 -14.72 -2.80 -25.36
CA GLY A 148 -15.87 -3.71 -25.16
C GLY A 148 -17.15 -3.15 -25.75
N PHE A 149 -18.30 -3.52 -25.19
CA PHE A 149 -19.61 -2.97 -25.65
C PHE A 149 -20.27 -2.20 -24.50
N GLY A 150 -20.96 -1.10 -24.79
CA GLY A 150 -21.66 -0.31 -23.76
C GLY A 150 -23.13 -0.32 -24.08
N TYR A 151 -23.98 -0.21 -23.05
CA TYR A 151 -25.45 -0.26 -23.25
C TYR A 151 -26.11 0.73 -22.29
N ALA A 152 -27.33 1.18 -22.59
CA ALA A 152 -28.08 2.10 -21.71
C ALA A 152 -29.56 1.76 -21.80
N THR A 153 -30.33 2.06 -20.76
CA THR A 153 -31.80 1.78 -20.75
C THR A 153 -32.50 2.97 -20.10
N LEU A 154 -33.65 3.40 -20.62
CA LEU A 154 -34.44 4.46 -19.95
C LEU A 154 -35.91 4.07 -20.01
N ASP A 155 -36.57 4.01 -18.86
CA ASP A 155 -38.01 3.65 -18.82
C ASP A 155 -38.79 4.96 -18.73
N ILE A 156 -39.67 5.21 -19.70
CA ILE A 156 -40.47 6.48 -19.73
C ILE A 156 -41.42 6.50 -18.52
N SER A 157 -42.06 5.36 -18.21
CA SER A 157 -43.07 5.29 -17.13
C SER A 157 -42.48 5.51 -15.73
N SER A 158 -41.33 4.91 -15.43
CA SER A 158 -40.76 4.97 -14.06
C SER A 158 -39.57 5.92 -13.94
N GLY A 159 -39.15 6.56 -15.03
CA GLY A 159 -37.95 7.42 -14.98
C GLY A 159 -36.73 6.64 -14.51
N ARG A 160 -36.61 5.36 -14.90
CA ARG A 160 -35.48 4.52 -14.43
C ARG A 160 -34.37 4.53 -15.48
N PHE A 161 -33.22 5.09 -15.15
CA PHE A 161 -32.11 5.21 -16.14
C PHE A 161 -30.97 4.31 -15.66
N ARG A 162 -30.58 3.32 -16.46
CA ARG A 162 -29.53 2.37 -16.04
C ARG A 162 -28.53 2.18 -17.19
N LEU A 163 -27.28 1.80 -16.86
CA LEU A 163 -26.28 1.53 -17.93
C LEU A 163 -25.60 0.18 -17.67
N SER A 164 -25.04 -0.42 -18.72
CA SER A 164 -24.31 -1.72 -18.57
C SER A 164 -23.06 -1.68 -19.44
N GLU A 165 -22.06 -2.50 -19.13
CA GLU A 165 -20.85 -2.63 -19.99
C GLU A 165 -20.58 -4.11 -20.24
N PRO A 166 -21.40 -4.83 -21.04
CA PRO A 166 -21.24 -6.26 -21.22
C PRO A 166 -20.06 -6.38 -22.20
N ALA A 167 -19.02 -7.15 -21.84
CA ALA A 167 -17.78 -7.21 -22.66
C ALA A 167 -17.75 -8.39 -23.64
N ASP A 168 -18.86 -9.14 -23.77
CA ASP A 168 -18.95 -10.29 -24.71
C ASP A 168 -20.06 -10.04 -25.73
N ARG A 169 -19.85 -10.46 -26.99
CA ARG A 169 -20.88 -10.28 -28.05
C ARG A 169 -22.12 -11.11 -27.66
N GLU A 170 -21.90 -12.34 -27.18
CA GLU A 170 -23.02 -13.22 -26.78
C GLU A 170 -23.77 -12.62 -25.60
N THR A 171 -23.05 -12.06 -24.61
CA THR A 171 -23.67 -11.43 -23.43
C THR A 171 -24.49 -10.23 -23.90
N MET A 172 -23.96 -9.46 -24.85
CA MET A 172 -24.68 -8.28 -25.38
C MET A 172 -25.96 -8.76 -26.07
N ALA A 173 -25.89 -9.90 -26.78
CA ALA A 173 -27.09 -10.46 -27.46
C ALA A 173 -28.13 -10.90 -26.42
N ALA A 174 -27.68 -11.55 -25.34
CA ALA A 174 -28.60 -11.97 -24.27
C ALA A 174 -29.20 -10.74 -23.59
N GLU A 175 -28.38 -9.72 -23.35
CA GLU A 175 -28.86 -8.48 -22.69
C GLU A 175 -29.89 -7.80 -23.58
N LEU A 176 -29.66 -7.78 -24.90
CA LEU A 176 -30.58 -7.10 -25.84
C LEU A 176 -31.94 -7.78 -25.76
N GLN A 177 -31.95 -9.11 -25.76
CA GLN A 177 -33.22 -9.88 -25.65
C GLN A 177 -33.87 -9.67 -24.28
N ARG A 178 -33.08 -9.73 -23.20
CA ARG A 178 -33.63 -9.62 -21.83
C ARG A 178 -34.28 -8.24 -21.67
N THR A 179 -33.62 -7.18 -22.17
CA THR A 179 -34.18 -5.80 -22.13
C THR A 179 -35.37 -5.67 -23.08
N ASN A 180 -35.29 -6.30 -24.27
CA ASN A 180 -36.39 -6.25 -25.29
C ASN A 180 -36.85 -4.80 -25.48
N PRO A 181 -35.93 -3.84 -25.76
CA PRO A 181 -36.31 -2.44 -25.82
C PRO A 181 -37.31 -2.04 -26.90
N ALA A 182 -38.23 -1.13 -26.57
CA ALA A 182 -39.24 -0.65 -27.54
C ALA A 182 -38.53 0.05 -28.70
N GLU A 183 -37.49 0.84 -28.41
CA GLU A 183 -36.72 1.59 -29.45
C GLU A 183 -35.24 1.41 -29.13
N LEU A 184 -34.37 1.45 -30.15
CA LEU A 184 -32.92 1.32 -29.92
C LEU A 184 -32.18 2.38 -30.74
N LEU A 185 -31.03 2.86 -30.26
CA LEU A 185 -30.20 3.84 -31.01
C LEU A 185 -28.80 3.22 -31.08
N TYR A 186 -28.17 3.20 -32.26
CA TYR A 186 -26.81 2.63 -32.39
C TYR A 186 -25.89 3.55 -33.18
N ALA A 187 -24.57 3.37 -33.02
CA ALA A 187 -23.58 4.19 -33.74
C ALA A 187 -23.73 3.93 -35.23
N GLU A 188 -23.50 4.96 -36.06
CA GLU A 188 -23.60 4.81 -37.54
C GLU A 188 -22.57 3.77 -37.98
N ASP A 189 -21.42 3.70 -37.29
CA ASP A 189 -20.32 2.76 -37.66
C ASP A 189 -20.26 1.58 -36.68
N PHE A 190 -21.39 1.17 -36.10
CA PHE A 190 -21.39 -0.03 -35.21
C PHE A 190 -20.88 -1.21 -36.02
N ALA A 191 -19.88 -1.94 -35.50
CA ALA A 191 -19.25 -3.05 -36.25
C ALA A 191 -20.17 -4.26 -36.44
N GLU A 192 -20.90 -4.68 -35.39
CA GLU A 192 -21.74 -5.90 -35.48
C GLU A 192 -23.22 -5.52 -35.40
N MET A 193 -23.86 -5.30 -36.55
CA MET A 193 -25.30 -4.94 -36.59
C MET A 193 -26.14 -6.20 -36.32
N SER A 194 -25.54 -7.39 -36.45
CA SER A 194 -26.29 -8.67 -36.30
C SER A 194 -26.92 -8.77 -34.91
N LEU A 195 -26.25 -8.23 -33.88
CA LEU A 195 -26.79 -8.25 -32.49
C LEU A 195 -28.14 -7.52 -32.50
N ILE A 196 -28.24 -6.41 -33.24
CA ILE A 196 -29.46 -5.57 -33.28
C ILE A 196 -30.06 -5.59 -34.69
N GLU A 197 -29.83 -6.67 -35.44
CA GLU A 197 -30.27 -6.71 -36.88
C GLU A 197 -31.78 -6.56 -36.97
N GLY A 198 -32.53 -7.27 -36.13
CA GLY A 198 -34.00 -7.11 -36.11
C GLY A 198 -34.50 -6.69 -34.75
N ARG A 199 -34.96 -5.45 -34.62
CA ARG A 199 -35.37 -4.91 -33.30
C ARG A 199 -36.57 -3.98 -33.48
N ARG A 200 -37.31 -3.72 -32.40
CA ARG A 200 -38.52 -2.85 -32.47
C ARG A 200 -38.09 -1.39 -32.65
N GLY A 201 -38.57 -0.72 -33.70
CA GLY A 201 -38.27 0.71 -33.91
C GLY A 201 -36.78 1.02 -33.84
N LEU A 202 -35.94 0.19 -34.46
CA LEU A 202 -34.46 0.38 -34.43
C LEU A 202 -34.14 1.70 -35.16
N ARG A 203 -33.23 2.53 -34.61
CA ARG A 203 -32.91 3.86 -35.19
C ARG A 203 -31.39 4.06 -35.16
N ARG A 204 -30.85 4.98 -35.97
CA ARG A 204 -29.40 5.29 -35.98
C ARG A 204 -29.20 6.78 -35.68
N ARG A 205 -28.23 7.11 -34.83
CA ARG A 205 -27.94 8.52 -34.45
C ARG A 205 -26.45 8.79 -34.72
N PRO A 206 -26.00 10.06 -34.87
CA PRO A 206 -24.61 10.35 -35.21
C PRO A 206 -23.58 10.09 -34.11
N LEU A 207 -22.31 9.93 -34.49
CA LEU A 207 -21.24 9.63 -33.51
C LEU A 207 -21.06 10.79 -32.53
N TRP A 208 -21.29 12.03 -32.97
CA TRP A 208 -21.03 13.20 -32.09
C TRP A 208 -21.89 13.10 -30.83
N GLU A 209 -23.11 12.57 -30.96
CA GLU A 209 -24.02 12.39 -29.79
C GLU A 209 -23.44 11.38 -28.79
N PHE A 210 -22.64 10.41 -29.26
CA PHE A 210 -22.10 9.33 -28.39
C PHE A 210 -20.80 9.71 -27.67
N GLU A 211 -20.22 10.90 -27.92
CA GLU A 211 -18.89 11.25 -27.33
C GLU A 211 -18.96 11.29 -25.81
N ILE A 212 -17.97 10.71 -25.12
CA ILE A 212 -17.99 10.60 -23.63
C ILE A 212 -17.92 11.97 -22.93
N ASP A 213 -17.03 12.88 -23.37
CA ASP A 213 -16.85 14.17 -22.64
C ASP A 213 -18.14 14.99 -22.70
N THR A 214 -18.78 15.05 -23.86
CA THR A 214 -20.06 15.77 -24.00
C THR A 214 -21.13 15.08 -23.16
N ALA A 215 -21.16 13.74 -23.17
CA ALA A 215 -22.19 12.97 -22.44
C ALA A 215 -22.06 13.18 -20.93
N ARG A 216 -20.83 13.15 -20.41
CA ARG A 216 -20.63 13.28 -18.94
C ARG A 216 -21.13 14.65 -18.47
N GLN A 217 -20.83 15.71 -19.23
CA GLN A 217 -21.25 17.08 -18.82
C GLN A 217 -22.79 17.16 -18.81
N GLN A 218 -23.45 16.62 -19.84
CA GLN A 218 -24.93 16.70 -19.91
C GLN A 218 -25.56 15.91 -18.77
N LEU A 219 -25.03 14.73 -18.47
CA LEU A 219 -25.60 13.88 -17.39
C LEU A 219 -25.41 14.62 -16.06
N ASN A 220 -24.23 15.21 -15.87
CA ASN A 220 -23.94 15.91 -14.59
C ASN A 220 -24.93 17.05 -14.41
N LEU A 221 -25.16 17.83 -15.47
CA LEU A 221 -26.09 18.99 -15.42
C LEU A 221 -27.52 18.52 -15.16
N GLN A 222 -27.94 17.43 -15.80
CA GLN A 222 -29.34 16.95 -15.68
C GLN A 222 -29.61 16.57 -14.22
N PHE A 223 -28.64 15.94 -13.55
CA PHE A 223 -28.82 15.46 -12.15
C PHE A 223 -28.41 16.52 -11.11
N GLY A 224 -27.82 17.64 -11.54
CA GLY A 224 -27.34 18.68 -10.61
C GLY A 224 -26.21 18.21 -9.70
N THR A 225 -25.28 17.41 -10.22
CA THR A 225 -24.13 16.88 -9.41
C THR A 225 -22.81 17.31 -10.05
N ARG A 226 -21.77 17.57 -9.26
CA ARG A 226 -20.43 17.93 -9.80
C ARG A 226 -19.80 16.71 -10.49
N ASP A 227 -19.99 15.52 -9.92
CA ASP A 227 -19.42 14.26 -10.49
C ASP A 227 -20.48 13.17 -10.34
N LEU A 228 -20.30 12.03 -11.03
CA LEU A 228 -21.31 10.93 -10.99
C LEU A 228 -20.76 9.77 -10.15
N VAL A 229 -19.70 10.02 -9.34
CA VAL A 229 -19.10 8.96 -8.49
C VAL A 229 -20.15 8.48 -7.50
N GLY A 230 -20.97 9.40 -6.98
CA GLY A 230 -22.03 9.02 -6.02
C GLY A 230 -23.05 8.08 -6.62
N PHE A 231 -23.45 8.30 -7.87
CA PHE A 231 -24.43 7.43 -8.56
C PHE A 231 -23.80 6.06 -8.79
N GLY A 232 -22.46 5.99 -8.79
CA GLY A 232 -21.73 4.71 -8.95
C GLY A 232 -21.43 4.37 -10.38
N VAL A 233 -21.68 5.31 -11.31
CA VAL A 233 -21.51 5.04 -12.77
C VAL A 233 -20.34 5.81 -13.37
N GLU A 234 -19.53 6.50 -12.55
CA GLU A 234 -18.44 7.36 -13.07
C GLU A 234 -17.39 6.55 -13.80
N ASN A 235 -17.08 5.34 -13.34
CA ASN A 235 -15.95 4.56 -13.92
C ASN A 235 -16.37 3.69 -15.11
N ALA A 236 -17.63 3.77 -15.57
CA ALA A 236 -18.02 3.03 -16.78
C ALA A 236 -17.99 3.95 -18.02
N PRO A 237 -16.87 4.09 -18.77
CA PRO A 237 -16.85 5.04 -19.88
C PRO A 237 -17.84 4.66 -20.99
N ARG A 238 -17.85 3.38 -21.38
CA ARG A 238 -18.72 2.92 -22.49
C ARG A 238 -20.19 3.08 -22.10
N GLY A 239 -20.53 2.73 -20.88
CA GLY A 239 -21.94 2.83 -20.43
C GLY A 239 -22.41 4.27 -20.43
N LEU A 240 -21.58 5.20 -19.94
CA LEU A 240 -21.95 6.63 -19.88
C LEU A 240 -22.13 7.17 -21.31
N CYS A 241 -21.27 6.75 -22.25
CA CYS A 241 -21.33 7.28 -23.64
C CYS A 241 -22.68 6.90 -24.27
N ALA A 242 -23.14 5.65 -24.09
CA ALA A 242 -24.46 5.23 -24.59
C ALA A 242 -25.55 6.03 -23.87
N ALA A 243 -25.37 6.26 -22.57
CA ALA A 243 -26.38 6.99 -21.75
C ALA A 243 -26.54 8.42 -22.25
N GLY A 244 -25.44 9.06 -22.67
CA GLY A 244 -25.50 10.44 -23.17
C GLY A 244 -26.38 10.53 -24.41
N CYS A 245 -26.24 9.58 -25.34
CA CYS A 245 -27.09 9.56 -26.56
C CYS A 245 -28.55 9.36 -26.18
N LEU A 246 -28.82 8.47 -25.22
CA LEU A 246 -30.22 8.18 -24.79
C LEU A 246 -30.83 9.42 -24.13
N LEU A 247 -30.05 10.15 -23.32
CA LEU A 247 -30.58 11.34 -22.61
C LEU A 247 -31.01 12.39 -23.64
N GLN A 248 -30.17 12.65 -24.64
CA GLN A 248 -30.50 13.68 -25.67
C GLN A 248 -31.74 13.23 -26.43
N TYR A 249 -31.79 11.96 -26.83
CA TYR A 249 -32.93 11.42 -27.61
C TYR A 249 -34.19 11.48 -26.76
N ALA A 250 -34.08 11.16 -25.47
CA ALA A 250 -35.24 11.14 -24.57
C ALA A 250 -35.81 12.56 -24.45
N LYS A 251 -34.93 13.56 -24.35
CA LYS A 251 -35.39 14.97 -24.24
C LYS A 251 -36.16 15.32 -25.51
N ASP A 252 -35.64 14.91 -26.68
CA ASP A 252 -36.30 15.24 -27.97
C ASP A 252 -37.67 14.56 -28.04
N THR A 253 -37.75 13.27 -27.72
CA THR A 253 -39.03 12.51 -27.85
C THR A 253 -40.08 13.06 -26.87
N GLN A 254 -39.71 13.28 -25.60
CA GLN A 254 -40.65 13.91 -24.61
C GLN A 254 -39.84 14.78 -23.65
N ARG A 255 -40.28 16.01 -23.38
CA ARG A 255 -39.59 16.85 -22.35
C ARG A 255 -40.31 16.59 -21.02
N THR A 256 -41.45 15.88 -21.04
CA THR A 256 -42.24 15.58 -19.82
C THR A 256 -41.50 14.63 -18.87
N THR A 257 -40.80 13.63 -19.40
CA THR A 257 -40.04 12.64 -18.57
C THR A 257 -38.76 13.26 -18.02
N LEU A 258 -38.23 14.31 -18.66
CA LEU A 258 -36.90 14.84 -18.25
C LEU A 258 -36.84 15.24 -16.77
N PRO A 259 -37.84 15.92 -16.15
CA PRO A 259 -37.71 16.31 -14.76
C PRO A 259 -37.83 15.08 -13.83
N HIS A 260 -38.32 13.95 -14.35
CA HIS A 260 -38.53 12.72 -13.53
C HIS A 260 -37.33 11.78 -13.65
N ILE A 261 -36.21 12.22 -14.24
CA ILE A 261 -34.97 11.39 -14.31
C ILE A 261 -33.99 11.97 -13.28
N ARG A 262 -33.76 11.24 -12.17
CA ARG A 262 -32.91 11.79 -11.09
C ARG A 262 -31.66 10.94 -10.81
N SER A 263 -31.53 9.76 -11.44
CA SER A 263 -30.38 8.86 -11.11
C SER A 263 -29.93 8.01 -12.29
N ILE A 264 -28.71 7.52 -12.24
CA ILE A 264 -28.13 6.64 -13.30
C ILE A 264 -27.38 5.53 -12.55
N THR A 265 -27.82 4.28 -12.67
CA THR A 265 -27.22 3.20 -11.84
C THR A 265 -26.75 2.08 -12.78
N MET A 266 -25.75 1.30 -12.38
CA MET A 266 -25.33 0.14 -13.19
C MET A 266 -26.35 -0.98 -12.99
N GLU A 267 -26.41 -1.92 -13.93
CA GLU A 267 -27.34 -3.08 -13.81
C GLU A 267 -26.48 -4.31 -13.61
N ARG A 268 -26.71 -5.05 -12.52
CA ARG A 268 -25.96 -6.31 -12.29
C ARG A 268 -26.78 -7.28 -11.45
N GLU A 269 -27.02 -8.50 -11.94
CA GLU A 269 -27.73 -9.54 -11.15
C GLU A 269 -26.68 -10.62 -10.94
N GLN A 270 -25.43 -10.20 -10.83
CA GLN A 270 -24.30 -11.16 -10.73
C GLN A 270 -24.53 -12.09 -9.54
N ASP A 271 -24.17 -13.36 -9.70
CA ASP A 271 -24.35 -14.34 -8.61
C ASP A 271 -23.56 -13.85 -7.39
N SER A 272 -22.32 -13.41 -7.59
CA SER A 272 -21.49 -13.01 -6.44
C SER A 272 -22.17 -11.84 -5.72
N ILE A 273 -22.12 -11.81 -4.39
CA ILE A 273 -22.67 -10.66 -3.64
C ILE A 273 -21.83 -9.46 -4.06
N ILE A 274 -22.47 -8.33 -4.36
CA ILE A 274 -21.72 -7.16 -4.87
C ILE A 274 -21.10 -6.47 -3.66
N MET A 275 -19.79 -6.19 -3.70
CA MET A 275 -19.14 -5.42 -2.61
C MET A 275 -18.25 -4.37 -3.28
N ASP A 276 -18.38 -3.10 -2.88
CA ASP A 276 -17.57 -2.00 -3.46
C ASP A 276 -16.13 -2.10 -2.94
N ALA A 277 -15.20 -1.43 -3.60
CA ALA A 277 -13.77 -1.52 -3.21
C ALA A 277 -13.61 -1.00 -1.78
N ALA A 278 -14.33 0.06 -1.43
CA ALA A 278 -14.24 0.64 -0.07
C ALA A 278 -14.73 -0.37 0.98
N THR A 279 -15.81 -1.10 0.69
CA THR A 279 -16.38 -2.09 1.64
C THR A 279 -15.35 -3.19 1.91
N ARG A 280 -14.65 -3.64 0.87
CA ARG A 280 -13.66 -4.74 1.04
C ARG A 280 -12.52 -4.30 1.97
N ARG A 281 -11.99 -3.09 1.75
CA ARG A 281 -10.89 -2.56 2.62
C ARG A 281 -11.40 -2.27 4.03
N ASN A 282 -12.62 -1.72 4.17
CA ASN A 282 -13.19 -1.40 5.51
C ASN A 282 -13.40 -2.69 6.30
N LEU A 283 -13.91 -3.75 5.65
CA LEU A 283 -14.20 -5.04 6.33
C LEU A 283 -12.89 -5.83 6.51
N GLU A 284 -11.80 -5.37 5.88
CA GLU A 284 -10.48 -6.05 5.98
C GLU A 284 -10.62 -7.51 5.54
N ILE A 285 -11.27 -7.75 4.40
CA ILE A 285 -11.51 -9.14 3.93
C ILE A 285 -10.17 -9.82 3.65
N THR A 286 -9.23 -9.16 2.95
CA THR A 286 -7.87 -9.72 2.69
C THR A 286 -6.76 -8.75 3.07
N GLN A 287 -6.97 -7.44 2.87
CA GLN A 287 -5.93 -6.41 3.16
C GLN A 287 -6.46 -5.45 4.23
N ASN A 288 -5.66 -5.17 5.26
CA ASN A 288 -6.09 -4.28 6.37
C ASN A 288 -6.06 -2.84 5.87
N LEU A 289 -6.59 -1.89 6.66
CA LEU A 289 -6.67 -0.47 6.25
C LEU A 289 -5.27 0.10 6.01
N ALA A 290 -4.28 -0.28 6.82
CA ALA A 290 -2.87 0.15 6.65
C ALA A 290 -2.27 -0.39 5.34
N GLY A 291 -2.77 -1.52 4.84
CA GLY A 291 -2.21 -2.18 3.65
C GLY A 291 -1.51 -3.48 3.99
N GLY A 292 -1.39 -3.80 5.28
CA GLY A 292 -0.74 -5.05 5.73
C GLY A 292 -1.60 -6.28 5.59
N ALA A 293 -0.98 -7.44 5.41
CA ALA A 293 -1.69 -8.73 5.30
C ALA A 293 -2.32 -9.17 6.63
N GLU A 294 -1.71 -8.85 7.77
CA GLU A 294 -2.18 -9.35 9.11
C GLU A 294 -3.45 -8.67 9.63
N ASN A 295 -4.10 -9.27 10.62
CA ASN A 295 -5.36 -8.72 11.21
C ASN A 295 -6.44 -8.58 10.14
N THR A 296 -6.58 -9.58 9.26
CA THR A 296 -7.63 -9.60 8.20
C THR A 296 -8.38 -10.92 8.28
N LEU A 297 -9.59 -11.00 7.69
CA LEU A 297 -10.42 -12.23 7.77
C LEU A 297 -9.66 -13.37 7.10
N ALA A 298 -9.00 -13.08 5.98
CA ALA A 298 -8.22 -14.10 5.24
C ALA A 298 -7.08 -14.66 6.12
N SER A 299 -6.44 -13.82 6.96
CA SER A 299 -5.36 -14.30 7.86
C SER A 299 -5.90 -15.33 8.87
N VAL A 300 -7.10 -15.09 9.43
CA VAL A 300 -7.73 -16.03 10.41
C VAL A 300 -8.04 -17.37 9.72
N LEU A 301 -8.59 -17.35 8.49
CA LEU A 301 -9.02 -18.61 7.83
C LEU A 301 -7.94 -19.22 6.92
N ASP A 302 -6.86 -18.49 6.59
CA ASP A 302 -5.84 -19.01 5.62
C ASP A 302 -4.78 -19.84 6.32
N CYS A 303 -5.06 -21.11 6.61
CA CYS A 303 -4.04 -22.05 7.16
C CYS A 303 -3.95 -23.19 6.15
N THR A 304 -4.27 -22.93 4.87
CA THR A 304 -4.29 -23.99 3.81
C THR A 304 -2.90 -24.58 3.63
N VAL A 305 -2.81 -25.91 3.51
CA VAL A 305 -1.50 -26.61 3.35
C VAL A 305 -0.82 -26.24 2.03
N THR A 306 -1.57 -26.11 0.94
CA THR A 306 -0.96 -25.90 -0.41
C THR A 306 -1.15 -24.47 -0.92
N PRO A 307 -0.21 -23.91 -1.71
CA PRO A 307 -0.33 -22.55 -2.23
C PRO A 307 -1.57 -22.35 -3.11
N MET A 308 -1.96 -23.36 -3.90
CA MET A 308 -3.19 -23.25 -4.74
C MET A 308 -4.41 -23.06 -3.84
N GLY A 309 -4.43 -23.74 -2.70
CA GLY A 309 -5.56 -23.61 -1.76
C GLY A 309 -5.67 -22.18 -1.23
N SER A 310 -4.55 -21.56 -0.89
CA SER A 310 -4.58 -20.19 -0.31
C SER A 310 -5.15 -19.21 -1.34
N ARG A 311 -4.79 -19.37 -2.61
CA ARG A 311 -5.34 -18.49 -3.67
C ARG A 311 -6.85 -18.70 -3.80
N MET A 312 -7.31 -19.94 -3.75
CA MET A 312 -8.76 -20.24 -3.93
C MET A 312 -9.57 -19.62 -2.79
N LEU A 313 -9.09 -19.71 -1.54
CA LEU A 313 -9.81 -19.14 -0.38
C LEU A 313 -9.92 -17.63 -0.55
N LYS A 314 -8.82 -16.98 -0.98
CA LYS A 314 -8.80 -15.50 -1.16
C LYS A 314 -9.79 -15.14 -2.26
N ARG A 315 -9.83 -15.93 -3.34
CA ARG A 315 -10.79 -15.68 -4.44
C ARG A 315 -12.23 -15.86 -3.94
N TRP A 316 -12.48 -16.89 -3.11
CA TRP A 316 -13.84 -17.13 -2.56
C TRP A 316 -14.25 -15.94 -1.69
N LEU A 317 -13.33 -15.42 -0.86
CA LEU A 317 -13.67 -14.30 0.07
C LEU A 317 -14.06 -13.05 -0.75
N HIS A 318 -13.33 -12.75 -1.83
CA HIS A 318 -13.64 -11.58 -2.69
C HIS A 318 -14.96 -11.73 -3.45
N MET A 319 -15.27 -12.92 -3.97
CA MET A 319 -16.59 -13.16 -4.63
C MET A 319 -17.38 -14.20 -3.83
N PRO A 320 -18.33 -13.82 -2.96
CA PRO A 320 -19.12 -14.81 -2.23
C PRO A 320 -20.33 -15.22 -3.08
N VAL A 321 -20.43 -16.51 -3.43
CA VAL A 321 -21.54 -17.02 -4.29
C VAL A 321 -22.87 -16.84 -3.53
N ARG A 322 -23.93 -16.37 -4.21
CA ARG A 322 -25.26 -16.14 -3.57
C ARG A 322 -26.21 -17.32 -3.87
N ASP A 323 -25.81 -18.24 -4.75
CA ASP A 323 -26.66 -19.41 -5.10
C ASP A 323 -26.60 -20.40 -3.93
N THR A 324 -27.74 -20.78 -3.38
CA THR A 324 -27.79 -21.67 -2.18
C THR A 324 -27.23 -23.06 -2.49
N ARG A 325 -27.48 -23.61 -3.68
CA ARG A 325 -27.08 -25.01 -3.98
C ARG A 325 -25.57 -25.23 -3.87
N VAL A 326 -24.74 -24.34 -4.43
CA VAL A 326 -23.26 -24.50 -4.36
C VAL A 326 -22.80 -24.41 -2.89
N LEU A 327 -23.36 -23.47 -2.12
CA LEU A 327 -22.95 -23.27 -0.70
C LEU A 327 -23.34 -24.50 0.13
N LEU A 328 -24.52 -25.07 -0.13
CA LEU A 328 -24.99 -26.23 0.65
C LEU A 328 -24.03 -27.40 0.41
N GLU A 329 -23.56 -27.57 -0.83
CA GLU A 329 -22.58 -28.63 -1.15
C GLU A 329 -21.27 -28.40 -0.39
N ARG A 330 -20.77 -27.16 -0.37
CA ARG A 330 -19.49 -26.85 0.31
C ARG A 330 -19.64 -27.10 1.82
N GLN A 331 -20.76 -26.67 2.40
CA GLN A 331 -20.98 -26.83 3.87
C GLN A 331 -21.08 -28.31 4.24
N GLN A 332 -21.73 -29.11 3.40
CA GLN A 332 -21.84 -30.57 3.65
C GLN A 332 -20.44 -31.19 3.64
N THR A 333 -19.59 -30.79 2.69
CA THR A 333 -18.20 -31.29 2.65
C THR A 333 -17.44 -30.90 3.91
N ILE A 334 -17.60 -29.66 4.38
CA ILE A 334 -16.82 -29.17 5.56
C ILE A 334 -17.21 -30.01 6.79
N GLY A 335 -18.51 -30.26 6.98
CA GLY A 335 -18.98 -31.11 8.09
C GLY A 335 -18.53 -32.54 7.95
N ALA A 336 -18.62 -33.09 6.74
CA ALA A 336 -18.25 -34.50 6.47
C ALA A 336 -16.75 -34.74 6.68
N LEU A 337 -15.88 -33.82 6.24
CA LEU A 337 -14.40 -34.03 6.32
C LEU A 337 -13.83 -33.50 7.65
N GLN A 338 -14.69 -33.02 8.55
CA GLN A 338 -14.25 -32.48 9.87
C GLN A 338 -13.56 -33.59 10.68
N ASP A 339 -14.10 -34.80 10.66
CA ASP A 339 -13.54 -35.94 11.42
C ASP A 339 -12.15 -36.33 10.90
N PHE A 340 -11.93 -36.26 9.59
CA PHE A 340 -10.67 -36.78 8.97
C PHE A 340 -9.69 -35.69 8.51
N THR A 341 -9.76 -34.49 9.06
CA THR A 341 -8.87 -33.38 8.59
C THR A 341 -7.41 -33.75 8.80
N ALA A 342 -7.07 -34.37 9.93
CA ALA A 342 -5.65 -34.72 10.26
C ALA A 342 -5.07 -35.74 9.27
N GLY A 343 -5.84 -36.72 8.84
CA GLY A 343 -5.38 -37.70 7.84
C GLY A 343 -5.21 -37.10 6.44
N LEU A 344 -6.16 -36.26 6.00
CA LEU A 344 -6.14 -35.67 4.63
C LEU A 344 -5.05 -34.60 4.45
N GLN A 345 -4.83 -33.73 5.45
CA GLN A 345 -3.90 -32.57 5.28
C GLN A 345 -2.45 -32.97 5.00
N PRO A 346 -1.84 -33.98 5.64
CA PRO A 346 -0.46 -34.31 5.31
C PRO A 346 -0.35 -34.75 3.84
N VAL A 347 -1.28 -35.59 3.38
CA VAL A 347 -1.25 -36.08 1.97
C VAL A 347 -1.47 -34.90 1.02
N LEU A 348 -2.38 -33.97 1.36
CA LEU A 348 -2.64 -32.78 0.51
C LEU A 348 -1.40 -31.89 0.43
N ARG A 349 -0.65 -31.76 1.53
CA ARG A 349 0.56 -30.90 1.55
C ARG A 349 1.54 -31.45 0.53
N GLN A 350 1.66 -32.78 0.44
CA GLN A 350 2.62 -33.43 -0.49
C GLN A 350 2.27 -33.07 -1.93
N VAL A 351 0.98 -32.95 -2.26
CA VAL A 351 0.56 -32.68 -3.68
C VAL A 351 1.21 -31.36 -4.10
N GLY A 352 1.17 -30.33 -3.25
CA GLY A 352 1.85 -29.06 -3.58
C GLY A 352 1.05 -28.20 -4.53
N ASP A 353 1.69 -27.21 -5.15
CA ASP A 353 0.98 -26.34 -6.12
C ASP A 353 1.06 -26.98 -7.50
N LEU A 354 -0.09 -27.34 -8.08
CA LEU A 354 -0.10 -28.00 -9.41
C LEU A 354 -0.54 -27.01 -10.47
N GLU A 355 -1.15 -25.88 -10.06
CA GLU A 355 -1.69 -24.91 -11.05
C GLU A 355 -0.56 -24.35 -11.89
N ARG A 356 0.55 -23.95 -11.26
CA ARG A 356 1.71 -23.38 -12.00
C ARG A 356 2.36 -24.44 -12.88
N ILE A 357 2.48 -25.68 -12.36
CA ILE A 357 3.16 -26.77 -13.14
C ILE A 357 2.32 -27.00 -14.40
N LEU A 358 0.99 -27.08 -14.27
CA LEU A 358 0.10 -27.34 -15.43
C LEU A 358 0.12 -26.16 -16.43
N ALA A 359 0.17 -24.92 -15.93
CA ALA A 359 0.25 -23.75 -16.83
C ALA A 359 1.57 -23.79 -17.61
N ARG A 360 2.68 -24.15 -16.94
CA ARG A 360 3.98 -24.26 -17.65
C ARG A 360 3.89 -25.38 -18.70
N LEU A 361 3.19 -26.47 -18.38
CA LEU A 361 3.03 -27.61 -19.33
C LEU A 361 2.29 -27.11 -20.57
N ALA A 362 1.29 -26.22 -20.41
CA ALA A 362 0.50 -25.68 -21.54
C ALA A 362 1.39 -24.86 -22.47
N LEU A 363 2.35 -24.13 -21.91
CA LEU A 363 3.29 -23.32 -22.73
C LEU A 363 4.47 -24.22 -23.15
N ARG A 364 4.48 -25.48 -22.68
CA ARG A 364 5.57 -26.44 -23.02
C ARG A 364 6.91 -25.88 -22.55
N THR A 365 6.92 -25.15 -21.42
CA THR A 365 8.16 -24.61 -20.82
C THR A 365 8.42 -25.31 -19.48
N ALA A 366 7.69 -26.41 -19.20
CA ALA A 366 7.82 -27.10 -17.88
C ALA A 366 9.24 -27.64 -17.72
N ARG A 367 9.78 -27.50 -16.50
CA ARG A 367 11.16 -27.96 -16.21
C ARG A 367 11.14 -29.49 -16.05
N PRO A 368 12.28 -30.19 -16.10
CA PRO A 368 12.29 -31.63 -15.86
C PRO A 368 11.78 -31.87 -14.43
N ARG A 369 12.20 -31.04 -13.48
CA ARG A 369 11.80 -31.22 -12.05
C ARG A 369 10.29 -31.04 -11.91
N ASP A 370 9.69 -30.12 -12.67
CA ASP A 370 8.23 -29.85 -12.58
C ASP A 370 7.43 -31.10 -13.00
N LEU A 371 7.89 -31.82 -14.02
CA LEU A 371 7.21 -33.08 -14.44
C LEU A 371 7.35 -34.11 -13.31
N ALA A 372 8.49 -34.17 -12.63
CA ALA A 372 8.67 -35.09 -11.48
C ALA A 372 7.70 -34.70 -10.35
N ARG A 373 7.49 -33.40 -10.14
CA ARG A 373 6.53 -32.92 -9.11
C ARG A 373 5.13 -33.41 -9.47
N MET A 374 4.78 -33.37 -10.76
CA MET A 374 3.44 -33.85 -11.21
C MET A 374 3.34 -35.35 -10.90
N ARG A 375 4.41 -36.11 -11.15
CA ARG A 375 4.44 -37.57 -10.88
C ARG A 375 4.25 -37.84 -9.39
N HIS A 376 4.84 -37.02 -8.51
CA HIS A 376 4.66 -37.18 -7.04
C HIS A 376 3.18 -37.00 -6.68
N ALA A 377 2.53 -35.99 -7.25
CA ALA A 377 1.09 -35.74 -6.98
C ALA A 377 0.24 -36.90 -7.49
N PHE A 378 0.61 -37.49 -8.64
CA PHE A 378 -0.13 -38.67 -9.17
C PHE A 378 0.00 -39.83 -8.18
N GLN A 379 1.20 -40.02 -7.60
CA GLN A 379 1.41 -41.09 -6.57
C GLN A 379 0.56 -40.80 -5.34
N GLN A 380 0.41 -39.52 -4.95
CA GLN A 380 -0.41 -39.12 -3.77
C GLN A 380 -1.91 -39.33 -3.98
N LEU A 381 -2.40 -39.21 -5.22
CA LEU A 381 -3.88 -39.24 -5.46
C LEU A 381 -4.55 -40.55 -5.04
N PRO A 382 -3.99 -41.77 -5.22
CA PRO A 382 -4.65 -42.97 -4.72
C PRO A 382 -4.91 -42.91 -3.22
N GLU A 383 -3.95 -42.39 -2.44
CA GLU A 383 -4.12 -42.31 -0.97
C GLU A 383 -5.31 -41.40 -0.64
N LEU A 384 -5.41 -40.22 -1.27
CA LEU A 384 -6.49 -39.27 -0.92
C LEU A 384 -7.82 -39.90 -1.28
N ARG A 385 -7.89 -40.56 -2.44
CA ARG A 385 -9.18 -41.15 -2.91
C ARG A 385 -9.63 -42.23 -1.92
N ALA A 386 -8.70 -43.06 -1.44
CA ALA A 386 -9.05 -44.14 -0.50
C ALA A 386 -9.63 -43.56 0.79
N GLN A 387 -9.02 -42.49 1.32
CA GLN A 387 -9.52 -41.84 2.57
C GLN A 387 -10.92 -41.26 2.33
N LEU A 388 -11.13 -40.61 1.18
CA LEU A 388 -12.43 -39.97 0.86
C LEU A 388 -13.50 -41.04 0.58
N GLU A 389 -13.12 -42.25 0.16
CA GLU A 389 -14.07 -43.34 -0.18
C GLU A 389 -14.90 -43.76 1.04
N THR A 390 -14.29 -43.78 2.23
CA THR A 390 -15.02 -44.14 3.47
C THR A 390 -16.14 -43.12 3.73
N VAL A 391 -15.89 -41.84 3.46
CA VAL A 391 -16.88 -40.76 3.70
C VAL A 391 -18.07 -41.01 2.76
N ASP A 392 -19.30 -40.73 3.21
CA ASP A 392 -20.50 -41.03 2.37
C ASP A 392 -21.35 -39.77 2.19
N SER A 393 -20.79 -38.76 1.51
CA SER A 393 -21.52 -37.50 1.20
C SER A 393 -21.47 -37.32 -0.32
N ALA A 394 -22.58 -36.98 -0.94
CA ALA A 394 -22.61 -36.84 -2.42
C ALA A 394 -21.62 -35.76 -2.86
N PRO A 395 -21.47 -34.59 -2.19
CA PRO A 395 -20.44 -33.63 -2.59
C PRO A 395 -19.02 -34.18 -2.48
N VAL A 396 -18.72 -34.91 -1.39
CA VAL A 396 -17.34 -35.45 -1.16
C VAL A 396 -17.03 -36.44 -2.29
N GLN A 397 -17.99 -37.28 -2.66
CA GLN A 397 -17.78 -38.31 -3.72
C GLN A 397 -17.57 -37.65 -5.09
N ALA A 398 -18.31 -36.59 -5.40
CA ALA A 398 -18.11 -35.88 -6.68
C ALA A 398 -16.68 -35.31 -6.75
N LEU A 399 -16.22 -34.72 -5.65
CA LEU A 399 -14.85 -34.13 -5.61
C LEU A 399 -13.83 -35.27 -5.82
N ARG A 400 -14.09 -36.45 -5.26
CA ARG A 400 -13.18 -37.62 -5.41
C ARG A 400 -13.06 -38.02 -6.88
N GLU A 401 -14.19 -38.05 -7.60
CA GLU A 401 -14.18 -38.44 -9.04
C GLU A 401 -13.43 -37.39 -9.87
N LYS A 402 -13.63 -36.10 -9.57
CA LYS A 402 -12.96 -35.01 -10.33
C LYS A 402 -11.45 -35.08 -10.15
N MET A 403 -10.98 -35.51 -8.97
CA MET A 403 -9.52 -35.60 -8.70
C MET A 403 -8.88 -36.61 -9.67
N GLY A 404 -9.50 -37.79 -9.85
CA GLY A 404 -8.98 -38.76 -10.83
C GLY A 404 -7.77 -39.51 -10.30
N GLU A 405 -7.32 -40.55 -11.01
CA GLU A 405 -6.09 -41.29 -10.60
C GLU A 405 -4.95 -41.04 -11.59
N PHE A 406 -5.26 -40.86 -12.88
CA PHE A 406 -4.22 -40.60 -13.93
C PHE A 406 -3.13 -41.69 -13.89
N ALA A 407 -3.52 -42.96 -13.83
CA ALA A 407 -2.55 -44.06 -13.72
C ALA A 407 -1.64 -44.13 -14.94
N GLU A 408 -2.19 -43.94 -16.14
CA GLU A 408 -1.39 -44.02 -17.40
C GLU A 408 -0.35 -42.89 -17.45
N LEU A 409 -0.74 -41.68 -17.06
CA LEU A 409 0.19 -40.53 -17.05
C LEU A 409 1.29 -40.81 -16.03
N ARG A 410 0.93 -41.38 -14.88
CA ARG A 410 1.92 -41.69 -13.81
C ARG A 410 2.90 -42.73 -14.35
N ASP A 411 2.39 -43.72 -15.10
CA ASP A 411 3.26 -44.80 -15.65
C ASP A 411 4.26 -44.18 -16.63
N LEU A 412 3.78 -43.27 -17.49
CA LEU A 412 4.67 -42.65 -18.52
C LEU A 412 5.75 -41.84 -17.81
N LEU A 413 5.37 -41.02 -16.82
CA LEU A 413 6.37 -40.14 -16.16
C LEU A 413 7.37 -41.00 -15.38
N GLU A 414 6.90 -42.05 -14.71
CA GLU A 414 7.80 -42.91 -13.88
C GLU A 414 8.82 -43.61 -14.78
N ARG A 415 8.35 -44.17 -15.89
CA ARG A 415 9.25 -44.86 -16.85
C ARG A 415 10.18 -43.86 -17.55
N ALA A 416 9.66 -42.70 -17.95
CA ALA A 416 10.45 -41.73 -18.77
C ALA A 416 11.40 -40.83 -17.98
N ILE A 417 11.15 -40.56 -16.69
CA ILE A 417 11.99 -39.56 -15.95
C ILE A 417 12.73 -40.18 -14.75
N ILE A 418 13.97 -39.77 -14.53
CA ILE A 418 14.81 -40.29 -13.40
C ILE A 418 14.22 -39.79 -12.09
N ASP A 419 14.53 -40.44 -10.96
CA ASP A 419 13.96 -40.11 -9.63
C ASP A 419 14.26 -38.67 -9.20
N THR A 420 15.47 -38.16 -9.48
CA THR A 420 15.86 -36.76 -9.15
C THR A 420 16.35 -36.07 -10.42
N PRO A 421 15.47 -35.58 -11.31
CA PRO A 421 15.92 -35.00 -12.57
C PRO A 421 16.64 -33.66 -12.45
N PRO A 422 17.50 -33.27 -13.41
CA PRO A 422 18.25 -32.02 -13.32
C PRO A 422 17.35 -30.80 -13.50
N VAL A 423 17.77 -29.63 -13.02
CA VAL A 423 16.93 -28.39 -13.07
C VAL A 423 16.58 -28.01 -14.52
N LEU A 424 17.49 -28.24 -15.46
CA LEU A 424 17.26 -27.84 -16.88
C LEU A 424 17.38 -29.07 -17.78
N VAL A 425 16.60 -29.11 -18.88
CA VAL A 425 16.61 -30.27 -19.82
C VAL A 425 17.85 -30.19 -20.72
N ARG A 426 18.49 -29.02 -20.83
CA ARG A 426 19.63 -28.83 -21.75
C ARG A 426 20.83 -29.73 -21.38
N ASP A 427 21.16 -29.87 -20.10
CA ASP A 427 22.35 -30.66 -19.70
C ASP A 427 22.18 -32.11 -20.11
N GLY A 428 20.98 -32.67 -19.94
CA GLY A 428 20.74 -34.08 -20.26
C GLY A 428 20.62 -34.93 -19.00
N GLY A 429 20.30 -36.22 -19.14
CA GLY A 429 20.07 -37.10 -17.98
C GLY A 429 18.64 -37.05 -17.50
N VAL A 430 17.78 -36.23 -18.13
CA VAL A 430 16.34 -36.15 -17.76
C VAL A 430 15.65 -37.48 -18.08
N ILE A 431 15.86 -38.04 -19.27
CA ILE A 431 15.15 -39.29 -19.69
C ILE A 431 15.73 -40.47 -18.92
N ALA A 432 14.91 -41.45 -18.54
CA ALA A 432 15.37 -42.62 -17.76
C ALA A 432 15.52 -43.81 -18.71
N SER A 433 16.51 -44.68 -18.46
CA SER A 433 16.78 -45.81 -19.38
C SER A 433 15.58 -46.75 -19.47
N GLY A 434 15.29 -47.26 -20.67
CA GLY A 434 14.14 -48.16 -20.89
C GLY A 434 12.98 -47.44 -21.55
N TYR A 435 12.96 -46.10 -21.51
CA TYR A 435 11.91 -45.35 -22.23
C TYR A 435 12.10 -45.53 -23.74
N ASN A 436 13.35 -45.46 -24.21
CA ASN A 436 13.65 -45.63 -25.66
C ASN A 436 14.86 -46.57 -25.80
N GLU A 437 14.74 -47.64 -26.61
CA GLU A 437 15.84 -48.60 -26.83
C GLU A 437 17.03 -47.93 -27.52
N GLU A 438 16.78 -47.09 -28.52
CA GLU A 438 17.88 -46.44 -29.29
C GLU A 438 18.71 -45.55 -28.37
N LEU A 439 18.04 -44.82 -27.49
CA LEU A 439 18.75 -43.89 -26.55
C LEU A 439 19.65 -44.72 -25.65
N ASP A 440 19.14 -45.86 -25.17
CA ASP A 440 19.93 -46.68 -24.21
C ASP A 440 21.21 -47.11 -24.91
N GLU A 441 21.08 -47.52 -26.17
CA GLU A 441 22.27 -47.98 -26.93
C GLU A 441 23.27 -46.83 -27.11
N TRP A 442 22.79 -45.64 -27.47
CA TRP A 442 23.67 -44.47 -27.71
C TRP A 442 24.35 -44.07 -26.38
N ARG A 443 23.61 -44.18 -25.28
CA ARG A 443 24.18 -43.85 -23.94
C ARG A 443 25.32 -44.81 -23.64
N ALA A 444 25.13 -46.09 -24.00
CA ALA A 444 26.18 -47.10 -23.76
C ALA A 444 27.44 -46.75 -24.55
N LEU A 445 27.27 -46.36 -25.81
CA LEU A 445 28.44 -46.00 -26.65
C LEU A 445 29.12 -44.77 -26.04
N ALA A 446 28.33 -43.80 -25.56
CA ALA A 446 28.89 -42.52 -25.03
C ALA A 446 29.82 -42.79 -23.85
N ASP A 447 29.42 -43.70 -22.94
CA ASP A 447 30.24 -43.95 -21.74
C ASP A 447 30.53 -45.45 -21.61
N GLY A 448 31.81 -45.83 -21.56
CA GLY A 448 32.19 -47.24 -21.39
C GLY A 448 31.72 -47.77 -20.04
N ASP A 517 37.02 -39.21 -29.64
CA ASP A 517 36.35 -38.07 -30.32
C ASP A 517 35.12 -38.57 -31.07
N LYS A 518 35.19 -39.76 -31.69
CA LYS A 518 33.98 -40.35 -32.33
C LYS A 518 32.97 -40.58 -31.22
N VAL A 519 33.45 -40.94 -30.02
CA VAL A 519 32.57 -41.17 -28.84
C VAL A 519 31.84 -39.87 -28.51
N LEU A 520 32.52 -38.72 -28.61
CA LEU A 520 31.88 -37.40 -28.34
C LEU A 520 30.75 -37.16 -29.35
N THR A 521 30.93 -37.58 -30.62
CA THR A 521 29.82 -37.44 -31.61
C THR A 521 28.64 -38.29 -31.15
N SER A 522 28.90 -39.51 -30.65
CA SER A 522 27.82 -40.39 -30.13
C SER A 522 27.16 -39.73 -28.91
N LYS A 523 27.93 -39.02 -28.09
CA LYS A 523 27.35 -38.28 -26.93
C LYS A 523 26.39 -37.22 -27.44
N GLY A 524 26.78 -36.51 -28.51
CA GLY A 524 25.91 -35.48 -29.09
C GLY A 524 24.63 -36.09 -29.62
N LYS A 525 24.73 -37.26 -30.25
CA LYS A 525 23.53 -37.93 -30.81
C LYS A 525 22.60 -38.26 -29.65
N ALA A 526 23.15 -38.74 -28.53
CA ALA A 526 22.31 -39.14 -27.38
C ALA A 526 21.53 -37.93 -26.83
N LEU A 527 22.18 -36.77 -26.72
CA LEU A 527 21.51 -35.56 -26.18
C LEU A 527 20.36 -35.16 -27.09
N ALA A 528 20.57 -35.21 -28.41
CA ALA A 528 19.50 -34.83 -29.38
C ALA A 528 18.32 -35.80 -29.30
N LEU A 529 18.60 -37.10 -29.18
CA LEU A 529 17.53 -38.12 -29.09
C LEU A 529 16.74 -37.87 -27.80
N GLU A 530 17.45 -37.57 -26.70
CA GLU A 530 16.80 -37.33 -25.39
C GLU A 530 15.86 -36.13 -25.45
N LYS A 531 16.29 -35.05 -26.08
CA LYS A 531 15.46 -33.82 -26.12
C LYS A 531 14.19 -34.09 -26.93
N GLN A 532 14.33 -34.83 -28.03
CA GLN A 532 13.16 -35.16 -28.89
C GLN A 532 12.17 -36.02 -28.09
N LEU A 533 12.70 -36.94 -27.28
CA LEU A 533 11.83 -37.79 -26.42
C LEU A 533 11.12 -36.91 -25.39
N TYR A 534 11.82 -35.89 -24.86
CA TYR A 534 11.23 -34.99 -23.83
C TYR A 534 10.07 -34.18 -24.44
N GLU A 535 10.26 -33.68 -25.67
CA GLU A 535 9.16 -32.93 -26.35
C GLU A 535 8.02 -33.91 -26.60
N GLU A 536 8.35 -35.16 -26.96
CA GLU A 536 7.32 -36.21 -27.17
C GLU A 536 6.54 -36.44 -25.87
N LEU A 537 7.22 -36.37 -24.71
CA LEU A 537 6.54 -36.58 -23.40
C LEU A 537 5.47 -35.50 -23.19
N PHE A 538 5.76 -34.25 -23.56
CA PHE A 538 4.76 -33.15 -23.42
C PHE A 538 3.56 -33.48 -24.31
N ASP A 539 3.82 -34.01 -25.51
CA ASP A 539 2.72 -34.29 -26.48
C ASP A 539 1.75 -35.31 -25.91
N LEU A 540 2.26 -36.35 -25.23
CA LEU A 540 1.38 -37.37 -24.60
C LEU A 540 0.58 -36.78 -23.44
N LEU A 541 1.21 -35.95 -22.59
CA LEU A 541 0.55 -35.32 -21.42
C LEU A 541 -0.52 -34.29 -21.81
N LEU A 542 -0.30 -33.50 -22.88
CA LEU A 542 -1.19 -32.36 -23.25
C LEU A 542 -2.64 -32.74 -23.63
N PRO A 543 -2.95 -33.85 -24.31
CA PRO A 543 -4.34 -34.23 -24.57
C PRO A 543 -5.14 -34.31 -23.26
N HIS A 544 -4.50 -34.72 -22.15
CA HIS A 544 -5.18 -34.84 -20.83
C HIS A 544 -5.08 -33.54 -20.03
N LEU A 545 -4.54 -32.46 -20.60
CA LEU A 545 -4.33 -31.18 -19.87
C LEU A 545 -5.65 -30.60 -19.35
N GLU A 546 -6.73 -30.64 -20.12
CA GLU A 546 -8.05 -30.16 -19.62
C GLU A 546 -8.49 -31.00 -18.41
N ALA A 547 -8.30 -32.32 -18.48
CA ALA A 547 -8.67 -33.22 -17.36
C ALA A 547 -7.80 -32.91 -16.14
N LEU A 548 -6.49 -32.68 -16.34
CA LEU A 548 -5.56 -32.36 -15.23
C LEU A 548 -5.97 -31.03 -14.57
N GLN A 549 -6.40 -30.06 -15.38
CA GLN A 549 -6.80 -28.73 -14.83
C GLN A 549 -8.01 -28.92 -13.92
N GLN A 550 -8.95 -29.79 -14.33
CA GLN A 550 -10.13 -30.07 -13.46
C GLN A 550 -9.64 -30.71 -12.16
N SER A 551 -8.68 -31.62 -12.23
CA SER A 551 -8.14 -32.31 -11.03
C SER A 551 -7.43 -31.34 -10.07
N ALA A 552 -6.64 -30.41 -10.60
CA ALA A 552 -5.89 -29.44 -9.74
C ALA A 552 -6.91 -28.57 -9.01
N SER A 553 -7.98 -28.16 -9.70
CA SER A 553 -9.06 -27.37 -9.06
C SER A 553 -9.74 -28.21 -7.98
N ALA A 554 -9.97 -29.50 -8.25
CA ALA A 554 -10.63 -30.39 -7.26
C ALA A 554 -9.74 -30.54 -6.02
N LEU A 555 -8.43 -30.71 -6.22
CA LEU A 555 -7.49 -30.86 -5.09
C LEU A 555 -7.47 -29.55 -4.28
N ALA A 556 -7.48 -28.41 -4.95
CA ALA A 556 -7.45 -27.10 -4.26
C ALA A 556 -8.71 -26.92 -3.44
N GLU A 557 -9.86 -27.30 -3.99
CA GLU A 557 -11.15 -27.17 -3.27
C GLU A 557 -11.12 -28.08 -2.03
N LEU A 558 -10.52 -29.27 -2.13
CA LEU A 558 -10.41 -30.18 -0.96
C LEU A 558 -9.53 -29.48 0.09
N ASP A 559 -8.44 -28.86 -0.32
CA ASP A 559 -7.52 -28.18 0.64
C ASP A 559 -8.25 -27.03 1.34
N VAL A 560 -8.99 -26.21 0.59
CA VAL A 560 -9.69 -25.05 1.20
C VAL A 560 -10.75 -25.57 2.16
N LEU A 561 -11.52 -26.59 1.76
CA LEU A 561 -12.61 -27.12 2.63
C LEU A 561 -12.05 -27.87 3.85
N VAL A 562 -10.97 -28.66 3.68
CA VAL A 562 -10.32 -29.35 4.83
C VAL A 562 -9.76 -28.28 5.77
N ASN A 563 -9.17 -27.22 5.21
CA ASN A 563 -8.65 -26.10 6.04
C ASN A 563 -9.80 -25.45 6.78
N LEU A 564 -10.91 -25.17 6.10
CA LEU A 564 -12.07 -24.50 6.74
C LEU A 564 -12.60 -25.40 7.87
N ALA A 565 -12.64 -26.72 7.65
CA ALA A 565 -13.11 -27.67 8.68
C ALA A 565 -12.19 -27.65 9.89
N GLU A 566 -10.87 -27.65 9.68
CA GLU A 566 -9.90 -27.58 10.80
C GLU A 566 -10.10 -26.26 11.55
N ARG A 567 -10.28 -25.15 10.81
CA ARG A 567 -10.44 -23.82 11.46
C ARG A 567 -11.71 -23.88 12.30
N ALA A 568 -12.77 -24.50 11.77
CA ALA A 568 -14.06 -24.52 12.50
C ALA A 568 -13.93 -25.26 13.83
N TYR A 569 -13.26 -26.42 13.85
CA TYR A 569 -13.09 -27.19 15.11
C TYR A 569 -12.22 -26.40 16.09
N THR A 570 -11.14 -25.80 15.61
CA THR A 570 -10.22 -25.02 16.46
C THR A 570 -10.89 -23.76 17.01
N LEU A 571 -11.76 -23.10 16.22
CA LEU A 571 -12.34 -21.79 16.62
C LEU A 571 -13.83 -21.84 17.00
N ASN A 572 -14.41 -23.02 17.19
CA ASN A 572 -15.82 -23.15 17.64
C ASN A 572 -16.82 -22.48 16.69
N TYR A 573 -16.68 -22.66 15.37
CA TYR A 573 -17.65 -22.12 14.39
C TYR A 573 -18.85 -23.07 14.25
N THR A 574 -20.00 -22.62 13.73
CA THR A 574 -21.19 -23.47 13.50
C THR A 574 -21.77 -23.21 12.10
N CYS A 575 -22.46 -24.19 11.51
CA CYS A 575 -23.01 -24.05 10.13
C CYS A 575 -24.14 -23.02 10.10
N PRO A 576 -24.30 -22.21 9.03
CA PRO A 576 -25.43 -21.30 8.91
C PRO A 576 -26.56 -21.86 8.04
N THR A 577 -27.82 -21.67 8.45
CA THR A 577 -28.99 -22.22 7.71
C THR A 577 -29.63 -21.12 6.85
N PHE A 578 -29.66 -21.28 5.54
CA PHE A 578 -30.20 -20.24 4.62
C PHE A 578 -31.73 -20.15 4.73
N ILE A 579 -32.30 -18.94 4.58
CA ILE A 579 -33.79 -18.73 4.65
C ILE A 579 -34.24 -17.95 3.41
N ASP A 580 -35.50 -18.10 2.98
CA ASP A 580 -36.01 -17.44 1.73
C ASP A 580 -36.16 -15.92 1.84
N LYS A 581 -36.73 -15.40 2.93
CA LYS A 581 -37.01 -13.95 3.07
C LYS A 581 -35.74 -13.21 3.48
N PRO A 582 -35.62 -11.89 3.26
CA PRO A 582 -34.36 -11.21 3.57
C PRO A 582 -34.26 -10.85 5.05
N GLY A 583 -33.53 -11.64 5.84
CA GLY A 583 -33.33 -11.33 7.28
C GLY A 583 -32.08 -12.00 7.80
N ILE A 584 -31.46 -11.44 8.85
CA ILE A 584 -30.25 -12.04 9.48
C ILE A 584 -30.55 -12.31 10.94
N ARG A 585 -30.30 -13.51 11.44
CA ARG A 585 -30.45 -13.78 12.90
C ARG A 585 -29.16 -14.45 13.38
N ILE A 586 -28.50 -13.87 14.38
CA ILE A 586 -27.22 -14.43 14.91
C ILE A 586 -27.41 -14.59 16.41
N THR A 587 -26.99 -15.73 16.97
CA THR A 587 -27.06 -15.93 18.44
C THR A 587 -25.63 -16.15 18.95
N GLU A 588 -25.25 -15.46 20.03
CA GLU A 588 -23.87 -15.56 20.56
C GLU A 588 -22.88 -15.32 19.43
N GLY A 589 -23.08 -14.27 18.63
CA GLY A 589 -22.17 -13.94 17.52
C GLY A 589 -20.87 -13.34 18.00
N ARG A 590 -19.78 -13.59 17.28
CA ARG A 590 -18.45 -13.05 17.65
C ARG A 590 -17.79 -12.51 16.37
N HIS A 591 -16.86 -11.56 16.47
CA HIS A 591 -16.13 -11.02 15.29
C HIS A 591 -14.99 -11.98 15.00
N PRO A 592 -14.79 -12.46 13.76
CA PRO A 592 -13.76 -13.47 13.53
C PRO A 592 -12.34 -12.99 13.82
N VAL A 593 -11.95 -11.81 13.35
CA VAL A 593 -10.56 -11.27 13.54
C VAL A 593 -10.29 -10.80 14.98
N VAL A 594 -11.21 -10.02 15.57
CA VAL A 594 -10.98 -9.39 16.91
C VAL A 594 -10.79 -10.47 17.98
N GLU A 595 -11.57 -11.54 17.92
CA GLU A 595 -11.52 -12.58 18.99
C GLU A 595 -10.12 -13.19 19.04
N GLN A 596 -9.49 -13.42 17.88
CA GLN A 596 -8.14 -14.04 17.81
C GLN A 596 -7.05 -13.11 18.35
N VAL A 597 -7.15 -11.80 18.04
CA VAL A 597 -6.06 -10.84 18.42
C VAL A 597 -6.28 -10.25 19.81
N LEU A 598 -7.42 -10.53 20.45
CA LEU A 598 -7.72 -9.91 21.77
C LEU A 598 -7.41 -10.94 22.88
N ASN A 599 -6.49 -10.60 23.77
CA ASN A 599 -6.11 -11.51 24.89
C ASN A 599 -7.30 -11.67 25.84
N GLU A 600 -8.04 -10.58 26.09
CA GLU A 600 -9.20 -10.61 27.01
C GLU A 600 -10.35 -11.34 26.31
N PRO A 601 -11.38 -11.86 27.02
CA PRO A 601 -12.44 -12.63 26.38
C PRO A 601 -13.32 -11.75 25.49
N PHE A 602 -13.92 -12.34 24.45
CA PHE A 602 -14.86 -11.59 23.56
C PHE A 602 -16.27 -11.81 24.10
N ILE A 603 -17.08 -10.74 24.18
CA ILE A 603 -18.44 -10.84 24.76
C ILE A 603 -19.40 -10.99 23.58
N ALA A 604 -20.00 -12.18 23.41
CA ALA A 604 -20.84 -12.45 22.23
C ALA A 604 -22.15 -11.65 22.28
N ASN A 605 -22.53 -11.03 21.17
CA ASN A 605 -23.74 -10.17 21.13
C ASN A 605 -24.78 -10.74 20.15
N PRO A 606 -26.06 -10.89 20.54
CA PRO A 606 -27.11 -11.35 19.61
C PRO A 606 -27.61 -10.31 18.60
N LEU A 607 -27.94 -10.71 17.36
CA LEU A 607 -28.54 -9.77 16.36
C LEU A 607 -29.81 -10.38 15.78
N ASN A 608 -30.91 -9.62 15.69
CA ASN A 608 -32.11 -10.11 14.96
C ASN A 608 -32.56 -9.02 13.99
N LEU A 609 -32.53 -9.28 12.68
CA LEU A 609 -33.01 -8.32 11.64
C LEU A 609 -34.03 -9.06 10.77
N SER A 610 -35.20 -8.47 10.54
CA SER A 610 -36.29 -9.12 9.76
C SER A 610 -36.98 -8.03 8.97
N PRO A 611 -37.89 -8.30 8.00
CA PRO A 611 -38.64 -7.24 7.33
C PRO A 611 -39.51 -6.51 8.36
N GLN A 612 -39.91 -7.19 9.44
CA GLN A 612 -40.67 -6.55 10.55
C GLN A 612 -39.79 -5.56 11.33
N ARG A 613 -38.50 -5.84 11.53
CA ARG A 613 -37.56 -4.96 12.30
C ARG A 613 -36.30 -4.75 11.45
N ARG A 614 -36.43 -4.04 10.32
CA ARG A 614 -35.30 -3.86 9.36
C ARG A 614 -34.13 -3.00 9.87
N MET A 615 -34.39 -1.94 10.60
CA MET A 615 -33.31 -0.99 10.99
C MET A 615 -33.07 -0.97 12.50
N LEU A 616 -31.81 -1.06 12.93
CA LEU A 616 -31.48 -0.94 14.38
C LEU A 616 -30.57 0.28 14.53
N ILE A 617 -30.89 1.22 15.43
CA ILE A 617 -30.01 2.39 15.68
C ILE A 617 -29.17 2.02 16.90
N ILE A 618 -27.91 1.63 16.67
CA ILE A 618 -27.03 1.21 17.80
C ILE A 618 -26.47 2.51 18.39
N THR A 619 -26.76 2.78 19.66
CA THR A 619 -26.23 3.99 20.34
C THR A 619 -25.50 3.45 21.56
N GLY A 620 -24.38 4.04 21.95
CA GLY A 620 -23.59 3.46 23.05
C GLY A 620 -22.47 4.37 23.51
N PRO A 621 -21.70 4.02 24.55
CA PRO A 621 -20.58 4.81 25.00
C PRO A 621 -19.43 4.70 23.98
N ASN A 622 -18.55 5.70 23.95
CA ASN A 622 -17.36 5.64 23.07
C ASN A 622 -16.53 4.44 23.52
N MET A 623 -15.96 3.67 22.60
CA MET A 623 -15.17 2.44 22.90
C MET A 623 -16.12 1.33 23.37
N GLY A 624 -17.43 1.55 23.25
CA GLY A 624 -18.46 0.58 23.67
C GLY A 624 -18.43 -0.72 22.90
N GLY A 625 -18.08 -0.68 21.60
CA GLY A 625 -18.13 -1.88 20.75
C GLY A 625 -19.18 -1.82 19.66
N LYS A 626 -19.72 -0.63 19.38
CA LYS A 626 -20.80 -0.48 18.37
C LYS A 626 -20.28 -0.86 16.97
N SER A 627 -19.10 -0.38 16.59
CA SER A 627 -18.50 -0.68 15.25
C SER A 627 -18.14 -2.16 15.12
N THR A 628 -17.61 -2.76 16.19
CA THR A 628 -17.27 -4.21 16.17
C THR A 628 -18.55 -5.00 15.95
N TYR A 629 -19.65 -4.62 16.59
CA TYR A 629 -20.95 -5.32 16.43
C TYR A 629 -21.45 -5.22 14.99
N MET A 630 -21.33 -4.03 14.39
CA MET A 630 -21.82 -3.84 13.00
C MET A 630 -20.96 -4.67 12.04
N ARG A 631 -19.63 -4.64 12.20
CA ARG A 631 -18.71 -5.43 11.34
C ARG A 631 -18.91 -6.92 11.53
N GLN A 632 -19.20 -7.35 12.78
CA GLN A 632 -19.36 -8.80 13.05
C GLN A 632 -20.52 -9.31 12.20
N THR A 633 -21.57 -8.51 12.02
CA THR A 633 -22.71 -8.90 11.14
C THR A 633 -22.23 -9.05 9.69
N ALA A 634 -21.42 -8.11 9.20
CA ALA A 634 -20.94 -8.14 7.80
C ALA A 634 -20.01 -9.34 7.52
N LEU A 635 -19.04 -9.59 8.39
CA LEU A 635 -18.10 -10.73 8.22
C LEU A 635 -18.85 -12.06 8.38
N ILE A 636 -19.80 -12.14 9.33
CA ILE A 636 -20.61 -13.38 9.52
C ILE A 636 -21.44 -13.64 8.25
N ALA A 637 -22.04 -12.60 7.67
CA ALA A 637 -22.83 -12.76 6.42
C ALA A 637 -21.94 -13.22 5.27
N LEU A 638 -20.76 -12.60 5.10
CA LEU A 638 -19.79 -12.99 4.03
C LEU A 638 -19.25 -14.41 4.25
N MET A 639 -18.96 -14.78 5.51
CA MET A 639 -18.44 -16.13 5.82
C MET A 639 -19.50 -17.18 5.53
N ALA A 640 -20.77 -16.88 5.84
CA ALA A 640 -21.87 -17.82 5.53
C ALA A 640 -22.02 -17.97 4.03
N TYR A 641 -21.80 -16.89 3.27
CA TYR A 641 -22.04 -16.91 1.81
C TYR A 641 -20.86 -17.45 1.01
N ILE A 642 -19.71 -17.74 1.63
CA ILE A 642 -18.58 -18.41 0.91
C ILE A 642 -18.68 -19.92 1.15
N GLY A 643 -19.68 -20.36 1.93
CA GLY A 643 -19.84 -21.79 2.27
C GLY A 643 -19.08 -22.22 3.53
N SER A 644 -18.46 -21.29 4.25
CA SER A 644 -17.69 -21.59 5.49
C SER A 644 -18.64 -21.69 6.69
N TYR A 645 -18.13 -22.12 7.84
CA TYR A 645 -18.95 -22.17 9.08
C TYR A 645 -18.81 -20.81 9.77
N VAL A 646 -19.92 -20.18 10.13
CA VAL A 646 -19.93 -18.80 10.70
C VAL A 646 -19.43 -18.80 12.15
N PRO A 647 -18.75 -17.74 12.66
CA PRO A 647 -18.36 -17.66 14.07
C PRO A 647 -19.53 -17.23 14.96
N ALA A 648 -20.55 -18.09 15.08
CA ALA A 648 -21.71 -17.81 15.96
C ALA A 648 -22.30 -19.16 16.38
N GLN A 649 -23.02 -19.22 17.49
CA GLN A 649 -23.68 -20.48 17.91
C GLN A 649 -24.76 -20.90 16.90
N LYS A 650 -25.61 -19.97 16.46
CA LYS A 650 -26.64 -20.27 15.42
C LYS A 650 -26.77 -19.07 14.49
N VAL A 651 -26.82 -19.28 13.17
CA VAL A 651 -27.08 -18.16 12.21
C VAL A 651 -28.14 -18.56 11.21
N GLU A 652 -29.11 -17.67 10.94
CA GLU A 652 -30.10 -17.91 9.86
C GLU A 652 -29.91 -16.73 8.91
N ILE A 653 -29.30 -16.93 7.73
CA ILE A 653 -28.96 -15.78 6.82
C ILE A 653 -29.87 -15.84 5.59
N GLY A 654 -30.56 -14.73 5.28
CA GLY A 654 -31.46 -14.67 4.10
C GLY A 654 -30.71 -14.13 2.90
N PRO A 655 -31.33 -13.93 1.72
CA PRO A 655 -30.57 -13.48 0.57
C PRO A 655 -30.00 -12.08 0.81
N ILE A 656 -28.75 -11.85 0.45
CA ILE A 656 -28.12 -10.50 0.59
C ILE A 656 -27.62 -10.12 -0.80
N ASP A 657 -28.22 -9.10 -1.44
CA ASP A 657 -27.80 -8.65 -2.79
C ASP A 657 -26.43 -8.00 -2.77
N ARG A 658 -26.19 -7.12 -1.80
CA ARG A 658 -24.94 -6.34 -1.76
C ARG A 658 -24.66 -5.93 -0.31
N ILE A 659 -23.39 -5.77 0.07
CA ILE A 659 -23.05 -5.26 1.44
C ILE A 659 -22.45 -3.87 1.28
N PHE A 660 -23.04 -2.87 1.95
CA PHE A 660 -22.57 -1.47 1.83
C PHE A 660 -21.99 -1.06 3.19
N THR A 661 -20.78 -0.50 3.21
CA THR A 661 -20.15 -0.06 4.47
C THR A 661 -19.77 1.41 4.36
N ARG A 662 -20.36 2.27 5.19
CA ARG A 662 -19.94 3.70 5.22
C ARG A 662 -19.33 3.95 6.60
N VAL A 663 -18.00 3.90 6.69
CA VAL A 663 -17.35 4.08 8.02
C VAL A 663 -16.30 5.19 7.96
N GLY A 664 -15.41 5.14 6.98
CA GLY A 664 -14.28 6.09 6.94
C GLY A 664 -14.66 7.50 6.53
N ALA A 665 -13.88 8.49 6.98
CA ALA A 665 -14.11 9.90 6.57
C ALA A 665 -12.76 10.49 6.16
N ALA A 666 -12.46 10.55 4.87
CA ALA A 666 -11.15 11.07 4.39
C ALA A 666 -11.38 12.02 3.23
N ASP A 667 -10.44 12.94 2.97
CA ASP A 667 -10.61 13.94 1.89
C ASP A 667 -9.51 13.79 0.84
N ASP A 668 -9.86 13.79 -0.45
CA ASP A 668 -8.82 13.79 -1.50
C ASP A 668 -8.83 15.21 -2.07
N LEU A 669 -7.94 16.08 -1.57
CA LEU A 669 -7.97 17.51 -1.98
C LEU A 669 -7.64 17.60 -3.47
N ALA A 670 -6.63 16.85 -3.91
CA ALA A 670 -6.22 16.90 -5.33
C ALA A 670 -7.38 16.43 -6.22
N SER A 671 -8.10 15.40 -5.78
CA SER A 671 -9.26 14.87 -6.55
C SER A 671 -10.34 15.96 -6.66
N GLY A 672 -10.48 16.79 -5.63
CA GLY A 672 -11.49 17.87 -5.63
C GLY A 672 -12.64 17.63 -4.67
N ARG A 673 -12.53 16.61 -3.81
CA ARG A 673 -13.63 16.25 -2.87
C ARG A 673 -13.17 16.42 -1.43
N SER A 674 -13.95 17.15 -0.62
CA SER A 674 -13.65 17.36 0.83
C SER A 674 -14.14 16.15 1.62
N THR A 675 -13.88 16.11 2.93
CA THR A 675 -14.27 14.95 3.77
C THR A 675 -15.80 14.78 3.77
N PHE A 676 -16.58 15.86 3.88
CA PHE A 676 -18.06 15.76 3.82
C PHE A 676 -18.51 15.32 2.41
N MET A 677 -17.88 15.82 1.34
CA MET A 677 -18.25 15.37 -0.02
C MET A 677 -17.94 13.88 -0.18
N VAL A 678 -16.78 13.42 0.33
CA VAL A 678 -16.41 11.98 0.23
C VAL A 678 -17.43 11.14 1.02
N GLU A 679 -17.79 11.57 2.23
CA GLU A 679 -18.82 10.85 3.03
C GLU A 679 -20.20 10.90 2.36
N MET A 680 -20.59 12.07 1.84
CA MET A 680 -21.92 12.23 1.18
C MET A 680 -21.95 11.42 -0.12
N THR A 681 -20.82 11.30 -0.81
CA THR A 681 -20.76 10.47 -2.04
C THR A 681 -21.08 9.02 -1.68
N GLU A 682 -20.47 8.51 -0.59
CA GLU A 682 -20.75 7.13 -0.13
C GLU A 682 -22.21 6.96 0.33
N THR A 683 -22.77 7.95 1.03
CA THR A 683 -24.20 7.88 1.45
C THR A 683 -25.10 7.86 0.21
N ALA A 684 -24.77 8.66 -0.81
CA ALA A 684 -25.58 8.72 -2.05
C ALA A 684 -25.57 7.37 -2.76
N ASN A 685 -24.40 6.71 -2.80
CA ASN A 685 -24.29 5.37 -3.43
C ASN A 685 -25.19 4.40 -2.67
N ILE A 686 -25.21 4.50 -1.33
CA ILE A 686 -26.07 3.60 -0.50
C ILE A 686 -27.53 3.85 -0.85
N LEU A 687 -27.96 5.11 -0.89
CA LEU A 687 -29.40 5.38 -1.12
C LEU A 687 -29.83 5.02 -2.55
N HIS A 688 -29.01 5.38 -3.54
CA HIS A 688 -29.36 5.13 -4.96
C HIS A 688 -29.29 3.65 -5.34
N ASN A 689 -28.24 2.93 -4.92
CA ASN A 689 -28.02 1.53 -5.39
C ASN A 689 -28.59 0.46 -4.43
N ALA A 690 -29.16 0.85 -3.29
CA ALA A 690 -29.69 -0.12 -2.29
C ALA A 690 -30.94 -0.84 -2.79
N THR A 691 -31.19 -2.05 -2.28
CA THR A 691 -32.36 -2.89 -2.67
C THR A 691 -32.95 -3.42 -1.37
N GLU A 692 -34.13 -4.05 -1.42
CA GLU A 692 -34.76 -4.61 -0.20
C GLU A 692 -33.82 -5.65 0.42
N TYR A 693 -33.10 -6.42 -0.41
CA TYR A 693 -32.17 -7.49 0.06
C TYR A 693 -30.86 -6.94 0.63
N SER A 694 -30.45 -5.72 0.28
CA SER A 694 -29.10 -5.23 0.69
C SER A 694 -28.91 -5.08 2.19
N LEU A 695 -27.68 -5.30 2.68
CA LEU A 695 -27.36 -5.08 4.11
C LEU A 695 -26.50 -3.81 4.16
N VAL A 696 -27.04 -2.72 4.72
CA VAL A 696 -26.31 -1.42 4.71
C VAL A 696 -25.84 -1.13 6.15
N LEU A 697 -24.52 -1.06 6.36
CA LEU A 697 -23.98 -0.74 7.70
C LEU A 697 -23.41 0.68 7.63
N MET A 698 -23.99 1.62 8.38
CA MET A 698 -23.54 3.04 8.30
C MET A 698 -23.00 3.49 9.65
N ASP A 699 -21.69 3.75 9.73
CA ASP A 699 -21.06 4.20 11.00
C ASP A 699 -21.07 5.73 11.08
N GLU A 700 -22.19 6.33 11.45
CA GLU A 700 -22.29 7.81 11.67
C GLU A 700 -22.49 8.56 10.36
N ILE A 701 -23.29 9.62 10.38
CA ILE A 701 -23.47 10.48 9.17
C ILE A 701 -23.62 11.90 9.70
N GLY A 702 -23.11 12.89 8.97
CA GLY A 702 -23.15 14.27 9.50
C GLY A 702 -22.03 14.51 10.50
N ARG A 703 -20.98 13.69 10.45
CA ARG A 703 -19.81 13.86 11.34
C ARG A 703 -18.93 15.02 10.86
N GLY A 704 -19.14 15.49 9.63
CA GLY A 704 -18.35 16.61 9.09
C GLY A 704 -19.02 17.97 9.22
N THR A 705 -20.35 18.04 9.08
CA THR A 705 -21.08 19.34 9.09
C THR A 705 -21.48 19.73 10.51
N SER A 706 -22.23 20.84 10.67
CA SER A 706 -22.67 21.32 12.01
C SER A 706 -23.69 20.33 12.56
N THR A 707 -24.01 20.40 13.85
CA THR A 707 -24.90 19.39 14.48
C THR A 707 -26.27 19.39 13.80
N TYR A 708 -26.87 20.55 13.55
CA TYR A 708 -28.26 20.60 12.99
C TYR A 708 -28.33 20.05 11.56
N ASP A 709 -27.38 20.41 10.70
CA ASP A 709 -27.37 19.94 9.29
C ASP A 709 -27.11 18.43 9.30
N GLY A 710 -26.17 18.00 10.14
CA GLY A 710 -25.82 16.57 10.21
C GLY A 710 -26.97 15.73 10.73
N LEU A 711 -27.66 16.18 11.77
CA LEU A 711 -28.82 15.43 12.34
C LEU A 711 -29.91 15.38 11.28
N SER A 712 -30.11 16.47 10.55
CA SER A 712 -31.19 16.53 9.54
C SER A 712 -30.94 15.51 8.43
N LEU A 713 -29.71 15.44 7.93
CA LEU A 713 -29.37 14.45 6.86
C LEU A 713 -29.50 13.05 7.43
N ALA A 714 -29.06 12.85 8.68
CA ALA A 714 -29.15 11.52 9.33
C ALA A 714 -30.60 11.11 9.48
N TRP A 715 -31.48 12.04 9.89
CA TRP A 715 -32.92 11.73 10.08
C TRP A 715 -33.54 11.35 8.75
N ALA A 716 -33.27 12.11 7.69
CA ALA A 716 -33.84 11.85 6.35
C ALA A 716 -33.26 10.58 5.70
N CYS A 717 -31.96 10.33 5.85
CA CYS A 717 -31.31 9.11 5.30
C CYS A 717 -31.85 7.88 6.04
N ALA A 718 -32.00 7.97 7.37
CA ALA A 718 -32.53 6.85 8.17
C ALA A 718 -33.99 6.57 7.80
N GLU A 719 -34.80 7.62 7.64
CA GLU A 719 -36.22 7.44 7.26
C GLU A 719 -36.27 6.80 5.87
N ASN A 720 -35.46 7.31 4.93
CA ASN A 720 -35.54 6.80 3.54
C ASN A 720 -35.16 5.31 3.51
N LEU A 721 -34.11 4.90 4.25
CA LEU A 721 -33.64 3.50 4.18
C LEU A 721 -34.73 2.57 4.75
N ALA A 722 -35.37 2.94 5.87
CA ALA A 722 -36.45 2.13 6.44
C ALA A 722 -37.75 2.19 5.64
N ASN A 723 -38.23 3.40 5.31
CA ASN A 723 -39.55 3.57 4.63
C ASN A 723 -39.57 3.14 3.16
N LYS A 724 -38.58 3.56 2.34
CA LYS A 724 -38.67 3.30 0.88
C LYS A 724 -37.72 2.20 0.39
N ILE A 725 -36.43 2.30 0.70
CA ILE A 725 -35.43 1.27 0.29
C ILE A 725 -35.76 -0.04 1.02
N LYS A 726 -36.17 0.03 2.29
CA LYS A 726 -36.52 -1.17 3.10
C LYS A 726 -35.33 -2.14 3.12
N ALA A 727 -34.11 -1.64 3.25
CA ALA A 727 -32.91 -2.50 3.37
C ALA A 727 -32.70 -2.88 4.82
N LEU A 728 -31.86 -3.88 5.08
CA LEU A 728 -31.53 -4.27 6.48
C LEU A 728 -30.38 -3.38 6.93
N THR A 729 -30.66 -2.40 7.80
CA THR A 729 -29.63 -1.38 8.14
C THR A 729 -29.19 -1.40 9.59
N LEU A 730 -27.88 -1.23 9.84
CA LEU A 730 -27.39 -1.09 11.23
C LEU A 730 -26.77 0.31 11.27
N PHE A 731 -27.27 1.21 12.13
CA PHE A 731 -26.83 2.63 12.10
C PHE A 731 -26.21 3.02 13.44
N ALA A 732 -24.92 3.35 13.47
CA ALA A 732 -24.21 3.72 14.72
C ALA A 732 -24.26 5.24 14.83
N THR A 733 -24.70 5.77 15.98
CA THR A 733 -24.90 7.23 16.07
C THR A 733 -24.57 7.79 17.45
N HIS A 734 -24.03 9.02 17.50
CA HIS A 734 -23.80 9.70 18.79
C HIS A 734 -24.84 10.81 18.95
N TYR A 735 -25.74 10.96 17.98
CA TYR A 735 -26.86 11.94 18.11
C TYR A 735 -28.00 11.18 18.77
N PHE A 736 -28.37 11.57 20.00
CA PHE A 736 -29.40 10.83 20.77
C PHE A 736 -30.79 11.32 20.34
N GLU A 737 -30.84 12.35 19.48
CA GLU A 737 -32.13 12.82 18.92
C GLU A 737 -32.71 11.72 18.02
N LEU A 738 -31.85 10.98 17.30
CA LEU A 738 -32.29 9.91 16.36
C LEU A 738 -32.86 8.69 17.10
N THR A 739 -32.61 8.56 18.40
CA THR A 739 -33.18 7.44 19.20
C THR A 739 -34.69 7.64 19.36
N GLN A 740 -35.21 8.81 19.00
CA GLN A 740 -36.68 9.09 19.04
C GLN A 740 -37.32 8.70 17.70
N LEU A 741 -36.51 8.35 16.69
CA LEU A 741 -37.03 7.89 15.37
C LEU A 741 -37.84 6.58 15.46
N PRO A 742 -37.51 5.57 16.29
CA PRO A 742 -38.22 4.28 16.26
C PRO A 742 -39.72 4.37 16.54
N GLU A 743 -40.16 5.23 17.47
CA GLU A 743 -41.62 5.41 17.71
C GLU A 743 -42.32 6.01 16.48
N LYS A 744 -41.72 7.01 15.84
CA LYS A 744 -42.33 7.68 14.66
C LYS A 744 -42.37 6.76 13.43
N MET A 745 -41.32 5.98 13.16
CA MET A 745 -41.22 5.17 11.91
C MET A 745 -41.22 3.68 12.23
N GLU A 746 -42.03 2.88 11.51
CA GLU A 746 -42.10 1.40 11.73
C GLU A 746 -40.87 0.71 11.13
N GLY A 747 -40.54 -0.48 11.64
CA GLY A 747 -39.39 -1.24 11.13
C GLY A 747 -38.08 -0.77 11.75
N VAL A 748 -38.14 0.28 12.57
CA VAL A 748 -36.92 0.88 13.17
C VAL A 748 -36.96 0.55 14.67
N ALA A 749 -35.85 0.07 15.23
CA ALA A 749 -35.77 -0.27 16.68
C ALA A 749 -34.47 0.30 17.24
N ASN A 750 -34.33 0.34 18.56
CA ASN A 750 -33.12 0.92 19.21
C ASN A 750 -32.31 -0.19 19.90
N VAL A 751 -31.01 -0.21 19.69
CA VAL A 751 -30.12 -1.19 20.37
C VAL A 751 -29.06 -0.38 21.13
N HIS A 752 -28.89 -0.62 22.43
CA HIS A 752 -27.95 0.21 23.22
C HIS A 752 -26.83 -0.65 23.82
N LEU A 753 -25.58 -0.22 23.66
CA LEU A 753 -24.47 -0.95 24.32
C LEU A 753 -24.36 -0.46 25.76
N ASP A 754 -23.85 -1.29 26.67
CA ASP A 754 -23.90 -0.92 28.11
C ASP A 754 -22.52 -0.56 28.67
N ALA A 755 -22.42 0.49 29.50
CA ALA A 755 -21.16 0.83 30.21
C ALA A 755 -21.52 1.21 31.65
N LEU A 756 -20.59 1.05 32.60
CA LEU A 756 -20.83 1.44 34.01
C LEU A 756 -19.72 2.43 34.39
N GLU A 757 -20.09 3.56 35.00
CA GLU A 757 -19.08 4.61 35.34
C GLU A 757 -18.79 4.57 36.84
N HIS A 758 -17.51 4.42 37.21
CA HIS A 758 -17.14 4.51 38.65
C HIS A 758 -16.01 5.53 38.74
N GLY A 759 -16.21 6.61 39.48
CA GLY A 759 -15.17 7.65 39.63
C GLY A 759 -14.66 8.13 38.28
N ASP A 760 -13.35 8.33 38.15
CA ASP A 760 -12.73 8.78 36.86
C ASP A 760 -12.77 7.72 35.75
N THR A 761 -12.46 6.46 36.06
CA THR A 761 -12.35 5.38 35.02
C THR A 761 -13.72 4.85 34.58
N ILE A 762 -13.77 4.17 33.42
CA ILE A 762 -15.03 3.56 32.91
C ILE A 762 -14.80 2.11 32.54
N ALA A 763 -15.78 1.24 32.77
CA ALA A 763 -15.69 -0.18 32.33
C ALA A 763 -16.82 -0.40 31.35
N PHE A 764 -16.52 -1.05 30.21
CA PHE A 764 -17.53 -1.26 29.15
C PHE A 764 -17.95 -2.73 29.14
N MET A 765 -19.26 -3.00 29.29
CA MET A 765 -19.81 -4.38 29.30
C MET A 765 -19.64 -5.07 27.94
N HIS A 766 -19.73 -4.33 26.83
CA HIS A 766 -19.68 -4.92 25.46
C HIS A 766 -20.91 -5.81 25.24
N SER A 767 -22.04 -5.45 25.87
CA SER A 767 -23.26 -6.28 25.77
C SER A 767 -24.38 -5.51 25.08
N VAL A 768 -25.03 -6.14 24.10
CA VAL A 768 -26.11 -5.45 23.33
C VAL A 768 -27.43 -5.69 24.06
N GLN A 769 -28.13 -4.60 24.38
CA GLN A 769 -29.42 -4.69 25.10
C GLN A 769 -30.34 -3.73 24.37
N ASP A 770 -31.66 -3.87 24.49
CA ASP A 770 -32.58 -2.89 23.86
C ASP A 770 -32.69 -1.61 24.71
N GLY A 771 -32.73 -0.43 24.07
CA GLY A 771 -32.79 0.86 24.80
C GLY A 771 -32.05 1.94 24.03
N ALA A 772 -31.84 3.12 24.62
CA ALA A 772 -31.23 4.23 23.84
C ALA A 772 -29.87 4.69 24.35
N ALA A 773 -29.45 4.31 25.56
CA ALA A 773 -28.17 4.76 26.19
C ALA A 773 -28.27 6.24 26.62
N SER A 774 -28.39 7.17 25.67
CA SER A 774 -28.63 8.60 25.99
C SER A 774 -27.38 9.30 26.56
N LYS A 775 -26.35 8.56 26.97
CA LYS A 775 -25.10 9.22 27.43
C LYS A 775 -23.88 8.53 26.82
N SER A 776 -22.99 9.32 26.19
CA SER A 776 -21.74 8.73 25.67
C SER A 776 -20.60 9.31 26.52
N TYR A 777 -19.79 8.45 27.12
CA TYR A 777 -18.75 8.96 28.06
C TYR A 777 -17.51 9.37 27.27
N GLY A 778 -17.60 10.44 26.50
CA GLY A 778 -16.46 10.90 25.69
C GLY A 778 -15.29 11.38 26.52
N LEU A 779 -15.56 12.17 27.57
CA LEU A 779 -14.48 12.74 28.41
C LEU A 779 -13.72 11.61 29.14
N ALA A 780 -14.45 10.61 29.63
CA ALA A 780 -13.81 9.47 30.32
C ALA A 780 -12.89 8.71 29.35
N VAL A 781 -13.30 8.50 28.08
CA VAL A 781 -12.46 7.84 27.04
C VAL A 781 -11.25 8.71 26.71
N ALA A 782 -11.43 10.03 26.68
CA ALA A 782 -10.30 10.97 26.42
C ALA A 782 -9.25 10.83 27.52
N ALA A 783 -9.69 10.72 28.78
CA ALA A 783 -8.74 10.59 29.91
C ALA A 783 -7.96 9.28 29.78
N LEU A 784 -8.63 8.20 29.36
CA LEU A 784 -7.97 6.89 29.11
C LEU A 784 -6.95 7.02 27.97
N ALA A 785 -7.28 7.80 26.93
CA ALA A 785 -6.38 8.03 25.78
C ALA A 785 -5.13 8.78 26.24
N GLY A 786 -5.20 9.51 27.35
CA GLY A 786 -4.03 10.22 27.89
C GLY A 786 -4.08 11.73 27.80
N VAL A 787 -5.26 12.30 27.49
CA VAL A 787 -5.41 13.79 27.43
C VAL A 787 -5.03 14.31 28.83
N PRO A 788 -4.31 15.44 28.99
CA PRO A 788 -3.83 15.86 30.30
C PRO A 788 -4.98 16.07 31.29
N LYS A 789 -4.73 15.85 32.58
CA LYS A 789 -5.82 15.94 33.59
C LYS A 789 -6.41 17.35 33.60
N GLU A 790 -5.57 18.38 33.47
CA GLU A 790 -6.05 19.78 33.51
C GLU A 790 -7.03 20.03 32.36
N VAL A 791 -6.74 19.50 31.17
CA VAL A 791 -7.64 19.64 29.99
C VAL A 791 -8.95 18.89 30.27
N ILE A 792 -8.89 17.69 30.86
CA ILE A 792 -10.12 16.91 31.20
C ILE A 792 -10.92 17.69 32.25
N LYS A 793 -10.25 18.29 33.24
CA LYS A 793 -10.94 19.05 34.33
C LYS A 793 -11.67 20.25 33.74
N ARG A 794 -11.02 21.00 32.85
CA ARG A 794 -11.66 22.18 32.21
C ARG A 794 -12.84 21.71 31.37
N ALA A 795 -12.67 20.58 30.67
CA ALA A 795 -13.73 20.07 29.76
C ALA A 795 -14.99 19.75 30.57
N ARG A 796 -14.83 19.12 31.74
CA ARG A 796 -15.99 18.76 32.58
C ARG A 796 -16.68 20.04 33.07
N GLN A 797 -15.89 21.07 33.40
CA GLN A 797 -16.48 22.34 33.90
C GLN A 797 -17.35 22.97 32.80
N LYS A 798 -16.87 22.98 31.56
CA LYS A 798 -17.64 23.54 30.43
C LYS A 798 -18.87 22.69 30.18
N LEU A 799 -18.74 21.37 30.32
CA LEU A 799 -19.87 20.44 30.03
C LEU A 799 -21.00 20.76 30.99
N ARG A 800 -20.66 21.04 32.26
CA ARG A 800 -21.69 21.37 33.28
C ARG A 800 -22.44 22.64 32.86
N GLU A 801 -21.70 23.65 32.40
CA GLU A 801 -22.33 24.93 31.97
C GLU A 801 -23.24 24.72 30.77
N LEU A 802 -22.81 23.93 29.78
CA LEU A 802 -23.59 23.75 28.52
C LEU A 802 -24.93 23.07 28.82
N GLU A 803 -24.90 21.99 29.62
CA GLU A 803 -26.14 21.25 29.98
C GLU A 803 -27.04 22.10 30.87
N SER A 804 -26.45 22.88 31.80
CA SER A 804 -27.25 23.67 32.78
C SER A 804 -28.13 24.70 32.08
N ILE A 805 -27.59 25.38 31.08
CA ILE A 805 -28.36 26.42 30.32
C ILE A 805 -29.32 25.74 29.34
N HIS B 16 25.57 -37.59 5.41
CA HIS B 16 26.29 -38.89 5.38
C HIS B 16 27.48 -38.81 4.41
N THR B 17 27.24 -38.47 3.14
CA THR B 17 28.31 -38.40 2.11
C THR B 17 29.29 -37.27 2.45
N PRO B 18 30.54 -37.28 1.96
CA PRO B 18 31.46 -36.18 2.22
C PRO B 18 30.91 -34.84 1.70
N MET B 19 30.24 -34.83 0.55
CA MET B 19 29.65 -33.57 0.01
C MET B 19 28.61 -33.04 1.01
N MET B 20 27.75 -33.93 1.51
CA MET B 20 26.69 -33.48 2.45
C MET B 20 27.36 -32.96 3.73
N GLN B 21 28.44 -33.62 4.18
CA GLN B 21 29.11 -33.20 5.44
C GLN B 21 29.63 -31.77 5.29
N GLN B 22 30.18 -31.41 4.12
CA GLN B 22 30.67 -30.02 3.85
C GLN B 22 29.53 -28.99 3.88
N TYR B 23 28.37 -29.31 3.27
CA TYR B 23 27.22 -28.39 3.30
C TYR B 23 26.80 -28.19 4.75
N LEU B 24 26.80 -29.27 5.52
CA LEU B 24 26.35 -29.21 6.94
C LEU B 24 27.29 -28.34 7.80
N ARG B 25 28.60 -28.41 7.57
CA ARG B 25 29.56 -27.54 8.33
C ARG B 25 29.25 -26.06 8.04
N LEU B 26 29.04 -25.71 6.76
CA LEU B 26 28.70 -24.30 6.38
C LEU B 26 27.33 -23.91 6.93
N LYS B 27 26.37 -24.84 6.90
CA LYS B 27 25.00 -24.56 7.42
C LYS B 27 25.11 -24.24 8.91
N ALA B 28 25.98 -24.94 9.63
CA ALA B 28 26.16 -24.71 11.09
C ALA B 28 26.66 -23.28 11.32
N GLN B 29 27.56 -22.79 10.47
CA GLN B 29 28.08 -21.41 10.58
C GLN B 29 26.94 -20.39 10.38
N HIS B 30 25.99 -20.68 9.48
CA HIS B 30 24.88 -19.72 9.16
C HIS B 30 23.54 -20.43 9.31
N PRO B 31 23.06 -20.72 10.54
CA PRO B 31 21.84 -21.51 10.75
C PRO B 31 20.47 -21.00 10.31
N GLU B 32 20.17 -19.70 10.48
CA GLU B 32 18.80 -19.18 10.20
C GLU B 32 18.64 -18.59 8.80
N ILE B 33 19.69 -18.62 7.97
CA ILE B 33 19.64 -17.96 6.62
C ILE B 33 19.71 -19.01 5.50
N LEU B 34 18.93 -18.84 4.42
CA LEU B 34 18.93 -19.80 3.27
C LEU B 34 20.32 -19.79 2.59
N LEU B 35 20.92 -20.96 2.37
CA LEU B 35 22.30 -21.01 1.79
C LEU B 35 22.23 -21.49 0.34
N PHE B 36 22.65 -20.66 -0.61
CA PHE B 36 22.69 -21.07 -2.05
C PHE B 36 24.01 -21.77 -2.29
N TYR B 37 24.14 -23.01 -1.82
CA TYR B 37 25.39 -23.81 -1.98
C TYR B 37 25.61 -24.04 -3.47
N ARG B 38 26.80 -23.77 -4.00
CA ARG B 38 27.02 -23.85 -5.47
C ARG B 38 27.60 -25.22 -5.84
N MET B 39 26.77 -26.07 -6.47
CA MET B 39 27.26 -27.39 -6.96
C MET B 39 27.12 -27.35 -8.47
N GLY B 40 28.21 -27.56 -9.20
CA GLY B 40 28.18 -27.45 -10.66
C GLY B 40 27.80 -26.05 -11.10
N ASP B 41 26.96 -25.93 -12.12
CA ASP B 41 26.57 -24.60 -12.65
C ASP B 41 25.26 -24.18 -12.01
N PHE B 42 24.72 -24.98 -11.08
CA PHE B 42 23.39 -24.68 -10.50
C PHE B 42 23.50 -24.45 -8.99
N TYR B 43 23.03 -23.29 -8.51
CA TYR B 43 23.01 -23.04 -7.05
C TYR B 43 21.92 -23.94 -6.51
N GLU B 44 22.11 -24.56 -5.34
CA GLU B 44 21.12 -25.51 -4.77
C GLU B 44 20.94 -25.26 -3.27
N LEU B 45 19.78 -25.61 -2.70
CA LEU B 45 19.54 -25.48 -1.23
C LEU B 45 19.13 -26.88 -0.77
N PHE B 46 19.46 -27.29 0.47
CA PHE B 46 19.19 -28.67 0.94
C PHE B 46 18.47 -28.64 2.30
N TYR B 47 17.77 -29.72 2.67
CA TYR B 47 17.04 -29.84 3.96
C TYR B 47 15.97 -28.74 4.14
N ASP B 48 15.93 -28.08 5.30
CA ASP B 48 14.88 -27.08 5.62
C ASP B 48 14.92 -25.90 4.64
N ASP B 49 16.14 -25.51 4.23
CA ASP B 49 16.29 -24.34 3.31
C ASP B 49 15.57 -24.67 2.00
N ALA B 50 15.67 -25.92 1.51
CA ALA B 50 15.07 -26.28 0.21
C ALA B 50 13.55 -26.09 0.24
N LYS B 51 12.90 -26.48 1.34
CA LYS B 51 11.42 -26.33 1.46
C LYS B 51 11.03 -24.85 1.52
N ARG B 52 11.77 -24.05 2.29
CA ARG B 52 11.44 -22.60 2.43
C ARG B 52 11.65 -21.91 1.07
N ALA B 53 12.74 -22.24 0.38
CA ALA B 53 13.06 -21.62 -0.92
C ALA B 53 11.98 -21.98 -1.94
N SER B 54 11.51 -23.23 -1.94
CA SER B 54 10.53 -23.67 -2.95
C SER B 54 9.23 -22.87 -2.83
N GLN B 55 8.78 -22.62 -1.60
CA GLN B 55 7.56 -21.80 -1.38
C GLN B 55 7.77 -20.35 -1.82
N LEU B 56 8.89 -19.72 -1.41
CA LEU B 56 9.18 -18.29 -1.74
C LEU B 56 9.56 -18.06 -3.21
N LEU B 57 10.43 -18.89 -3.80
CA LEU B 57 10.96 -18.65 -5.18
C LEU B 57 10.11 -19.34 -6.25
N ASP B 58 9.10 -20.11 -5.85
CA ASP B 58 8.30 -20.89 -6.85
C ASP B 58 9.24 -21.78 -7.69
N ILE B 59 10.11 -22.56 -7.04
CA ILE B 59 10.98 -23.54 -7.75
C ILE B 59 10.59 -24.94 -7.25
N SER B 60 10.62 -25.96 -8.12
CA SER B 60 10.16 -27.31 -7.73
C SER B 60 11.13 -27.97 -6.74
N LEU B 61 10.61 -28.73 -5.77
CA LEU B 61 11.45 -29.42 -4.75
C LEU B 61 11.56 -30.91 -5.09
N THR B 62 12.78 -31.45 -5.24
CA THR B 62 13.00 -32.88 -5.55
C THR B 62 13.85 -33.53 -4.45
N LYS B 63 13.40 -34.63 -3.86
CA LYS B 63 14.13 -35.26 -2.71
C LYS B 63 15.13 -36.30 -3.21
N ARG B 64 16.40 -36.21 -2.77
CA ARG B 64 17.43 -37.22 -3.13
C ARG B 64 17.90 -37.96 -1.87
N GLY B 65 17.86 -39.30 -1.89
CA GLY B 65 18.29 -40.09 -0.72
C GLY B 65 19.77 -39.94 -0.46
N ALA B 66 20.20 -39.99 0.81
CA ALA B 66 21.64 -39.72 1.11
C ALA B 66 22.49 -40.78 0.39
N GLU B 70 16.13 -41.46 4.90
CA GLU B 70 16.83 -40.17 5.14
C GLU B 70 16.84 -39.35 3.84
N PRO B 71 15.70 -39.12 3.16
CA PRO B 71 15.70 -38.30 1.95
C PRO B 71 16.14 -36.86 2.29
N ILE B 72 16.96 -36.24 1.42
CA ILE B 72 17.39 -34.83 1.63
C ILE B 72 16.57 -33.98 0.66
N PRO B 73 15.64 -33.11 1.11
CA PRO B 73 14.94 -32.25 0.17
C PRO B 73 15.98 -31.37 -0.52
N MET B 74 15.92 -31.25 -1.86
CA MET B 74 16.88 -30.42 -2.64
C MET B 74 16.11 -29.57 -3.66
N ALA B 75 16.40 -28.26 -3.73
CA ALA B 75 15.77 -27.39 -4.75
C ALA B 75 16.92 -26.65 -5.44
N GLY B 76 16.76 -26.27 -6.71
CA GLY B 76 17.90 -25.66 -7.42
C GLY B 76 17.50 -24.54 -8.37
N ILE B 77 18.38 -23.57 -8.57
CA ILE B 77 18.14 -22.45 -9.52
C ILE B 77 19.34 -22.39 -10.47
N PRO B 78 19.21 -22.06 -11.77
CA PRO B 78 20.38 -21.89 -12.64
C PRO B 78 21.28 -20.71 -12.21
N TYR B 79 22.60 -20.84 -12.37
CA TYR B 79 23.55 -19.76 -11.98
C TYR B 79 23.31 -18.49 -12.80
N HIS B 80 22.99 -18.65 -14.09
CA HIS B 80 22.72 -17.49 -14.98
C HIS B 80 21.52 -16.68 -14.48
N ALA B 81 20.52 -17.35 -13.89
CA ALA B 81 19.29 -16.67 -13.44
C ALA B 81 19.32 -16.35 -11.93
N VAL B 82 20.48 -16.47 -11.28
CA VAL B 82 20.53 -16.28 -9.79
C VAL B 82 20.03 -14.89 -9.40
N GLU B 83 20.37 -13.84 -10.13
CA GLU B 83 20.01 -12.46 -9.71
C GLU B 83 18.49 -12.31 -9.66
N ASN B 84 17.78 -12.89 -10.64
CA ASN B 84 16.30 -12.80 -10.68
C ASN B 84 15.70 -13.47 -9.44
N TYR B 85 16.20 -14.65 -9.07
CA TYR B 85 15.71 -15.37 -7.85
C TYR B 85 16.09 -14.60 -6.58
N LEU B 86 17.30 -14.03 -6.52
CA LEU B 86 17.76 -13.31 -5.31
C LEU B 86 16.81 -12.14 -5.08
N ALA B 87 16.34 -11.50 -6.16
CA ALA B 87 15.43 -10.33 -6.03
C ALA B 87 14.13 -10.75 -5.34
N LYS B 88 13.58 -11.92 -5.70
CA LYS B 88 12.29 -12.35 -5.11
C LYS B 88 12.44 -12.54 -3.60
N LEU B 89 13.51 -13.21 -3.16
CA LEU B 89 13.75 -13.44 -1.71
C LEU B 89 14.04 -12.14 -0.98
N VAL B 90 14.83 -11.23 -1.59
CA VAL B 90 15.19 -9.93 -0.93
C VAL B 90 13.92 -9.12 -0.69
N ASN B 91 13.00 -9.11 -1.66
CA ASN B 91 11.71 -8.38 -1.50
C ASN B 91 10.92 -8.99 -0.34
N GLN B 92 10.94 -10.33 -0.22
CA GLN B 92 10.21 -11.04 0.87
C GLN B 92 10.94 -10.84 2.21
N GLY B 93 12.17 -10.31 2.18
CA GLY B 93 12.91 -10.00 3.42
C GLY B 93 13.83 -11.11 3.88
N GLU B 94 13.92 -12.20 3.12
CA GLU B 94 14.82 -13.33 3.47
C GLU B 94 16.28 -12.94 3.22
N SER B 95 17.19 -13.41 4.07
CA SER B 95 18.64 -13.18 3.87
C SER B 95 19.20 -14.46 3.26
N VAL B 96 19.88 -14.35 2.12
CA VAL B 96 20.40 -15.54 1.40
C VAL B 96 21.93 -15.48 1.36
N ALA B 97 22.59 -16.45 2.00
CA ALA B 97 24.07 -16.52 1.95
C ALA B 97 24.44 -17.25 0.67
N ILE B 98 25.40 -16.72 -0.08
CA ILE B 98 25.81 -17.35 -1.37
C ILE B 98 27.19 -17.97 -1.15
N CYS B 99 27.33 -19.28 -1.41
CA CYS B 99 28.61 -19.99 -1.17
C CYS B 99 29.19 -20.43 -2.53
N GLU B 100 30.46 -20.11 -2.80
CA GLU B 100 31.09 -20.46 -4.10
C GLU B 100 32.38 -21.23 -3.80
N GLN B 101 32.81 -22.09 -4.73
CA GLN B 101 34.01 -22.94 -4.46
C GLN B 101 35.27 -22.17 -4.87
N ILE B 102 35.96 -21.57 -3.90
CA ILE B 102 37.18 -20.76 -4.18
C ILE B 102 38.31 -21.65 -4.70
N GLY B 103 38.51 -22.83 -4.10
CA GLY B 103 39.64 -23.69 -4.50
C GLY B 103 39.21 -25.05 -5.03
N VAL B 112 35.69 -29.89 -2.65
CA VAL B 112 36.35 -28.65 -3.18
C VAL B 112 36.19 -27.58 -2.11
N GLU B 113 37.27 -26.86 -1.79
CA GLU B 113 37.22 -25.84 -0.72
C GLU B 113 36.17 -24.79 -1.12
N ARG B 114 35.34 -24.37 -0.17
CA ARG B 114 34.28 -23.38 -0.47
C ARG B 114 34.03 -22.51 0.77
N LYS B 115 33.51 -21.29 0.58
CA LYS B 115 33.22 -20.37 1.70
C LYS B 115 32.08 -19.44 1.28
N VAL B 116 31.45 -18.75 2.24
CA VAL B 116 30.32 -17.84 1.90
C VAL B 116 30.95 -16.55 1.37
N VAL B 117 30.89 -16.34 0.06
CA VAL B 117 31.54 -15.15 -0.58
C VAL B 117 30.85 -13.86 -0.13
N ARG B 118 29.52 -13.88 -0.02
CA ARG B 118 28.76 -12.68 0.42
C ARG B 118 27.42 -13.13 1.02
N ILE B 119 26.82 -12.30 1.87
CA ILE B 119 25.44 -12.60 2.38
C ILE B 119 24.54 -11.49 1.85
N VAL B 120 23.48 -11.84 1.13
CA VAL B 120 22.57 -10.82 0.51
C VAL B 120 21.42 -10.64 1.49
N THR B 121 21.18 -9.41 1.96
CA THR B 121 20.11 -9.14 2.96
C THR B 121 19.35 -7.91 2.50
N PRO B 122 18.08 -7.68 2.88
CA PRO B 122 17.36 -6.54 2.34
C PRO B 122 18.08 -5.23 2.65
N GLY B 123 18.67 -5.10 3.83
CA GLY B 123 19.37 -3.87 4.24
C GLY B 123 20.62 -3.54 3.46
N THR B 124 21.41 -4.54 3.07
CA THR B 124 22.72 -4.27 2.42
C THR B 124 22.80 -4.92 1.03
N ILE B 125 22.06 -4.38 0.06
CA ILE B 125 22.13 -4.85 -1.35
C ILE B 125 22.68 -3.69 -2.16
N SER B 126 23.77 -3.89 -2.89
CA SER B 126 24.39 -2.82 -3.71
C SER B 126 24.21 -3.12 -5.21
N ASP B 127 23.47 -4.18 -5.55
CA ASP B 127 23.30 -4.62 -6.96
C ASP B 127 22.17 -3.83 -7.64
N GLU B 128 22.28 -3.56 -8.94
CA GLU B 128 21.28 -2.74 -9.67
C GLU B 128 19.90 -3.41 -9.70
N ALA B 129 19.84 -4.72 -10.00
CA ALA B 129 18.55 -5.43 -10.12
C ALA B 129 17.84 -5.55 -8.77
N LEU B 130 18.59 -5.89 -7.71
CA LEU B 130 18.01 -6.07 -6.35
C LEU B 130 17.48 -4.72 -5.82
N LEU B 131 18.21 -3.62 -6.05
CA LEU B 131 17.83 -2.28 -5.50
C LEU B 131 16.75 -1.59 -6.34
N GLN B 132 16.15 -0.53 -5.81
CA GLN B 132 15.14 0.31 -6.55
C GLN B 132 15.85 1.61 -6.91
N GLU B 133 15.68 2.15 -8.12
CA GLU B 133 16.48 3.33 -8.57
C GLU B 133 16.24 4.59 -7.77
N ARG B 134 15.00 4.93 -7.42
CA ARG B 134 14.70 6.23 -6.74
C ARG B 134 14.29 6.03 -5.28
N GLN B 135 14.60 4.87 -4.69
CA GLN B 135 14.31 4.61 -3.25
C GLN B 135 15.61 4.11 -2.59
N ASP B 136 15.81 4.42 -1.31
CA ASP B 136 17.07 4.06 -0.59
C ASP B 136 16.79 2.92 0.39
N ASN B 137 17.65 1.89 0.42
CA ASN B 137 17.50 0.77 1.39
C ASN B 137 18.45 1.05 2.56
N LEU B 138 17.92 1.15 3.78
CA LEU B 138 18.74 1.51 4.97
C LEU B 138 18.78 0.36 5.98
N LEU B 139 19.97 -0.12 6.34
CA LEU B 139 20.09 -1.13 7.43
C LEU B 139 20.07 -0.28 8.70
N ALA B 140 19.26 -0.64 9.70
CA ALA B 140 19.13 0.20 10.91
C ALA B 140 19.28 -0.68 12.15
N ALA B 141 19.67 -0.10 13.29
CA ALA B 141 19.82 -0.85 14.55
C ALA B 141 19.04 -0.14 15.65
N ILE B 142 18.25 -0.86 16.44
CA ILE B 142 17.53 -0.24 17.60
C ILE B 142 18.09 -0.87 18.88
N TRP B 143 18.42 -0.05 19.87
CA TRP B 143 18.92 -0.55 21.17
C TRP B 143 18.16 0.20 22.27
N GLN B 144 17.57 -0.49 23.25
CA GLN B 144 16.91 0.21 24.38
C GLN B 144 17.71 -0.02 25.65
N ASP B 145 18.31 1.04 26.18
CA ASP B 145 19.03 0.96 27.49
C ASP B 145 18.02 1.52 28.47
N SER B 146 18.27 1.45 29.78
CA SER B 146 17.24 1.92 30.75
C SER B 146 16.97 3.40 30.49
N LYS B 147 18.01 4.17 30.19
CA LYS B 147 17.87 5.63 29.95
C LYS B 147 17.58 5.96 28.47
N GLY B 148 16.42 5.57 27.92
CA GLY B 148 16.06 5.96 26.54
C GLY B 148 16.52 4.99 25.47
N PHE B 149 16.35 5.34 24.18
CA PHE B 149 16.66 4.42 23.05
C PHE B 149 17.80 4.98 22.20
N GLY B 150 18.53 4.11 21.48
CA GLY B 150 19.58 4.56 20.55
C GLY B 150 19.36 3.95 19.18
N TYR B 151 19.35 4.76 18.12
CA TYR B 151 19.04 4.28 16.74
C TYR B 151 20.20 4.65 15.82
N ALA B 152 20.73 3.70 15.05
CA ALA B 152 21.81 3.99 14.08
C ALA B 152 21.40 3.47 12.70
N THR B 153 21.53 4.27 11.64
CA THR B 153 21.11 3.88 10.27
C THR B 153 22.29 4.02 9.30
N LEU B 154 22.51 3.01 8.45
CA LEU B 154 23.62 3.04 7.46
C LEU B 154 23.06 2.70 6.09
N ASP B 155 23.39 3.48 5.06
CA ASP B 155 23.00 3.12 3.67
C ASP B 155 24.29 2.56 3.04
N ILE B 156 24.31 1.27 2.68
CA ILE B 156 25.57 0.66 2.19
C ILE B 156 26.01 1.33 0.89
N SER B 157 25.06 1.61 -0.02
CA SER B 157 25.40 2.20 -1.34
C SER B 157 25.90 3.65 -1.25
N SER B 158 25.17 4.55 -0.59
CA SER B 158 25.59 5.96 -0.43
C SER B 158 26.78 6.08 0.53
N GLY B 159 26.79 5.26 1.58
CA GLY B 159 27.87 5.32 2.60
C GLY B 159 27.49 6.17 3.80
N ARG B 160 26.31 6.78 3.77
CA ARG B 160 25.90 7.69 4.88
C ARG B 160 25.71 6.88 6.16
N PHE B 161 26.27 7.34 7.28
CA PHE B 161 26.03 6.66 8.58
C PHE B 161 25.47 7.73 9.52
N ARG B 162 24.26 7.51 10.05
CA ARG B 162 23.62 8.54 10.90
C ARG B 162 23.30 7.92 12.25
N LEU B 163 23.55 8.64 13.34
CA LEU B 163 23.32 8.11 14.71
C LEU B 163 22.27 9.00 15.38
N SER B 164 21.48 8.43 16.29
CA SER B 164 20.41 9.21 16.97
C SER B 164 20.21 8.67 18.38
N GLU B 165 19.63 9.48 19.27
CA GLU B 165 19.29 8.99 20.63
C GLU B 165 17.83 9.41 20.94
N PRO B 166 16.80 8.79 20.32
CA PRO B 166 15.41 9.14 20.65
C PRO B 166 15.16 8.80 22.12
N ALA B 167 14.48 9.69 22.86
CA ALA B 167 14.28 9.48 24.31
C ALA B 167 12.82 9.16 24.68
N ASP B 168 11.94 9.00 23.68
CA ASP B 168 10.51 8.69 23.94
C ASP B 168 10.08 7.57 23.00
N ARG B 169 9.05 6.80 23.36
CA ARG B 169 8.52 5.74 22.46
C ARG B 169 7.98 6.42 21.20
N GLU B 170 7.30 7.56 21.36
CA GLU B 170 6.71 8.28 20.20
C GLU B 170 7.81 8.77 19.26
N THR B 171 8.90 9.34 19.80
CA THR B 171 10.02 9.84 18.97
C THR B 171 10.65 8.65 18.24
N MET B 172 10.82 7.52 18.92
CA MET B 172 11.43 6.31 18.31
C MET B 172 10.54 5.83 17.16
N ALA B 173 9.22 5.84 17.36
CA ALA B 173 8.27 5.40 16.30
C ALA B 173 8.34 6.33 15.09
N ALA B 174 8.46 7.64 15.32
CA ALA B 174 8.57 8.62 14.21
C ALA B 174 9.85 8.36 13.41
N GLU B 175 10.97 8.09 14.10
CA GLU B 175 12.26 7.82 13.42
C GLU B 175 12.13 6.56 12.57
N LEU B 176 11.49 5.51 13.10
CA LEU B 176 11.34 4.24 12.34
C LEU B 176 10.48 4.47 11.09
N GLN B 177 9.38 5.21 11.21
CA GLN B 177 8.47 5.47 10.06
C GLN B 177 9.16 6.35 9.01
N ARG B 178 9.86 7.41 9.46
CA ARG B 178 10.55 8.34 8.52
C ARG B 178 11.68 7.61 7.80
N THR B 179 12.53 6.88 8.55
CA THR B 179 13.67 6.13 7.95
C THR B 179 13.16 4.94 7.13
N ASN B 180 12.08 4.30 7.59
CA ASN B 180 11.52 3.10 6.89
C ASN B 180 12.63 2.08 6.69
N PRO B 181 13.30 1.58 7.75
CA PRO B 181 14.45 0.69 7.56
C PRO B 181 14.11 -0.62 6.84
N ALA B 182 14.89 -0.97 5.81
CA ALA B 182 14.67 -2.22 5.04
C ALA B 182 14.91 -3.42 5.96
N GLU B 183 15.98 -3.37 6.77
CA GLU B 183 16.29 -4.45 7.73
C GLU B 183 16.60 -3.77 9.07
N LEU B 184 15.89 -4.13 10.14
CA LEU B 184 16.12 -3.51 11.48
C LEU B 184 16.72 -4.57 12.39
N LEU B 185 17.85 -4.25 13.03
CA LEU B 185 18.53 -5.22 13.92
C LEU B 185 18.20 -4.83 15.36
N TYR B 186 17.47 -5.68 16.07
CA TYR B 186 17.01 -5.36 17.44
C TYR B 186 17.67 -6.33 18.43
N ALA B 187 18.04 -5.86 19.61
CA ALA B 187 18.64 -6.74 20.64
C ALA B 187 17.58 -7.73 21.12
N GLU B 188 17.99 -8.92 21.54
CA GLU B 188 17.04 -9.97 21.98
C GLU B 188 16.23 -9.46 23.17
N ASP B 189 16.83 -8.64 24.04
CA ASP B 189 16.16 -8.17 25.28
C ASP B 189 15.37 -6.89 25.08
N PHE B 190 15.18 -6.42 23.82
CA PHE B 190 14.52 -5.12 23.61
C PHE B 190 13.16 -5.18 24.33
N ALA B 191 12.92 -4.25 25.26
CA ALA B 191 11.69 -4.29 26.09
C ALA B 191 10.42 -3.96 25.31
N GLU B 192 10.44 -2.89 24.52
CA GLU B 192 9.20 -2.44 23.81
C GLU B 192 9.12 -3.05 22.42
N MET B 193 8.90 -4.37 22.34
CA MET B 193 8.77 -5.05 21.01
C MET B 193 7.32 -4.87 20.55
N SER B 194 6.90 -3.61 20.39
CA SER B 194 5.54 -3.30 19.86
C SER B 194 5.74 -2.43 18.62
N LEU B 195 6.52 -1.35 18.75
CA LEU B 195 6.85 -0.49 17.58
C LEU B 195 7.69 -1.32 16.60
N ILE B 196 8.62 -2.13 17.11
CA ILE B 196 9.50 -2.98 16.26
C ILE B 196 8.65 -4.04 15.57
N GLU B 197 7.68 -4.64 16.27
CA GLU B 197 6.91 -5.77 15.67
C GLU B 197 6.11 -5.29 14.47
N GLY B 198 6.08 -6.10 13.40
CA GLY B 198 5.35 -5.73 12.16
C GLY B 198 6.24 -5.03 11.14
N ARG B 199 7.47 -4.68 11.52
CA ARG B 199 8.42 -4.02 10.58
C ARG B 199 8.97 -5.05 9.60
N ARG B 200 9.48 -4.60 8.45
CA ARG B 200 10.07 -5.50 7.43
C ARG B 200 11.51 -5.88 7.81
N GLY B 201 11.91 -7.11 7.51
CA GLY B 201 13.31 -7.55 7.72
C GLY B 201 13.80 -7.42 9.14
N LEU B 202 12.94 -7.72 10.13
CA LEU B 202 13.39 -7.69 11.54
C LEU B 202 14.43 -8.79 11.75
N ARG B 203 15.55 -8.47 12.40
CA ARG B 203 16.61 -9.48 12.69
C ARG B 203 16.89 -9.43 14.19
N ARG B 204 16.77 -10.56 14.89
CA ARG B 204 17.15 -10.58 16.32
C ARG B 204 18.67 -10.76 16.37
N ARG B 205 19.35 -9.95 17.18
CA ARG B 205 20.83 -10.01 17.27
C ARG B 205 21.22 -10.27 18.72
N PRO B 206 22.36 -10.94 19.02
CA PRO B 206 22.71 -11.26 20.39
C PRO B 206 23.06 -10.00 21.18
N LEU B 207 22.85 -10.02 22.50
CA LEU B 207 23.09 -8.82 23.37
C LEU B 207 24.57 -8.45 23.39
N TRP B 208 25.47 -9.42 23.22
CA TRP B 208 26.94 -9.13 23.30
C TRP B 208 27.36 -8.13 22.22
N GLU B 209 26.69 -8.15 21.06
CA GLU B 209 27.04 -7.25 19.92
C GLU B 209 26.82 -5.77 20.26
N PHE B 210 25.95 -5.46 21.23
CA PHE B 210 25.60 -4.04 21.53
C PHE B 210 26.49 -3.39 22.59
N GLU B 211 27.56 -4.05 23.07
CA GLU B 211 28.38 -3.48 24.18
C GLU B 211 29.06 -2.17 23.74
N ILE B 212 29.11 -1.16 24.61
CA ILE B 212 29.69 0.19 24.25
C ILE B 212 31.20 0.12 23.98
N ASP B 213 31.97 -0.59 24.80
CA ASP B 213 33.45 -0.60 24.64
C ASP B 213 33.82 -1.26 23.30
N THR B 214 33.16 -2.38 22.96
CA THR B 214 33.42 -3.07 21.67
C THR B 214 33.01 -2.16 20.51
N ALA B 215 31.87 -1.47 20.65
CA ALA B 215 31.37 -0.58 19.57
C ALA B 215 32.37 0.55 19.34
N ARG B 216 32.91 1.14 20.41
CA ARG B 216 33.82 2.31 20.24
C ARG B 216 35.08 1.89 19.49
N GLN B 217 35.66 0.74 19.83
CA GLN B 217 36.91 0.28 19.17
C GLN B 217 36.66 0.03 17.69
N GLN B 218 35.57 -0.66 17.35
CA GLN B 218 35.25 -0.98 15.93
C GLN B 218 34.96 0.31 15.15
N LEU B 219 34.16 1.21 15.72
CA LEU B 219 33.79 2.45 14.99
C LEU B 219 35.05 3.28 14.77
N ASN B 220 35.92 3.37 15.78
CA ASN B 220 37.14 4.20 15.66
C ASN B 220 38.03 3.64 14.54
N LEU B 221 38.14 2.32 14.43
CA LEU B 221 39.01 1.69 13.39
C LEU B 221 38.48 1.99 11.98
N GLN B 222 37.17 1.89 11.76
CA GLN B 222 36.59 2.11 10.41
C GLN B 222 36.84 3.56 9.99
N PHE B 223 36.63 4.51 10.90
CA PHE B 223 36.79 5.95 10.57
C PHE B 223 38.26 6.34 10.60
N GLY B 224 39.11 5.49 11.20
CA GLY B 224 40.55 5.78 11.28
C GLY B 224 40.88 6.88 12.28
N THR B 225 39.94 7.23 13.17
CA THR B 225 40.14 8.34 14.13
C THR B 225 40.39 7.75 15.52
N ARG B 226 41.33 8.33 16.28
CA ARG B 226 41.64 7.85 17.66
C ARG B 226 40.42 8.05 18.57
N ASP B 227 39.71 9.17 18.42
CA ASP B 227 38.49 9.45 19.24
C ASP B 227 37.38 9.96 18.31
N LEU B 228 36.12 9.91 18.74
CA LEU B 228 34.98 10.30 17.85
C LEU B 228 34.58 11.74 18.15
N VAL B 229 35.45 12.50 18.83
CA VAL B 229 35.15 13.92 19.20
C VAL B 229 34.93 14.75 17.92
N GLY B 230 35.71 14.49 16.86
CA GLY B 230 35.61 15.30 15.64
C GLY B 230 34.24 15.17 15.00
N PHE B 231 33.70 13.94 14.98
CA PHE B 231 32.33 13.70 14.45
C PHE B 231 31.32 14.39 15.37
N GLY B 232 31.61 14.44 16.68
CA GLY B 232 30.65 15.02 17.65
C GLY B 232 29.74 13.96 18.24
N VAL B 233 30.03 12.68 17.99
CA VAL B 233 29.19 11.55 18.50
C VAL B 233 29.82 10.93 19.76
N GLU B 234 30.89 11.53 20.29
CA GLU B 234 31.66 10.93 21.43
C GLU B 234 30.81 10.81 22.71
N ASN B 235 29.97 11.80 23.02
CA ASN B 235 29.23 11.82 24.31
C ASN B 235 27.85 11.16 24.23
N ALA B 236 27.51 10.48 23.12
CA ALA B 236 26.22 9.75 23.02
C ALA B 236 26.46 8.24 23.24
N PRO B 237 26.29 7.67 24.45
CA PRO B 237 26.58 6.25 24.66
C PRO B 237 25.62 5.26 23.98
N ARG B 238 24.31 5.49 24.10
CA ARG B 238 23.30 4.54 23.55
C ARG B 238 23.39 4.46 22.02
N GLY B 239 23.54 5.61 21.37
CA GLY B 239 23.64 5.63 19.91
C GLY B 239 24.85 4.87 19.45
N LEU B 240 25.99 5.06 20.13
CA LEU B 240 27.27 4.41 19.71
C LEU B 240 27.13 2.88 19.82
N CYS B 241 26.41 2.39 20.82
CA CYS B 241 26.20 0.92 20.98
C CYS B 241 25.47 0.37 19.76
N ALA B 242 24.40 1.03 19.29
CA ALA B 242 23.64 0.60 18.09
C ALA B 242 24.53 0.65 16.85
N ALA B 243 25.35 1.71 16.72
CA ALA B 243 26.25 1.86 15.56
C ALA B 243 27.29 0.74 15.51
N GLY B 244 27.80 0.31 16.67
CA GLY B 244 28.78 -0.79 16.70
C GLY B 244 28.19 -2.07 16.15
N CYS B 245 26.94 -2.40 16.51
CA CYS B 245 26.26 -3.60 15.95
C CYS B 245 26.05 -3.42 14.45
N LEU B 246 25.63 -2.24 14.01
CA LEU B 246 25.32 -1.99 12.58
C LEU B 246 26.59 -2.15 11.73
N LEU B 247 27.72 -1.59 12.19
CA LEU B 247 28.99 -1.65 11.42
C LEU B 247 29.47 -3.10 11.37
N GLN B 248 29.38 -3.83 12.49
CA GLN B 248 29.84 -5.24 12.54
C GLN B 248 29.01 -6.12 11.61
N TYR B 249 27.68 -5.94 11.60
CA TYR B 249 26.79 -6.72 10.69
C TYR B 249 27.10 -6.37 9.24
N ALA B 250 27.33 -5.09 8.95
CA ALA B 250 27.63 -4.65 7.57
C ALA B 250 28.95 -5.23 7.09
N LYS B 251 29.98 -5.26 7.93
CA LYS B 251 31.29 -5.84 7.54
C LYS B 251 31.12 -7.35 7.30
N ASP B 252 30.37 -8.03 8.19
CA ASP B 252 30.10 -9.48 8.04
C ASP B 252 29.26 -9.79 6.80
N THR B 253 28.21 -8.99 6.54
CA THR B 253 27.29 -9.24 5.40
C THR B 253 28.03 -9.07 4.08
N GLN B 254 28.89 -8.05 3.96
CA GLN B 254 29.63 -7.79 2.69
C GLN B 254 30.91 -8.61 2.64
N ARG B 255 31.38 -9.14 3.77
CA ARG B 255 32.59 -10.01 3.85
C ARG B 255 33.82 -9.26 3.33
N THR B 256 33.85 -7.94 3.48
CA THR B 256 35.00 -7.12 3.00
C THR B 256 35.04 -5.81 3.80
N THR B 257 36.19 -5.13 3.82
CA THR B 257 36.29 -3.81 4.49
C THR B 257 35.42 -2.83 3.68
N LEU B 258 34.71 -1.92 4.35
CA LEU B 258 33.81 -0.99 3.63
C LEU B 258 34.47 0.39 3.57
N PRO B 259 35.20 0.76 2.49
CA PRO B 259 35.90 2.04 2.46
C PRO B 259 34.91 3.21 2.31
N HIS B 260 33.71 2.94 1.79
CA HIS B 260 32.70 3.99 1.56
C HIS B 260 32.29 4.67 2.86
N ILE B 261 32.25 3.93 3.98
CA ILE B 261 31.82 4.51 5.30
C ILE B 261 33.03 5.20 5.94
N ARG B 262 32.97 6.54 6.06
CA ARG B 262 34.12 7.30 6.62
C ARG B 262 33.66 8.36 7.64
N SER B 263 32.36 8.45 7.92
CA SER B 263 31.84 9.45 8.90
C SER B 263 30.66 8.89 9.70
N ILE B 264 30.43 9.43 10.91
CA ILE B 264 29.28 8.99 11.78
C ILE B 264 28.59 10.26 12.31
N THR B 265 27.88 10.98 11.44
CA THR B 265 27.19 12.22 11.85
C THR B 265 26.09 11.88 12.86
N MET B 266 25.82 12.77 13.82
CA MET B 266 24.72 12.54 14.80
C MET B 266 23.55 13.47 14.49
N GLU B 267 22.34 12.93 14.37
CA GLU B 267 21.12 13.76 14.13
C GLU B 267 20.53 14.14 15.49
N ARG B 268 20.17 15.40 15.68
CA ARG B 268 19.61 15.89 16.97
C ARG B 268 18.24 16.51 16.72
N GLU B 269 17.37 16.53 17.73
CA GLU B 269 15.98 17.06 17.57
C GLU B 269 16.01 18.53 17.18
N GLN B 270 16.94 19.30 17.75
CA GLN B 270 17.06 20.75 17.47
C GLN B 270 17.41 21.00 15.99
N ASP B 271 18.21 20.12 15.37
CA ASP B 271 18.68 20.29 13.97
C ASP B 271 17.54 20.30 12.94
N SER B 272 16.49 19.48 13.10
CA SER B 272 15.43 19.38 12.06
C SER B 272 14.02 19.62 12.62
N ILE B 273 13.08 20.08 11.77
CA ILE B 273 11.68 20.24 12.24
C ILE B 273 11.14 18.82 12.46
N ILE B 274 10.54 18.57 13.61
CA ILE B 274 10.06 17.20 13.96
C ILE B 274 8.66 17.03 13.35
N MET B 275 8.40 15.90 12.71
CA MET B 275 7.05 15.60 12.19
C MET B 275 6.71 14.18 12.61
N ASP B 276 5.53 13.96 13.19
CA ASP B 276 5.10 12.59 13.61
C ASP B 276 4.69 11.80 12.37
N ALA B 277 4.48 10.50 12.49
CA ALA B 277 4.15 9.66 11.31
C ALA B 277 2.84 10.15 10.68
N ALA B 278 1.85 10.50 11.49
CA ALA B 278 0.53 10.95 10.99
C ALA B 278 0.65 12.25 10.17
N THR B 279 1.42 13.23 10.64
CA THR B 279 1.53 14.55 9.94
C THR B 279 2.17 14.32 8.58
N ARG B 280 3.16 13.43 8.50
CA ARG B 280 3.86 13.19 7.22
C ARG B 280 2.85 12.66 6.21
N ARG B 281 2.00 11.71 6.61
CA ARG B 281 0.96 11.12 5.72
C ARG B 281 -0.14 12.13 5.39
N ASN B 282 -0.60 12.92 6.36
CA ASN B 282 -1.72 13.88 6.16
C ASN B 282 -1.31 14.96 5.16
N LEU B 283 -0.05 15.43 5.22
CA LEU B 283 0.42 16.51 4.33
C LEU B 283 0.85 15.92 2.97
N GLU B 284 0.88 14.59 2.84
CA GLU B 284 1.19 13.92 1.54
C GLU B 284 2.55 14.36 1.00
N ILE B 285 3.58 14.38 1.85
CA ILE B 285 4.94 14.84 1.43
C ILE B 285 5.51 13.93 0.34
N THR B 286 5.44 12.60 0.50
CA THR B 286 5.99 11.63 -0.50
C THR B 286 4.96 10.58 -0.93
N GLN B 287 4.03 10.19 -0.04
CA GLN B 287 3.03 9.14 -0.34
C GLN B 287 1.62 9.69 -0.10
N ASN B 288 0.69 9.49 -1.04
CA ASN B 288 -0.70 10.02 -0.90
C ASN B 288 -1.45 9.20 0.13
N LEU B 289 -2.59 9.68 0.61
CA LEU B 289 -3.34 9.00 1.71
C LEU B 289 -3.77 7.58 1.28
N ALA B 290 -4.12 7.38 0.01
CA ALA B 290 -4.46 6.02 -0.49
C ALA B 290 -3.24 5.09 -0.42
N GLY B 291 -2.04 5.58 -0.74
CA GLY B 291 -0.82 4.73 -0.75
C GLY B 291 0.01 4.86 -2.02
N GLY B 292 -0.50 5.53 -3.04
CA GLY B 292 0.24 5.77 -4.30
C GLY B 292 1.19 6.95 -4.20
N ALA B 293 2.06 7.14 -5.20
CA ALA B 293 3.00 8.30 -5.21
C ALA B 293 2.43 9.47 -6.01
N GLU B 294 1.24 9.31 -6.62
CA GLU B 294 0.62 10.38 -7.44
C GLU B 294 0.04 11.48 -6.55
N ASN B 295 -0.04 12.71 -7.05
CA ASN B 295 -0.65 13.85 -6.29
C ASN B 295 0.00 14.01 -4.93
N THR B 296 1.33 14.03 -4.87
CA THR B 296 2.09 14.26 -3.60
C THR B 296 3.00 15.47 -3.83
N LEU B 297 3.44 16.12 -2.74
CA LEU B 297 4.30 17.33 -2.87
C LEU B 297 5.58 16.93 -3.59
N ALA B 298 6.09 15.73 -3.31
CA ALA B 298 7.31 15.26 -4.00
C ALA B 298 7.05 15.17 -5.50
N SER B 299 5.88 14.70 -5.93
CA SER B 299 5.56 14.60 -7.38
C SER B 299 5.56 15.97 -8.04
N VAL B 300 5.00 17.01 -7.40
CA VAL B 300 5.01 18.40 -7.95
C VAL B 300 6.45 18.96 -7.99
N LEU B 301 7.23 18.75 -6.93
CA LEU B 301 8.59 19.37 -6.85
C LEU B 301 9.68 18.49 -7.46
N ASP B 302 9.43 17.19 -7.68
CA ASP B 302 10.53 16.29 -8.15
C ASP B 302 10.51 16.09 -9.65
N CYS B 303 11.35 16.82 -10.38
CA CYS B 303 11.52 16.64 -11.84
C CYS B 303 13.02 16.47 -12.05
N THR B 304 13.75 15.98 -11.03
CA THR B 304 15.23 15.85 -11.09
C THR B 304 15.65 14.88 -12.19
N VAL B 305 16.65 15.27 -13.00
CA VAL B 305 17.15 14.42 -14.12
C VAL B 305 17.86 13.15 -13.62
N THR B 306 18.66 13.22 -12.57
CA THR B 306 19.47 12.06 -12.09
C THR B 306 18.74 11.35 -10.95
N PRO B 307 18.87 10.01 -10.77
CA PRO B 307 18.28 9.31 -9.63
C PRO B 307 18.80 9.81 -8.28
N MET B 308 20.08 10.18 -8.19
CA MET B 308 20.69 10.66 -6.93
C MET B 308 19.90 11.87 -6.47
N GLY B 309 19.51 12.73 -7.41
CA GLY B 309 18.74 13.93 -7.08
C GLY B 309 17.38 13.59 -6.52
N SER B 310 16.71 12.59 -7.11
CA SER B 310 15.34 12.22 -6.64
C SER B 310 15.42 11.73 -5.19
N ARG B 311 16.41 10.88 -4.89
CA ARG B 311 16.55 10.34 -3.52
C ARG B 311 16.92 11.48 -2.54
N MET B 312 17.82 12.38 -2.95
CA MET B 312 18.26 13.51 -2.07
C MET B 312 17.09 14.46 -1.79
N LEU B 313 16.28 14.79 -2.81
CA LEU B 313 15.14 15.73 -2.62
C LEU B 313 14.14 15.08 -1.66
N LYS B 314 13.88 13.78 -1.82
CA LYS B 314 12.91 13.09 -0.94
C LYS B 314 13.44 13.13 0.49
N ARG B 315 14.75 12.92 0.67
CA ARG B 315 15.38 12.95 2.01
C ARG B 315 15.25 14.35 2.62
N TRP B 316 15.46 15.41 1.83
CA TRP B 316 15.35 16.80 2.34
C TRP B 316 13.92 17.09 2.78
N LEU B 317 12.92 16.67 2.00
CA LEU B 317 11.49 16.97 2.31
C LEU B 317 11.10 16.28 3.61
N HIS B 318 11.57 15.04 3.82
CA HIS B 318 11.28 14.28 5.06
C HIS B 318 11.91 14.93 6.30
N MET B 319 13.14 15.46 6.16
CA MET B 319 13.87 16.05 7.32
C MET B 319 14.29 17.49 6.99
N PRO B 320 13.39 18.50 7.13
CA PRO B 320 13.75 19.89 6.86
C PRO B 320 14.82 20.39 7.84
N VAL B 321 15.69 21.31 7.42
CA VAL B 321 16.82 21.79 8.28
C VAL B 321 16.39 23.07 9.00
N ARG B 322 16.71 23.18 10.30
CA ARG B 322 16.38 24.40 11.09
C ARG B 322 17.62 25.28 11.24
N ASP B 323 18.72 24.96 10.54
CA ASP B 323 19.96 25.78 10.58
C ASP B 323 19.84 26.84 9.48
N THR B 324 19.76 28.12 9.86
CA THR B 324 19.52 29.21 8.88
C THR B 324 20.67 29.28 7.87
N ARG B 325 21.92 29.09 8.31
CA ARG B 325 23.07 29.26 7.39
C ARG B 325 22.94 28.26 6.22
N VAL B 326 22.58 27.00 6.50
CA VAL B 326 22.45 25.95 5.45
C VAL B 326 21.34 26.35 4.47
N LEU B 327 20.20 26.81 5.00
CA LEU B 327 19.04 27.19 4.13
C LEU B 327 19.38 28.40 3.27
N LEU B 328 20.07 29.41 3.83
CA LEU B 328 20.35 30.65 3.07
C LEU B 328 21.25 30.33 1.89
N GLU B 329 22.22 29.44 2.09
CA GLU B 329 23.12 29.03 0.99
C GLU B 329 22.29 28.35 -0.11
N ARG B 330 21.35 27.48 0.27
CA ARG B 330 20.51 26.75 -0.72
C ARG B 330 19.66 27.73 -1.51
N GLN B 331 19.08 28.74 -0.84
CA GLN B 331 18.25 29.76 -1.53
C GLN B 331 19.11 30.57 -2.49
N GLN B 332 20.33 30.93 -2.09
CA GLN B 332 21.24 31.71 -2.95
C GLN B 332 21.63 30.90 -4.18
N THR B 333 21.89 29.59 -4.02
CA THR B 333 22.22 28.72 -5.17
C THR B 333 21.03 28.65 -6.13
N ILE B 334 19.81 28.56 -5.59
CA ILE B 334 18.60 28.43 -6.46
C ILE B 334 18.48 29.71 -7.28
N GLY B 335 18.71 30.86 -6.66
CA GLY B 335 18.62 32.17 -7.36
C GLY B 335 19.70 32.32 -8.42
N ALA B 336 20.93 31.93 -8.09
CA ALA B 336 22.07 32.08 -9.02
C ALA B 336 21.90 31.18 -10.25
N LEU B 337 21.41 29.95 -10.07
CA LEU B 337 21.32 28.97 -11.19
C LEU B 337 19.98 29.05 -11.94
N GLN B 338 19.06 29.91 -11.49
CA GLN B 338 17.69 29.96 -12.10
C GLN B 338 17.80 30.35 -13.58
N ASP B 339 18.66 31.32 -13.92
CA ASP B 339 18.86 31.77 -15.33
C ASP B 339 19.47 30.66 -16.20
N PHE B 340 20.39 29.86 -15.65
CA PHE B 340 21.15 28.87 -16.47
C PHE B 340 20.61 27.43 -16.30
N THR B 341 19.41 27.25 -15.75
CA THR B 341 18.85 25.90 -15.49
C THR B 341 18.68 25.09 -16.78
N ALA B 342 18.24 25.73 -17.87
CA ALA B 342 17.97 24.99 -19.13
C ALA B 342 19.24 24.36 -19.68
N GLY B 343 20.38 25.05 -19.63
CA GLY B 343 21.66 24.48 -20.07
C GLY B 343 22.18 23.36 -19.18
N LEU B 344 22.08 23.51 -17.85
CA LEU B 344 22.59 22.52 -16.88
C LEU B 344 21.81 21.20 -16.88
N GLN B 345 20.48 21.23 -17.04
CA GLN B 345 19.66 20.00 -16.91
C GLN B 345 20.03 18.89 -17.91
N PRO B 346 20.24 19.15 -19.22
CA PRO B 346 20.66 18.09 -20.13
C PRO B 346 22.01 17.48 -19.74
N VAL B 347 22.97 18.31 -19.33
CA VAL B 347 24.33 17.82 -18.93
C VAL B 347 24.18 16.94 -17.68
N LEU B 348 23.35 17.36 -16.73
CA LEU B 348 23.18 16.61 -15.45
C LEU B 348 22.55 15.24 -15.75
N ARG B 349 21.62 15.18 -16.71
CA ARG B 349 20.92 13.91 -17.02
C ARG B 349 21.94 12.85 -17.44
N GLN B 350 22.95 13.25 -18.21
CA GLN B 350 23.99 12.29 -18.69
C GLN B 350 24.78 11.70 -17.52
N VAL B 351 25.03 12.49 -16.46
CA VAL B 351 25.89 12.02 -15.33
C VAL B 351 25.28 10.76 -14.70
N GLY B 352 23.96 10.72 -14.52
CA GLY B 352 23.30 9.50 -14.02
C GLY B 352 23.55 9.26 -12.54
N ASP B 353 23.36 8.03 -12.06
CA ASP B 353 23.50 7.69 -10.62
C ASP B 353 24.97 7.36 -10.28
N LEU B 354 25.80 8.39 -10.09
CA LEU B 354 27.23 8.18 -9.72
C LEU B 354 27.36 7.54 -8.33
N GLU B 355 26.48 7.88 -7.37
CA GLU B 355 26.65 7.41 -5.96
C GLU B 355 26.63 5.88 -5.90
N ARG B 356 25.66 5.24 -6.57
CA ARG B 356 25.56 3.75 -6.56
C ARG B 356 26.79 3.14 -7.23
N ILE B 357 27.24 3.72 -8.35
CA ILE B 357 28.39 3.15 -9.12
C ILE B 357 29.64 3.18 -8.22
N LEU B 358 29.84 4.27 -7.48
CA LEU B 358 31.03 4.41 -6.60
C LEU B 358 30.96 3.37 -5.48
N ALA B 359 29.76 3.03 -5.01
CA ALA B 359 29.60 2.00 -3.96
C ALA B 359 30.09 0.65 -4.47
N ARG B 360 29.73 0.30 -5.71
CA ARG B 360 30.17 -0.99 -6.30
C ARG B 360 31.70 -0.97 -6.44
N LEU B 361 32.27 0.18 -6.83
CA LEU B 361 33.75 0.31 -6.96
C LEU B 361 34.37 0.12 -5.57
N ALA B 362 33.76 0.69 -4.52
CA ALA B 362 34.27 0.61 -3.14
C ALA B 362 34.27 -0.83 -2.65
N LEU B 363 33.22 -1.60 -3.00
CA LEU B 363 33.11 -3.02 -2.56
C LEU B 363 33.83 -3.93 -3.58
N ARG B 364 34.36 -3.35 -4.66
CA ARG B 364 35.10 -4.12 -5.71
C ARG B 364 34.17 -5.17 -6.31
N THR B 365 32.88 -4.84 -6.47
CA THR B 365 31.88 -5.76 -7.07
C THR B 365 31.31 -5.15 -8.36
N ALA B 366 31.96 -4.15 -8.96
CA ALA B 366 31.40 -3.44 -10.14
C ALA B 366 31.43 -4.28 -11.41
N ARG B 367 30.54 -3.98 -12.36
CA ARG B 367 30.45 -4.70 -13.65
C ARG B 367 30.97 -3.78 -14.75
N PRO B 368 31.34 -4.26 -15.97
CA PRO B 368 31.95 -3.38 -16.96
C PRO B 368 31.06 -2.20 -17.36
N ARG B 369 29.74 -2.41 -17.45
CA ARG B 369 28.81 -1.32 -17.83
C ARG B 369 28.89 -0.19 -16.80
N ASP B 370 29.01 -0.52 -15.51
CA ASP B 370 29.07 0.52 -14.44
C ASP B 370 30.28 1.43 -14.65
N LEU B 371 31.45 0.86 -14.99
CA LEU B 371 32.67 1.67 -15.24
C LEU B 371 32.48 2.56 -16.47
N ALA B 372 31.80 2.06 -17.51
CA ALA B 372 31.51 2.89 -18.71
C ALA B 372 30.61 4.07 -18.32
N ARG B 373 29.62 3.85 -17.46
CA ARG B 373 28.74 4.96 -16.97
C ARG B 373 29.57 5.97 -16.19
N MET B 374 30.55 5.49 -15.40
CA MET B 374 31.45 6.40 -14.64
C MET B 374 32.25 7.24 -15.63
N ARG B 375 32.71 6.63 -16.73
CA ARG B 375 33.50 7.37 -17.76
C ARG B 375 32.62 8.44 -18.39
N HIS B 376 31.36 8.12 -18.67
CA HIS B 376 30.43 9.10 -19.31
C HIS B 376 30.26 10.30 -18.39
N ALA B 377 30.10 10.07 -17.08
CA ALA B 377 29.90 11.19 -16.12
C ALA B 377 31.12 12.09 -16.08
N PHE B 378 32.32 11.51 -16.09
CA PHE B 378 33.59 12.31 -16.06
C PHE B 378 33.70 13.15 -17.33
N GLN B 379 33.25 12.63 -18.48
CA GLN B 379 33.25 13.38 -19.76
C GLN B 379 32.34 14.60 -19.65
N GLN B 380 31.20 14.48 -18.95
CA GLN B 380 30.26 15.62 -18.71
C GLN B 380 30.83 16.67 -17.76
N LEU B 381 31.72 16.29 -16.83
CA LEU B 381 32.18 17.23 -15.76
C LEU B 381 32.82 18.50 -16.34
N PRO B 382 33.67 18.46 -17.39
CA PRO B 382 34.20 19.72 -17.94
C PRO B 382 33.11 20.69 -18.39
N GLU B 383 32.02 20.20 -19.01
CA GLU B 383 30.89 21.09 -19.43
C GLU B 383 30.23 21.72 -18.20
N LEU B 384 29.97 20.94 -17.14
CA LEU B 384 29.31 21.46 -15.92
C LEU B 384 30.21 22.52 -15.28
N ARG B 385 31.52 22.25 -15.22
CA ARG B 385 32.45 23.18 -14.55
C ARG B 385 32.45 24.53 -15.28
N ALA B 386 32.46 24.51 -16.62
CA ALA B 386 32.49 25.76 -17.42
C ALA B 386 31.22 26.58 -17.20
N GLN B 387 30.05 25.93 -17.22
CA GLN B 387 28.76 26.65 -17.04
C GLN B 387 28.69 27.27 -15.63
N LEU B 388 29.10 26.52 -14.61
CA LEU B 388 29.08 27.01 -13.20
C LEU B 388 30.10 28.14 -13.01
N GLU B 389 31.22 28.10 -13.74
CA GLU B 389 32.29 29.12 -13.57
C GLU B 389 31.77 30.51 -13.90
N THR B 390 30.94 30.63 -14.95
CA THR B 390 30.42 31.96 -15.37
C THR B 390 29.56 32.59 -14.27
N VAL B 391 28.69 31.81 -13.63
CA VAL B 391 27.76 32.35 -12.57
C VAL B 391 28.59 32.69 -11.33
N ASP B 392 28.33 33.83 -10.69
CA ASP B 392 29.17 34.27 -9.53
C ASP B 392 28.35 34.29 -8.24
N SER B 393 28.54 33.27 -7.39
CA SER B 393 27.89 33.23 -6.05
C SER B 393 28.80 32.32 -5.22
N ALA B 394 28.97 32.61 -3.94
CA ALA B 394 29.88 31.78 -3.10
C ALA B 394 29.40 30.32 -3.04
N PRO B 395 28.09 30.01 -2.87
CA PRO B 395 27.66 28.61 -2.86
C PRO B 395 27.91 27.87 -4.18
N VAL B 396 27.60 28.50 -5.33
CA VAL B 396 27.73 27.80 -6.64
C VAL B 396 29.20 27.48 -6.88
N GLN B 397 30.09 28.42 -6.55
CA GLN B 397 31.55 28.21 -6.75
C GLN B 397 32.05 27.07 -5.87
N ALA B 398 31.52 26.96 -4.64
CA ALA B 398 31.91 25.85 -3.73
C ALA B 398 31.48 24.49 -4.33
N LEU B 399 30.28 24.41 -4.90
CA LEU B 399 29.82 23.16 -5.55
C LEU B 399 30.73 22.87 -6.73
N ARG B 400 31.11 23.91 -7.49
CA ARG B 400 31.97 23.74 -8.70
C ARG B 400 33.33 23.19 -8.27
N GLU B 401 33.87 23.71 -7.17
CA GLU B 401 35.19 23.24 -6.65
C GLU B 401 35.07 21.78 -6.20
N LYS B 402 33.99 21.43 -5.50
CA LYS B 402 33.82 20.06 -4.96
C LYS B 402 33.69 19.03 -6.08
N MET B 403 32.94 19.34 -7.15
CA MET B 403 32.69 18.32 -8.20
C MET B 403 34.00 17.92 -8.86
N GLY B 404 34.90 18.87 -9.15
CA GLY B 404 36.23 18.50 -9.67
C GLY B 404 36.19 18.13 -11.14
N GLU B 405 37.35 17.78 -11.71
CA GLU B 405 37.43 17.41 -13.15
C GLU B 405 37.74 15.92 -13.34
N PHE B 406 38.49 15.30 -12.42
CA PHE B 406 38.88 13.87 -12.55
C PHE B 406 39.51 13.61 -13.91
N ALA B 407 40.45 14.46 -14.32
CA ALA B 407 41.09 14.32 -15.65
C ALA B 407 41.85 12.99 -15.74
N GLU B 408 42.56 12.60 -14.68
CA GLU B 408 43.36 11.36 -14.73
C GLU B 408 42.45 10.13 -14.87
N LEU B 409 41.35 10.07 -14.11
CA LEU B 409 40.47 8.87 -14.15
C LEU B 409 39.80 8.74 -15.52
N ARG B 410 39.35 9.86 -16.10
CA ARG B 410 38.63 9.77 -17.40
C ARG B 410 39.61 9.24 -18.44
N ASP B 411 40.88 9.68 -18.37
CA ASP B 411 41.90 9.21 -19.33
C ASP B 411 42.07 7.71 -19.20
N LEU B 412 42.16 7.20 -17.96
CA LEU B 412 42.35 5.74 -17.73
C LEU B 412 41.14 4.96 -18.23
N LEU B 413 39.92 5.42 -17.91
CA LEU B 413 38.71 4.66 -18.29
C LEU B 413 38.58 4.61 -19.81
N GLU B 414 38.84 5.73 -20.48
CA GLU B 414 38.69 5.79 -21.96
C GLU B 414 39.67 4.82 -22.62
N ARG B 415 40.93 4.83 -22.18
CA ARG B 415 41.95 3.90 -22.75
C ARG B 415 41.68 2.44 -22.39
N ALA B 416 41.39 2.15 -21.13
CA ALA B 416 41.22 0.75 -20.65
C ALA B 416 39.95 0.04 -21.12
N ILE B 417 38.78 0.71 -21.13
CA ILE B 417 37.49 0.00 -21.41
C ILE B 417 36.98 0.33 -22.82
N ILE B 418 36.28 -0.61 -23.48
CA ILE B 418 35.70 -0.38 -24.85
C ILE B 418 34.50 0.56 -24.74
N ASP B 419 34.08 1.16 -25.86
CA ASP B 419 32.98 2.16 -25.86
C ASP B 419 31.67 1.56 -25.34
N THR B 420 31.38 0.32 -25.72
CA THR B 420 30.12 -0.36 -25.29
C THR B 420 30.49 -1.70 -24.66
N PRO B 421 30.90 -1.77 -23.38
CA PRO B 421 31.38 -3.04 -22.81
C PRO B 421 30.27 -4.07 -22.57
N PRO B 422 30.60 -5.38 -22.45
CA PRO B 422 29.59 -6.42 -22.19
C PRO B 422 29.06 -6.33 -20.75
N VAL B 423 27.91 -6.94 -20.49
CA VAL B 423 27.27 -6.88 -19.14
C VAL B 423 28.20 -7.53 -18.09
N LEU B 424 28.91 -8.62 -18.45
CA LEU B 424 29.77 -9.34 -17.46
C LEU B 424 31.22 -9.40 -17.95
N VAL B 425 32.19 -9.38 -17.02
CA VAL B 425 33.64 -9.40 -17.37
C VAL B 425 34.03 -10.72 -18.04
N ARG B 426 33.46 -11.84 -17.60
CA ARG B 426 33.87 -13.19 -18.13
C ARG B 426 33.61 -13.29 -19.63
N ASP B 427 32.61 -12.56 -20.12
CA ASP B 427 32.25 -12.60 -21.57
C ASP B 427 33.48 -12.20 -22.37
N GLY B 428 34.24 -11.24 -21.86
CA GLY B 428 35.46 -10.78 -22.56
C GLY B 428 35.18 -9.59 -23.45
N GLY B 429 36.23 -8.92 -23.94
CA GLY B 429 36.05 -7.70 -24.76
C GLY B 429 35.89 -6.47 -23.89
N VAL B 430 35.98 -6.63 -22.57
CA VAL B 430 35.88 -5.47 -21.64
C VAL B 430 37.06 -4.53 -21.85
N ILE B 431 38.28 -5.08 -21.97
CA ILE B 431 39.50 -4.22 -22.11
C ILE B 431 39.69 -3.84 -23.57
N ALA B 432 39.84 -2.54 -23.87
CA ALA B 432 40.06 -2.07 -25.25
C ALA B 432 41.50 -2.32 -25.66
N SER B 433 41.76 -2.42 -26.96
CA SER B 433 43.13 -2.70 -27.48
C SER B 433 44.07 -1.56 -27.13
N GLY B 434 45.33 -1.88 -26.81
CA GLY B 434 46.35 -0.85 -26.53
C GLY B 434 46.51 -0.54 -25.05
N TYR B 435 45.56 -0.96 -24.21
CA TYR B 435 45.75 -0.77 -22.75
C TYR B 435 46.94 -1.63 -22.32
N ASN B 436 47.03 -2.86 -22.80
CA ASN B 436 48.19 -3.75 -22.52
C ASN B 436 48.62 -4.37 -23.85
N GLU B 437 49.88 -4.21 -24.24
CA GLU B 437 50.39 -4.76 -25.52
C GLU B 437 50.31 -6.29 -25.47
N GLU B 438 50.67 -6.86 -24.33
CA GLU B 438 50.70 -8.35 -24.19
C GLU B 438 49.30 -8.91 -24.38
N LEU B 439 48.27 -8.27 -23.79
CA LEU B 439 46.87 -8.77 -23.89
C LEU B 439 46.47 -8.72 -25.36
N ASP B 440 46.83 -7.65 -26.06
CA ASP B 440 46.46 -7.50 -27.50
C ASP B 440 47.16 -8.59 -28.31
N GLU B 441 48.44 -8.86 -28.02
CA GLU B 441 49.21 -9.87 -28.77
C GLU B 441 48.60 -11.26 -28.59
N TRP B 442 48.22 -11.60 -27.36
CA TRP B 442 47.64 -12.94 -27.07
C TRP B 442 46.31 -13.07 -27.83
N ARG B 443 45.49 -12.02 -27.79
CA ARG B 443 44.16 -12.06 -28.46
C ARG B 443 44.37 -12.16 -29.97
N ALA B 444 45.33 -11.42 -30.51
CA ALA B 444 45.59 -11.42 -31.96
C ALA B 444 46.03 -12.81 -32.41
N LEU B 445 46.88 -13.47 -31.61
CA LEU B 445 47.38 -14.83 -31.97
C LEU B 445 46.20 -15.80 -32.02
N ALA B 446 45.27 -15.69 -31.07
CA ALA B 446 44.11 -16.60 -31.02
C ALA B 446 43.25 -16.40 -32.27
N ASP B 447 42.99 -15.13 -32.64
CA ASP B 447 42.18 -14.84 -33.86
C ASP B 447 42.94 -15.30 -35.10
N GLY B 448 44.25 -15.03 -35.16
CA GLY B 448 45.06 -15.41 -36.34
C GLY B 448 45.19 -16.91 -36.51
N LYS B 518 46.85 -24.24 -30.14
CA LYS B 518 47.40 -22.99 -29.59
C LYS B 518 46.28 -21.96 -29.43
N VAL B 519 45.24 -22.03 -30.29
CA VAL B 519 44.15 -21.02 -30.26
C VAL B 519 43.42 -21.10 -28.92
N LEU B 520 43.16 -22.31 -28.43
CA LEU B 520 42.49 -22.48 -27.11
C LEU B 520 43.41 -21.96 -26.00
N THR B 521 44.71 -22.23 -26.09
CA THR B 521 45.70 -21.74 -25.08
C THR B 521 45.74 -20.21 -25.10
N SER B 522 45.77 -19.61 -26.30
CA SER B 522 45.81 -18.13 -26.43
C SER B 522 44.50 -17.51 -25.93
N LYS B 523 43.37 -18.13 -26.24
CA LYS B 523 42.07 -17.60 -25.76
C LYS B 523 42.06 -17.69 -24.24
N GLY B 524 42.48 -18.82 -23.68
CA GLY B 524 42.45 -18.99 -22.22
C GLY B 524 43.35 -18.00 -21.53
N LYS B 525 44.55 -17.80 -22.08
CA LYS B 525 45.51 -16.83 -21.49
C LYS B 525 44.92 -15.42 -21.60
N ALA B 526 44.30 -15.11 -22.74
CA ALA B 526 43.74 -13.76 -22.98
C ALA B 526 42.62 -13.47 -21.97
N LEU B 527 41.73 -14.44 -21.75
CA LEU B 527 40.60 -14.24 -20.81
C LEU B 527 41.15 -14.00 -19.41
N ALA B 528 42.18 -14.76 -19.03
CA ALA B 528 42.81 -14.61 -17.70
C ALA B 528 43.47 -13.23 -17.56
N LEU B 529 44.20 -12.79 -18.59
CA LEU B 529 44.91 -11.49 -18.55
C LEU B 529 43.90 -10.34 -18.52
N GLU B 530 42.81 -10.46 -19.27
CA GLU B 530 41.77 -9.40 -19.33
C GLU B 530 41.15 -9.23 -17.94
N LYS B 531 40.87 -10.36 -17.27
CA LYS B 531 40.29 -10.31 -15.90
C LYS B 531 41.28 -9.65 -14.93
N GLN B 532 42.56 -10.00 -15.03
CA GLN B 532 43.61 -9.44 -14.12
C GLN B 532 43.73 -7.93 -14.33
N LEU B 533 43.68 -7.46 -15.59
CA LEU B 533 43.76 -6.00 -15.89
C LEU B 533 42.55 -5.30 -15.30
N TYR B 534 41.36 -5.92 -15.36
CA TYR B 534 40.12 -5.29 -14.84
C TYR B 534 40.27 -5.08 -13.33
N GLU B 535 40.85 -6.03 -12.61
CA GLU B 535 41.09 -5.88 -11.15
C GLU B 535 42.05 -4.71 -10.89
N GLU B 536 43.08 -4.57 -11.72
CA GLU B 536 44.06 -3.45 -11.57
C GLU B 536 43.35 -2.11 -11.75
N LEU B 537 42.37 -2.03 -12.65
CA LEU B 537 41.62 -0.76 -12.88
C LEU B 537 40.90 -0.36 -11.59
N PHE B 538 40.34 -1.33 -10.85
CA PHE B 538 39.66 -1.01 -9.57
C PHE B 538 40.70 -0.39 -8.62
N ASP B 539 41.91 -0.95 -8.60
CA ASP B 539 42.97 -0.46 -7.69
C ASP B 539 43.36 0.98 -8.05
N LEU B 540 43.46 1.31 -9.34
CA LEU B 540 43.83 2.68 -9.79
C LEU B 540 42.71 3.68 -9.44
N LEU B 541 41.45 3.32 -9.65
CA LEU B 541 40.28 4.20 -9.35
C LEU B 541 40.04 4.38 -7.83
N LEU B 542 40.29 3.35 -7.01
CA LEU B 542 39.96 3.39 -5.55
C LEU B 542 40.68 4.45 -4.70
N PRO B 543 41.96 4.83 -4.86
CA PRO B 543 42.58 5.85 -4.01
C PRO B 543 41.85 7.19 -4.11
N HIS B 544 41.16 7.45 -5.24
CA HIS B 544 40.42 8.72 -5.48
C HIS B 544 38.98 8.60 -4.97
N LEU B 545 38.63 7.50 -4.29
CA LEU B 545 37.22 7.27 -3.86
C LEU B 545 36.78 8.43 -2.96
N GLU B 546 37.68 8.94 -2.11
CA GLU B 546 37.25 10.00 -1.16
C GLU B 546 36.78 11.20 -1.96
N ALA B 547 37.54 11.61 -2.98
CA ALA B 547 37.16 12.76 -3.83
C ALA B 547 35.92 12.43 -4.67
N LEU B 548 35.83 11.22 -5.21
CA LEU B 548 34.71 10.84 -6.09
C LEU B 548 33.39 10.89 -5.31
N GLN B 549 33.41 10.41 -4.06
CA GLN B 549 32.20 10.42 -3.20
C GLN B 549 31.79 11.88 -2.94
N GLN B 550 32.76 12.76 -2.72
CA GLN B 550 32.45 14.20 -2.50
C GLN B 550 31.81 14.75 -3.78
N SER B 551 32.32 14.37 -4.94
CA SER B 551 31.78 14.85 -6.24
C SER B 551 30.34 14.36 -6.47
N ALA B 552 30.05 13.10 -6.13
CA ALA B 552 28.70 12.54 -6.33
C ALA B 552 27.69 13.32 -5.49
N SER B 553 28.05 13.67 -4.25
CA SER B 553 27.16 14.50 -3.39
C SER B 553 26.97 15.89 -4.00
N ALA B 554 28.05 16.49 -4.52
CA ALA B 554 27.96 17.83 -5.15
C ALA B 554 27.05 17.80 -6.38
N LEU B 555 27.21 16.78 -7.24
CA LEU B 555 26.39 16.67 -8.48
C LEU B 555 24.93 16.44 -8.10
N ALA B 556 24.66 15.61 -7.10
CA ALA B 556 23.27 15.37 -6.63
C ALA B 556 22.68 16.66 -6.08
N GLU B 557 23.48 17.41 -5.30
CA GLU B 557 23.00 18.69 -4.72
C GLU B 557 22.68 19.68 -5.84
N LEU B 558 23.54 19.72 -6.87
CA LEU B 558 23.31 20.64 -8.01
C LEU B 558 22.04 20.21 -8.72
N ASP B 559 21.80 18.90 -8.85
CA ASP B 559 20.60 18.39 -9.56
C ASP B 559 19.34 18.82 -8.80
N VAL B 560 19.33 18.66 -7.47
CA VAL B 560 18.15 19.05 -6.66
C VAL B 560 17.97 20.57 -6.74
N LEU B 561 19.04 21.34 -6.58
CA LEU B 561 18.93 22.83 -6.57
C LEU B 561 18.55 23.34 -7.97
N VAL B 562 19.12 22.76 -9.04
CA VAL B 562 18.74 23.16 -10.43
C VAL B 562 17.26 22.80 -10.66
N ASN B 563 16.82 21.62 -10.19
CA ASN B 563 15.42 21.19 -10.37
C ASN B 563 14.49 22.14 -9.61
N LEU B 564 14.84 22.51 -8.38
CA LEU B 564 14.02 23.46 -7.59
C LEU B 564 14.00 24.82 -8.28
N ALA B 565 15.14 25.27 -8.84
CA ALA B 565 15.19 26.56 -9.57
C ALA B 565 14.33 26.53 -10.83
N GLU B 566 14.38 25.43 -11.60
CA GLU B 566 13.53 25.29 -12.82
C GLU B 566 12.06 25.26 -12.40
N ARG B 567 11.75 24.54 -11.32
CA ARG B 567 10.35 24.43 -10.81
C ARG B 567 9.90 25.82 -10.36
N ALA B 568 10.78 26.60 -9.72
CA ALA B 568 10.40 27.93 -9.21
C ALA B 568 10.00 28.83 -10.38
N TYR B 569 10.76 28.80 -11.49
CA TYR B 569 10.46 29.64 -12.66
C TYR B 569 9.13 29.23 -13.30
N THR B 570 8.91 27.92 -13.48
CA THR B 570 7.68 27.40 -14.14
C THR B 570 6.43 27.61 -13.27
N LEU B 571 6.55 27.39 -11.96
CA LEU B 571 5.36 27.45 -11.05
C LEU B 571 5.26 28.81 -10.33
N ASN B 572 6.14 29.77 -10.63
CA ASN B 572 6.06 31.15 -10.06
C ASN B 572 6.32 31.23 -8.55
N TYR B 573 7.13 30.33 -7.98
CA TYR B 573 7.48 30.37 -6.54
C TYR B 573 8.42 31.55 -6.25
N THR B 574 8.45 32.07 -5.02
CA THR B 574 9.35 33.20 -4.62
C THR B 574 10.12 32.86 -3.35
N CYS B 575 11.28 33.46 -3.12
CA CYS B 575 12.16 33.10 -1.95
C CYS B 575 11.57 33.54 -0.61
N PRO B 576 11.59 32.71 0.46
CA PRO B 576 11.15 33.14 1.78
C PRO B 576 12.26 33.84 2.58
N THR B 577 11.92 34.53 3.67
CA THR B 577 12.91 35.22 4.55
C THR B 577 12.68 34.73 5.99
N PHE B 578 13.68 34.84 6.88
CA PHE B 578 13.56 34.27 8.25
C PHE B 578 13.51 35.36 9.33
N ILE B 579 12.74 35.15 10.40
CA ILE B 579 12.55 36.17 11.48
C ILE B 579 12.98 35.55 12.82
N ASP B 580 13.49 36.34 13.76
CA ASP B 580 14.03 35.82 15.05
C ASP B 580 12.96 35.20 15.96
N LYS B 581 11.77 35.80 16.08
CA LYS B 581 10.73 35.32 17.03
C LYS B 581 9.69 34.49 16.29
N PRO B 582 8.96 33.56 16.93
CA PRO B 582 8.06 32.69 16.18
C PRO B 582 6.91 33.44 15.50
N GLY B 583 6.73 33.23 14.19
CA GLY B 583 5.59 33.83 13.45
C GLY B 583 5.51 33.24 12.06
N ILE B 584 4.35 33.33 11.39
CA ILE B 584 4.23 32.92 9.96
C ILE B 584 3.49 34.07 9.27
N ARG B 585 4.09 34.70 8.26
CA ARG B 585 3.37 35.75 7.49
C ARG B 585 3.42 35.34 6.01
N ILE B 586 2.26 35.17 5.35
CA ILE B 586 2.23 34.70 3.95
C ILE B 586 1.34 35.66 3.15
N THR B 587 1.78 36.06 1.96
CA THR B 587 0.97 36.95 1.09
C THR B 587 0.68 36.19 -0.21
N GLU B 588 -0.58 36.10 -0.62
CA GLU B 588 -0.98 35.38 -1.86
C GLU B 588 -0.44 33.95 -1.84
N GLY B 589 -0.58 33.24 -0.72
CA GLY B 589 -0.14 31.83 -0.63
C GLY B 589 -1.07 30.90 -1.38
N ARG B 590 -0.53 29.85 -2.01
CA ARG B 590 -1.37 28.84 -2.73
C ARG B 590 -0.83 27.43 -2.41
N HIS B 591 -1.72 26.45 -2.24
CA HIS B 591 -1.30 25.06 -1.90
C HIS B 591 -0.49 24.53 -3.07
N PRO B 592 0.73 23.96 -2.88
CA PRO B 592 1.51 23.53 -4.02
C PRO B 592 0.88 22.44 -4.92
N VAL B 593 0.37 21.33 -4.35
CA VAL B 593 -0.20 20.20 -5.15
C VAL B 593 -1.55 20.54 -5.79
N VAL B 594 -2.46 21.17 -5.03
CA VAL B 594 -3.84 21.47 -5.55
C VAL B 594 -3.75 22.44 -6.72
N GLU B 595 -2.82 23.40 -6.65
CA GLU B 595 -2.72 24.43 -7.71
C GLU B 595 -2.43 23.75 -9.05
N GLN B 596 -1.48 22.80 -9.06
CA GLN B 596 -1.10 22.10 -10.32
C GLN B 596 -2.21 21.15 -10.80
N VAL B 597 -2.77 20.31 -9.92
CA VAL B 597 -3.78 19.27 -10.30
C VAL B 597 -5.11 19.91 -10.73
N LEU B 598 -5.55 20.97 -10.06
CA LEU B 598 -6.88 21.58 -10.34
C LEU B 598 -6.78 22.42 -11.62
N ASN B 599 -7.62 22.12 -12.62
CA ASN B 599 -7.67 22.92 -13.87
C ASN B 599 -8.23 24.31 -13.58
N GLU B 600 -9.23 24.41 -12.69
CA GLU B 600 -9.86 25.70 -12.32
C GLU B 600 -8.83 26.60 -11.61
N PRO B 601 -8.89 27.93 -11.72
CA PRO B 601 -7.86 28.79 -11.14
C PRO B 601 -7.84 28.70 -9.60
N PHE B 602 -6.65 28.61 -9.00
CA PHE B 602 -6.55 28.63 -7.52
C PHE B 602 -6.73 30.08 -7.05
N ILE B 603 -7.49 30.29 -5.97
CA ILE B 603 -7.67 31.64 -5.39
C ILE B 603 -6.72 31.72 -4.20
N ALA B 604 -5.65 32.54 -4.30
CA ALA B 604 -4.62 32.62 -3.23
C ALA B 604 -5.19 33.31 -1.99
N ASN B 605 -4.69 32.97 -0.80
CA ASN B 605 -5.21 33.54 0.47
C ASN B 605 -4.05 34.03 1.34
N PRO B 606 -4.24 35.06 2.20
CA PRO B 606 -3.17 35.52 3.10
C PRO B 606 -3.26 35.01 4.55
N LEU B 607 -2.13 34.67 5.19
CA LEU B 607 -2.12 34.22 6.61
C LEU B 607 -1.17 35.08 7.45
N ASN B 608 -1.60 35.55 8.63
CA ASN B 608 -0.66 36.24 9.55
C ASN B 608 -0.82 35.58 10.92
N LEU B 609 0.23 34.93 11.43
CA LEU B 609 0.20 34.33 12.80
C LEU B 609 1.39 34.95 13.55
N SER B 610 1.16 35.46 14.76
CA SER B 610 2.21 36.18 15.51
C SER B 610 2.06 35.81 16.98
N PRO B 611 3.01 36.15 17.89
CA PRO B 611 2.79 35.89 19.31
C PRO B 611 1.53 36.69 19.71
N GLN B 612 1.28 37.85 19.10
CA GLN B 612 0.04 38.66 19.33
C GLN B 612 -1.22 37.93 18.84
N ARG B 613 -1.15 37.19 17.71
CA ARG B 613 -2.31 36.42 17.17
C ARG B 613 -1.88 34.96 17.05
N ARG B 614 -1.77 34.27 18.19
CA ARG B 614 -1.25 32.88 18.20
C ARG B 614 -2.19 31.91 17.48
N MET B 615 -3.51 32.03 17.67
CA MET B 615 -4.45 31.03 17.13
C MET B 615 -5.49 31.65 16.19
N LEU B 616 -5.77 31.00 15.07
CA LEU B 616 -6.84 31.47 14.15
C LEU B 616 -7.87 30.34 14.07
N ILE B 617 -9.14 30.62 14.39
CA ILE B 617 -10.22 29.59 14.32
C ILE B 617 -10.91 29.78 12.98
N ILE B 618 -10.77 28.81 12.07
CA ILE B 618 -11.34 28.95 10.68
C ILE B 618 -12.72 28.30 10.67
N THR B 619 -13.77 29.10 10.44
CA THR B 619 -15.16 28.57 10.34
C THR B 619 -15.64 28.90 8.93
N GLY B 620 -16.16 27.94 8.17
CA GLY B 620 -16.50 28.23 6.76
C GLY B 620 -17.52 27.29 6.17
N PRO B 621 -18.06 27.60 4.97
CA PRO B 621 -18.99 26.73 4.30
C PRO B 621 -18.27 25.42 4.01
N ASN B 622 -18.99 24.32 4.09
CA ASN B 622 -18.39 23.00 3.77
C ASN B 622 -17.94 23.07 2.32
N MET B 623 -16.82 22.43 1.95
CA MET B 623 -16.22 22.54 0.58
C MET B 623 -15.85 24.00 0.29
N GLY B 624 -15.43 24.75 1.32
CA GLY B 624 -15.06 26.17 1.15
C GLY B 624 -13.56 26.36 1.16
N GLY B 625 -12.79 25.33 1.48
CA GLY B 625 -11.32 25.48 1.37
C GLY B 625 -10.55 25.56 2.68
N LYS B 626 -11.18 25.26 3.82
CA LYS B 626 -10.51 25.39 5.15
C LYS B 626 -9.32 24.44 5.28
N SER B 627 -9.50 23.18 4.90
CA SER B 627 -8.41 22.19 5.03
C SER B 627 -7.25 22.58 4.12
N THR B 628 -7.54 23.03 2.90
CA THR B 628 -6.49 23.48 1.96
C THR B 628 -5.76 24.68 2.55
N TYR B 629 -6.50 25.61 3.18
CA TYR B 629 -5.87 26.80 3.79
C TYR B 629 -4.91 26.37 4.90
N MET B 630 -5.32 25.39 5.71
CA MET B 630 -4.44 24.94 6.81
C MET B 630 -3.22 24.19 6.27
N ARG B 631 -3.45 23.30 5.29
CA ARG B 631 -2.35 22.46 4.73
C ARG B 631 -1.38 23.31 3.91
N GLN B 632 -1.87 24.36 3.25
CA GLN B 632 -1.00 25.27 2.46
C GLN B 632 0.01 25.89 3.42
N THR B 633 -0.40 26.23 4.64
CA THR B 633 0.54 26.83 5.64
C THR B 633 1.64 25.83 5.99
N ALA B 634 1.30 24.56 6.24
CA ALA B 634 2.31 23.55 6.59
C ALA B 634 3.26 23.27 5.43
N LEU B 635 2.70 23.11 4.22
CA LEU B 635 3.53 22.79 3.02
C LEU B 635 4.43 23.98 2.69
N ILE B 636 3.93 25.21 2.81
CA ILE B 636 4.76 26.43 2.58
C ILE B 636 5.88 26.47 3.63
N ALA B 637 5.58 26.18 4.90
CA ALA B 637 6.59 26.17 5.98
C ALA B 637 7.64 25.08 5.75
N LEU B 638 7.21 23.88 5.35
CA LEU B 638 8.15 22.77 5.07
C LEU B 638 9.03 23.16 3.87
N MET B 639 8.43 23.73 2.82
CA MET B 639 9.19 24.08 1.60
C MET B 639 10.20 25.18 1.94
N ALA B 640 9.82 26.12 2.80
CA ALA B 640 10.74 27.22 3.21
C ALA B 640 11.93 26.65 3.97
N TYR B 641 11.71 25.64 4.81
CA TYR B 641 12.79 25.11 5.68
C TYR B 641 13.59 24.01 4.98
N ILE B 642 13.25 23.66 3.74
CA ILE B 642 14.09 22.70 2.95
C ILE B 642 14.99 23.53 2.04
N GLY B 643 14.94 24.86 2.14
CA GLY B 643 15.78 25.76 1.33
C GLY B 643 15.16 26.10 -0.01
N SER B 644 13.97 25.55 -0.28
CA SER B 644 13.30 25.77 -1.59
C SER B 644 12.51 27.07 -1.59
N TYR B 645 12.22 27.60 -2.78
CA TYR B 645 11.39 28.82 -2.88
C TYR B 645 9.97 28.43 -2.49
N VAL B 646 9.18 29.36 -1.96
CA VAL B 646 7.83 29.04 -1.42
C VAL B 646 6.76 29.41 -2.45
N PRO B 647 5.62 28.69 -2.56
CA PRO B 647 4.56 29.10 -3.48
C PRO B 647 3.69 30.24 -2.94
N ALA B 648 4.24 31.46 -2.87
CA ALA B 648 3.50 32.67 -2.42
C ALA B 648 4.26 33.89 -2.93
N GLN B 649 3.61 35.06 -2.99
CA GLN B 649 4.30 36.33 -3.41
C GLN B 649 5.38 36.71 -2.38
N LYS B 650 5.09 36.61 -1.08
CA LYS B 650 6.11 36.89 -0.03
C LYS B 650 5.82 36.04 1.20
N VAL B 651 6.84 35.51 1.87
CA VAL B 651 6.66 34.73 3.13
C VAL B 651 7.74 35.09 4.14
N GLU B 652 7.38 35.35 5.40
CA GLU B 652 8.39 35.56 6.47
C GLU B 652 8.11 34.47 7.50
N ILE B 653 9.03 33.54 7.73
CA ILE B 653 8.75 32.36 8.61
C ILE B 653 9.74 32.34 9.78
N GLY B 654 9.24 32.31 11.02
CA GLY B 654 10.08 32.27 12.22
C GLY B 654 10.39 30.85 12.62
N PRO B 655 11.16 30.59 13.70
CA PRO B 655 11.55 29.21 14.01
C PRO B 655 10.34 28.29 14.21
N ILE B 656 10.33 27.11 13.57
CA ILE B 656 9.22 26.11 13.73
C ILE B 656 9.88 24.86 14.30
N ASP B 657 9.69 24.57 15.59
CA ASP B 657 10.29 23.38 16.25
C ASP B 657 9.68 22.08 15.74
N ARG B 658 8.35 22.05 15.59
CA ARG B 658 7.65 20.80 15.20
C ARG B 658 6.38 21.19 14.46
N ILE B 659 5.88 20.34 13.55
CA ILE B 659 4.57 20.60 12.87
C ILE B 659 3.63 19.45 13.24
N PHE B 660 2.49 19.75 13.85
CA PHE B 660 1.53 18.70 14.27
C PHE B 660 0.26 18.86 13.45
N THR B 661 -0.23 17.78 12.83
CA THR B 661 -1.48 17.84 12.03
C THR B 661 -2.47 16.80 12.53
N ARG B 662 -3.64 17.21 13.03
CA ARG B 662 -4.70 16.24 13.39
C ARG B 662 -5.73 16.35 12.27
N VAL B 663 -5.77 15.38 11.36
CA VAL B 663 -6.69 15.44 10.19
C VAL B 663 -7.38 14.08 10.06
N GLY B 664 -8.71 14.08 9.88
CA GLY B 664 -9.41 12.80 9.60
C GLY B 664 -9.69 11.95 10.81
N ALA B 665 -10.19 10.72 10.60
CA ALA B 665 -10.45 9.77 11.70
C ALA B 665 -10.24 8.35 11.15
N ALA B 666 -9.79 7.40 11.98
CA ALA B 666 -9.48 6.03 11.50
C ALA B 666 -9.78 5.00 12.60
N ASP B 667 -10.04 3.74 12.24
CA ASP B 667 -10.39 2.69 13.23
C ASP B 667 -9.39 1.53 13.11
N ASP B 668 -8.86 1.02 14.23
CA ASP B 668 -7.96 -0.17 14.23
C ASP B 668 -8.55 -1.15 15.24
N LEU B 669 -9.61 -1.88 14.84
CA LEU B 669 -10.34 -2.75 15.79
C LEU B 669 -9.44 -3.84 16.35
N ALA B 670 -8.56 -4.41 15.54
CA ALA B 670 -7.65 -5.48 16.01
C ALA B 670 -6.73 -4.93 17.10
N SER B 671 -6.23 -3.69 16.96
CA SER B 671 -5.30 -3.09 17.94
C SER B 671 -6.00 -2.68 19.24
N GLY B 672 -7.34 -2.68 19.25
CA GLY B 672 -8.10 -2.22 20.44
C GLY B 672 -8.27 -0.72 20.47
N ARG B 673 -8.10 -0.06 19.32
CA ARG B 673 -8.18 1.42 19.25
C ARG B 673 -9.45 1.83 18.49
N SER B 674 -10.37 2.54 19.14
CA SER B 674 -11.61 3.04 18.51
C SER B 674 -11.28 4.32 17.75
N THR B 675 -12.23 4.82 16.95
CA THR B 675 -12.00 6.07 16.17
C THR B 675 -11.77 7.25 17.12
N PHE B 676 -12.55 7.37 18.20
CA PHE B 676 -12.33 8.47 19.19
C PHE B 676 -10.98 8.29 19.88
N MET B 677 -10.61 7.05 20.24
CA MET B 677 -9.32 6.80 20.93
C MET B 677 -8.15 7.21 20.03
N VAL B 678 -8.22 6.87 18.73
CA VAL B 678 -7.10 7.21 17.80
C VAL B 678 -7.00 8.73 17.72
N GLU B 679 -8.14 9.42 17.61
CA GLU B 679 -8.16 10.91 17.56
C GLU B 679 -7.65 11.49 18.88
N MET B 680 -8.10 10.95 20.01
CA MET B 680 -7.70 11.50 21.34
C MET B 680 -6.22 11.29 21.64
N THR B 681 -5.64 10.15 21.26
CA THR B 681 -4.19 9.96 21.47
C THR B 681 -3.43 10.99 20.66
N GLU B 682 -3.87 11.25 19.41
CA GLU B 682 -3.22 12.28 18.57
C GLU B 682 -3.37 13.66 19.22
N THR B 683 -4.56 13.96 19.77
CA THR B 683 -4.79 15.26 20.47
C THR B 683 -3.92 15.34 21.73
N ALA B 684 -3.79 14.22 22.47
CA ALA B 684 -2.95 14.19 23.69
C ALA B 684 -1.49 14.42 23.32
N ASN B 685 -1.03 13.86 22.20
CA ASN B 685 0.37 14.03 21.76
C ASN B 685 0.62 15.51 21.50
N ILE B 686 -0.34 16.19 20.86
CA ILE B 686 -0.20 17.65 20.57
C ILE B 686 -0.12 18.40 21.89
N LEU B 687 -0.99 18.09 22.85
CA LEU B 687 -1.03 18.85 24.13
C LEU B 687 0.23 18.63 24.98
N HIS B 688 0.69 17.37 25.11
CA HIS B 688 1.92 17.06 25.89
C HIS B 688 3.21 17.53 25.23
N ASN B 689 3.34 17.38 23.90
CA ASN B 689 4.63 17.66 23.22
C ASN B 689 4.73 19.04 22.58
N ALA B 690 3.65 19.84 22.52
CA ALA B 690 3.70 21.14 21.81
C ALA B 690 4.55 22.16 22.56
N THR B 691 5.20 23.07 21.83
CA THR B 691 6.09 24.10 22.42
C THR B 691 5.70 25.43 21.79
N GLU B 692 6.22 26.55 22.29
CA GLU B 692 5.84 27.89 21.77
C GLU B 692 6.23 27.97 20.29
N TYR B 693 7.39 27.42 19.92
CA TYR B 693 7.88 27.43 18.53
C TYR B 693 7.02 26.59 17.58
N SER B 694 6.41 25.50 18.05
CA SER B 694 5.70 24.52 17.16
C SER B 694 4.46 25.08 16.47
N LEU B 695 4.12 24.54 15.28
CA LEU B 695 2.88 24.93 14.55
C LEU B 695 1.90 23.76 14.69
N VAL B 696 0.69 24.01 15.21
CA VAL B 696 -0.31 22.93 15.44
C VAL B 696 -1.50 23.18 14.51
N LEU B 697 -1.73 22.28 13.55
CA LEU B 697 -2.93 22.40 12.65
C LEU B 697 -3.93 21.34 13.08
N MET B 698 -5.13 21.74 13.52
CA MET B 698 -6.13 20.76 14.03
C MET B 698 -7.40 20.87 13.18
N ASP B 699 -7.92 19.74 12.69
CA ASP B 699 -9.10 19.78 11.77
C ASP B 699 -10.30 19.10 12.43
N GLU B 700 -11.37 19.86 12.68
CA GLU B 700 -12.63 19.28 13.20
C GLU B 700 -12.37 18.42 14.44
N ILE B 701 -11.62 18.92 15.41
CA ILE B 701 -11.38 18.18 16.69
C ILE B 701 -12.70 18.10 17.45
N GLY B 702 -12.90 17.02 18.21
CA GLY B 702 -14.13 16.87 19.02
C GLY B 702 -15.25 16.13 18.29
N ARG B 703 -15.05 15.75 17.04
CA ARG B 703 -16.07 14.90 16.34
C ARG B 703 -15.82 13.44 16.72
N GLY B 704 -16.78 12.54 16.48
CA GLY B 704 -16.66 11.14 16.91
C GLY B 704 -17.27 10.94 18.28
N THR B 705 -17.85 11.98 18.87
CA THR B 705 -18.49 11.91 20.22
C THR B 705 -19.72 12.81 20.21
N SER B 706 -20.51 12.80 21.28
CA SER B 706 -21.75 13.61 21.33
C SER B 706 -21.37 15.09 21.20
N THR B 707 -22.27 15.94 20.71
CA THR B 707 -21.91 17.35 20.44
C THR B 707 -21.43 18.06 21.71
N TYR B 708 -22.12 17.88 22.84
CA TYR B 708 -21.75 18.60 24.08
C TYR B 708 -20.36 18.15 24.56
N ASP B 709 -20.09 16.84 24.53
CA ASP B 709 -18.76 16.33 24.94
C ASP B 709 -17.69 16.82 23.98
N GLY B 710 -17.98 16.83 22.68
CA GLY B 710 -17.02 17.30 21.67
C GLY B 710 -16.69 18.78 21.80
N LEU B 711 -17.71 19.63 21.98
CA LEU B 711 -17.50 21.10 22.11
C LEU B 711 -16.72 21.37 23.39
N SER B 712 -17.06 20.68 24.48
CA SER B 712 -16.39 20.93 25.78
C SER B 712 -14.91 20.57 25.69
N LEU B 713 -14.59 19.43 25.09
CA LEU B 713 -13.17 19.00 24.93
C LEU B 713 -12.46 19.94 23.96
N ALA B 714 -13.14 20.37 22.88
CA ALA B 714 -12.54 21.29 21.90
C ALA B 714 -12.23 22.64 22.55
N TRP B 715 -13.13 23.15 23.40
CA TRP B 715 -12.92 24.45 24.09
C TRP B 715 -11.72 24.33 25.02
N ALA B 716 -11.62 23.24 25.78
CA ALA B 716 -10.52 23.06 26.74
C ALA B 716 -9.19 22.91 26.01
N CYS B 717 -9.17 22.12 24.94
CA CYS B 717 -7.93 21.90 24.15
C CYS B 717 -7.50 23.22 23.50
N ALA B 718 -8.45 23.99 22.99
CA ALA B 718 -8.14 25.30 22.37
C ALA B 718 -7.60 26.25 23.43
N GLU B 719 -8.23 26.27 24.61
CA GLU B 719 -7.79 27.16 25.70
C GLU B 719 -6.39 26.77 26.17
N ASN B 720 -6.11 25.45 26.28
CA ASN B 720 -4.78 24.98 26.73
C ASN B 720 -3.71 25.36 25.70
N LEU B 721 -4.00 25.19 24.41
CA LEU B 721 -3.00 25.50 23.35
C LEU B 721 -2.73 27.00 23.30
N ALA B 722 -3.77 27.84 23.32
CA ALA B 722 -3.61 29.30 23.24
C ALA B 722 -3.07 29.93 24.53
N ASN B 723 -3.57 29.52 25.68
CA ASN B 723 -3.19 30.18 26.97
C ASN B 723 -1.93 29.61 27.61
N LYS B 724 -1.79 28.28 27.67
CA LYS B 724 -0.63 27.67 28.40
C LYS B 724 0.51 27.28 27.46
N ILE B 725 0.24 26.49 26.42
CA ILE B 725 1.29 26.08 25.45
C ILE B 725 1.75 27.30 24.65
N LYS B 726 0.81 28.18 24.29
CA LYS B 726 1.12 29.41 23.51
C LYS B 726 1.77 29.06 22.17
N ALA B 727 1.34 27.96 21.54
CA ALA B 727 1.87 27.55 20.22
C ALA B 727 1.14 28.32 19.12
N LEU B 728 1.74 28.45 17.94
CA LEU B 728 1.05 29.07 16.79
C LEU B 728 0.15 27.97 16.24
N THR B 729 -1.18 28.18 16.17
CA THR B 729 -2.08 27.06 15.77
C THR B 729 -3.17 27.49 14.80
N LEU B 730 -3.64 26.59 13.94
CA LEU B 730 -4.80 26.87 13.05
C LEU B 730 -5.85 25.81 13.39
N PHE B 731 -7.05 26.23 13.77
CA PHE B 731 -8.09 25.27 14.23
C PHE B 731 -9.29 25.41 13.27
N ALA B 732 -9.71 24.33 12.61
CA ALA B 732 -10.88 24.38 11.70
C ALA B 732 -12.06 23.74 12.44
N THR B 733 -13.17 24.45 12.56
CA THR B 733 -14.30 23.94 13.37
C THR B 733 -15.64 24.23 12.70
N HIS B 734 -16.60 23.30 12.77
CA HIS B 734 -17.99 23.57 12.30
C HIS B 734 -18.82 23.88 13.54
N TYR B 735 -18.21 23.80 14.73
CA TYR B 735 -18.91 24.18 15.98
C TYR B 735 -18.75 25.69 16.09
N PHE B 736 -19.82 26.43 15.80
CA PHE B 736 -19.74 27.91 15.78
C PHE B 736 -19.80 28.47 17.20
N GLU B 737 -20.05 27.61 18.19
CA GLU B 737 -20.01 28.05 19.60
C GLU B 737 -18.57 28.45 19.93
N LEU B 738 -17.59 27.74 19.36
CA LEU B 738 -16.14 27.99 19.63
C LEU B 738 -15.72 29.34 19.01
N THR B 739 -16.55 29.91 18.14
CA THR B 739 -16.25 31.20 17.46
C THR B 739 -16.16 32.33 18.50
N GLN B 740 -16.74 32.15 19.69
CA GLN B 740 -16.77 33.21 20.74
C GLN B 740 -15.53 33.15 21.64
N LEU B 741 -14.60 32.23 21.39
CA LEU B 741 -13.34 32.15 22.18
C LEU B 741 -12.55 33.47 22.09
N PRO B 742 -12.43 34.19 20.95
CA PRO B 742 -11.61 35.39 20.89
C PRO B 742 -12.05 36.46 21.90
N GLU B 743 -13.36 36.63 22.10
CA GLU B 743 -13.87 37.64 23.08
C GLU B 743 -13.40 37.27 24.49
N LYS B 744 -13.50 35.99 24.87
CA LYS B 744 -13.09 35.51 26.21
C LYS B 744 -11.56 35.55 26.39
N MET B 745 -10.78 35.16 25.37
CA MET B 745 -9.30 35.02 25.54
C MET B 745 -8.53 35.82 24.49
N GLU B 746 -7.48 36.52 24.91
CA GLU B 746 -6.64 37.32 23.98
C GLU B 746 -5.63 36.41 23.27
N GLY B 747 -5.22 36.78 22.06
CA GLY B 747 -4.27 35.96 21.28
C GLY B 747 -4.97 35.01 20.35
N VAL B 748 -6.30 35.04 20.31
CA VAL B 748 -7.09 34.16 19.40
C VAL B 748 -7.92 35.07 18.50
N ALA B 749 -7.97 34.80 17.19
CA ALA B 749 -8.77 35.60 16.24
C ALA B 749 -9.59 34.64 15.39
N ASN B 750 -10.65 35.11 14.76
CA ASN B 750 -11.52 34.23 13.92
C ASN B 750 -11.39 34.67 12.45
N VAL B 751 -11.13 33.72 11.55
CA VAL B 751 -11.04 34.01 10.09
C VAL B 751 -12.09 33.11 9.43
N HIS B 752 -12.75 33.57 8.36
CA HIS B 752 -13.85 32.76 7.77
C HIS B 752 -13.72 32.68 6.25
N LEU B 753 -13.77 31.47 5.69
CA LEU B 753 -13.84 31.34 4.21
C LEU B 753 -15.31 31.56 3.89
N ASP B 754 -15.66 32.02 2.69
CA ASP B 754 -17.08 32.39 2.41
C ASP B 754 -17.59 31.76 1.12
N ALA B 755 -18.91 31.53 1.02
CA ALA B 755 -19.52 31.02 -0.22
C ALA B 755 -20.86 31.73 -0.43
N LEU B 756 -21.30 31.87 -1.68
CA LEU B 756 -22.57 32.58 -1.99
C LEU B 756 -23.61 31.53 -2.36
N GLU B 757 -24.81 31.61 -1.78
CA GLU B 757 -25.89 30.63 -2.08
C GLU B 757 -26.80 31.25 -3.16
N HIS B 758 -27.00 30.55 -4.28
CA HIS B 758 -27.83 31.06 -5.40
C HIS B 758 -28.83 30.00 -5.85
N GLY B 759 -30.14 30.28 -5.78
CA GLY B 759 -31.15 29.33 -6.30
C GLY B 759 -31.00 27.95 -5.67
N ASP B 760 -30.75 27.88 -4.35
CA ASP B 760 -30.54 26.59 -3.64
C ASP B 760 -29.33 25.86 -4.23
N THR B 761 -28.30 26.60 -4.68
CA THR B 761 -27.04 26.00 -5.18
C THR B 761 -25.94 26.78 -4.46
N ILE B 762 -24.71 26.25 -4.41
CA ILE B 762 -23.64 26.94 -3.64
C ILE B 762 -22.47 27.27 -4.59
N ALA B 763 -21.94 28.50 -4.51
CA ALA B 763 -20.76 28.92 -5.30
C ALA B 763 -19.69 29.27 -4.29
N PHE B 764 -18.49 28.71 -4.42
CA PHE B 764 -17.45 28.90 -3.37
C PHE B 764 -16.42 29.95 -3.80
N MET B 765 -16.33 31.05 -3.06
CA MET B 765 -15.33 32.12 -3.35
C MET B 765 -13.91 31.60 -3.07
N HIS B 766 -13.73 30.79 -2.02
CA HIS B 766 -12.39 30.28 -1.61
C HIS B 766 -11.47 31.44 -1.19
N SER B 767 -12.03 32.52 -0.63
CA SER B 767 -11.24 33.71 -0.20
C SER B 767 -11.30 33.87 1.32
N VAL B 768 -10.15 34.01 1.99
CA VAL B 768 -10.13 34.07 3.49
C VAL B 768 -10.35 35.53 3.91
N GLN B 769 -11.44 35.81 4.63
CA GLN B 769 -11.77 37.19 5.05
C GLN B 769 -11.94 37.17 6.57
N ASP B 770 -11.37 38.15 7.29
CA ASP B 770 -11.42 38.14 8.77
C ASP B 770 -12.88 38.24 9.22
N GLY B 771 -13.27 37.52 10.27
CA GLY B 771 -14.68 37.48 10.71
C GLY B 771 -15.06 36.05 11.06
N ALA B 772 -16.36 35.71 11.07
CA ALA B 772 -16.80 34.32 11.33
C ALA B 772 -17.97 33.96 10.42
N ALA B 773 -18.20 32.67 10.18
CA ALA B 773 -19.34 32.21 9.35
C ALA B 773 -20.30 31.40 10.22
N SER B 774 -21.60 31.73 10.21
CA SER B 774 -22.59 31.02 11.06
C SER B 774 -23.38 29.95 10.28
N LYS B 775 -23.13 29.79 8.97
CA LYS B 775 -23.83 28.75 8.16
C LYS B 775 -22.80 27.82 7.50
N SER B 776 -23.01 26.50 7.59
CA SER B 776 -22.08 25.50 7.01
C SER B 776 -22.53 25.04 5.61
N TYR B 777 -23.77 25.34 5.22
CA TYR B 777 -24.30 24.97 3.88
C TYR B 777 -24.15 23.47 3.63
N GLY B 778 -24.38 22.66 4.65
CA GLY B 778 -24.21 21.20 4.52
C GLY B 778 -25.16 20.54 3.54
N LEU B 779 -26.42 20.96 3.55
CA LEU B 779 -27.44 20.34 2.65
C LEU B 779 -27.06 20.60 1.19
N ALA B 780 -26.53 21.80 0.89
CA ALA B 780 -26.13 22.16 -0.50
C ALA B 780 -24.99 21.26 -0.99
N VAL B 781 -23.98 21.00 -0.16
CA VAL B 781 -22.85 20.10 -0.54
C VAL B 781 -23.38 18.68 -0.74
N ALA B 782 -24.34 18.26 0.08
CA ALA B 782 -24.95 16.92 -0.07
C ALA B 782 -25.67 16.81 -1.41
N ALA B 783 -26.41 17.84 -1.82
CA ALA B 783 -27.12 17.84 -3.12
C ALA B 783 -26.12 17.77 -4.26
N LEU B 784 -25.01 18.51 -4.15
CA LEU B 784 -23.93 18.50 -5.17
C LEU B 784 -23.30 17.11 -5.23
N ALA B 785 -23.17 16.43 -4.09
CA ALA B 785 -22.59 15.06 -4.02
C ALA B 785 -23.46 14.04 -4.76
N GLY B 786 -24.77 14.29 -4.79
CA GLY B 786 -25.68 13.35 -5.46
C GLY B 786 -26.67 12.68 -4.52
N VAL B 787 -26.77 13.17 -3.27
CA VAL B 787 -27.79 12.62 -2.33
C VAL B 787 -29.13 12.83 -3.02
N PRO B 788 -30.10 11.89 -2.98
CA PRO B 788 -31.33 12.03 -3.76
C PRO B 788 -32.09 13.30 -3.39
N LYS B 789 -32.74 13.93 -4.36
CA LYS B 789 -33.44 15.22 -4.13
C LYS B 789 -34.54 15.05 -3.07
N GLU B 790 -35.23 13.92 -3.04
CA GLU B 790 -36.29 13.67 -2.03
C GLU B 790 -35.69 13.71 -0.62
N VAL B 791 -34.53 13.08 -0.42
CA VAL B 791 -33.86 13.05 0.92
C VAL B 791 -33.48 14.48 1.32
N ILE B 792 -32.94 15.28 0.40
CA ILE B 792 -32.49 16.66 0.73
C ILE B 792 -33.70 17.50 1.12
N LYS B 793 -34.83 17.32 0.43
CA LYS B 793 -36.06 18.10 0.74
C LYS B 793 -36.58 17.78 2.14
N ARG B 794 -36.60 16.50 2.53
CA ARG B 794 -37.02 16.12 3.91
C ARG B 794 -36.01 16.67 4.93
N ALA B 795 -34.72 16.61 4.59
CA ALA B 795 -33.67 17.11 5.52
C ALA B 795 -33.87 18.62 5.74
N ARG B 796 -34.18 19.36 4.68
CA ARG B 796 -34.38 20.82 4.79
C ARG B 796 -35.58 21.08 5.68
N GLN B 797 -36.64 20.27 5.56
CA GLN B 797 -37.84 20.42 6.43
C GLN B 797 -37.43 20.20 7.89
N LYS B 798 -36.62 19.16 8.16
CA LYS B 798 -36.18 18.86 9.54
C LYS B 798 -35.31 20.02 10.07
N LEU B 799 -34.46 20.59 9.24
CA LEU B 799 -33.54 21.68 9.66
C LEU B 799 -34.37 22.89 10.08
N ARG B 800 -35.44 23.19 9.34
CA ARG B 800 -36.32 24.32 9.72
C ARG B 800 -36.92 24.02 11.09
N GLU B 801 -37.35 22.77 11.31
CA GLU B 801 -37.97 22.38 12.60
C GLU B 801 -36.97 22.50 13.75
N LEU B 802 -35.72 22.04 13.55
CA LEU B 802 -34.69 22.06 14.63
C LEU B 802 -34.31 23.50 14.98
N GLU B 803 -34.15 24.36 13.96
CA GLU B 803 -33.79 25.78 14.20
C GLU B 803 -34.96 26.50 14.88
N SER B 804 -36.19 26.16 14.49
CA SER B 804 -37.40 26.75 15.12
C SER B 804 -37.48 26.38 16.61
N ILE B 805 -37.08 25.16 16.97
CA ILE B 805 -37.15 24.67 18.39
C ILE B 805 -36.26 25.58 19.25
N SER B 806 -35.07 25.94 18.76
CA SER B 806 -34.13 26.80 19.51
C SER B 806 -34.32 28.26 19.10
#